data_4QG6
#
_entry.id   4QG6
#
_cell.length_a   124.455
_cell.length_b   124.455
_cell.length_c   257.049
_cell.angle_alpha   90.00
_cell.angle_beta   90.00
_cell.angle_gamma   120.00
#
_symmetry.space_group_name_H-M   'P 31'
#
loop_
_entity.id
_entity.type
_entity.pdbx_description
1 polymer 'Pyruvate kinase PKM'
2 non-polymer PROLINE
#
_entity_poly.entity_id   1
_entity_poly.type   'polypeptide(L)'
_entity_poly.pdbx_seq_one_letter_code
;GPGSMSKPHSEAGTAFIQTQQLHAAMADTFLEHMCRLDIDSPPITARNTGIICTIGPASRSVETLKEMIKSGMNVARLNF
SHGTHEYHAETIKNVRTATESFASDPILERPVAVALDTKGPEIRTGLIKGSGTAEVELKKGATLKITLDNAYMEKCDENI
LWLDYKNICKVVEVGSKIYVDDGLISLQVKQKGADFLVTEVENGGSLGSKKGVNLPGAAVDLPAVSEKDIQDLKFGVEQD
VDMVFASFIRKASDVHEVRKVLGEKGKNIKIISKIENHEGVRRFDEILEASDGIMVARGDLGIEIPAEKVFLAQKMMIGR
CNRAGKPVICATQMLESMIKKPRPTRAEGSDVANAVLDGADCIMLSGETAKGDYPLEAVRMQHLIAREAEAAIYHLQLFE
ELRRLAPITSDPTEATAVGAVEASFKCCSGAIIVLTKSGRSAHQVARYRPRAPIIAVTRNPQTARQAHLYRGIFPVLCKD
PVQEAWAEDVDLRVNFAMNVGKARGFFKKGDVVIVLTGWRPGSGFTNTMRVVPVP
;
_entity_poly.pdbx_strand_id   A,B,C,D
#
# COMPACT_ATOMS: atom_id res chain seq x y z
N ASP A 28 -6.80 8.07 -2.13
CA ASP A 28 -6.19 8.16 -0.81
C ASP A 28 -6.88 7.18 0.14
N THR A 29 -7.91 7.66 0.83
CA THR A 29 -8.64 6.83 1.80
C THR A 29 -10.16 6.89 1.63
N PHE A 30 -10.82 5.76 1.92
CA PHE A 30 -12.27 5.67 1.98
C PHE A 30 -12.79 6.82 2.83
N LEU A 31 -12.19 6.99 3.99
CA LEU A 31 -12.63 8.00 4.94
C LEU A 31 -12.46 9.40 4.38
N GLU A 32 -11.35 9.62 3.68
CA GLU A 32 -11.06 10.94 3.15
C GLU A 32 -12.09 11.29 2.06
N HIS A 33 -12.65 10.26 1.44
CA HIS A 33 -13.69 10.40 0.43
C HIS A 33 -14.92 11.00 1.06
N MET A 34 -15.53 10.23 1.97
CA MET A 34 -16.65 10.67 2.81
C MET A 34 -16.51 12.10 3.30
N CYS A 35 -15.36 12.45 3.86
CA CYS A 35 -15.12 13.81 4.34
C CYS A 35 -15.35 14.91 3.29
N ARG A 36 -15.11 14.56 2.03
CA ARG A 36 -15.09 15.56 0.96
C ARG A 36 -16.47 15.81 0.35
N LEU A 37 -17.38 14.86 0.56
CA LEU A 37 -18.76 14.89 0.04
C LEU A 37 -19.39 16.27 0.20
N ASP A 38 -20.11 16.72 -0.81
CA ASP A 38 -20.71 18.04 -0.75
C ASP A 38 -22.11 17.98 -1.33
N ILE A 39 -23.09 18.42 -0.55
CA ILE A 39 -24.47 18.41 -1.02
C ILE A 39 -24.84 19.73 -1.66
N ASP A 40 -23.84 20.52 -2.01
CA ASP A 40 -24.14 21.78 -2.67
C ASP A 40 -23.58 21.81 -4.09
N SER A 41 -22.72 20.85 -4.40
CA SER A 41 -22.18 20.71 -5.75
C SER A 41 -22.88 19.56 -6.47
N PRO A 42 -23.55 19.88 -7.58
CA PRO A 42 -24.43 18.99 -8.34
C PRO A 42 -23.68 17.73 -8.71
N PRO A 43 -24.38 16.60 -8.79
CA PRO A 43 -23.69 15.37 -9.18
C PRO A 43 -23.13 15.54 -10.58
N ILE A 44 -22.09 14.80 -10.91
CA ILE A 44 -21.43 15.02 -12.17
C ILE A 44 -21.40 13.72 -12.95
N THR A 45 -21.11 12.63 -12.26
CA THR A 45 -21.22 11.32 -12.90
C THR A 45 -22.69 11.00 -13.21
N ALA A 46 -22.91 10.19 -14.23
CA ALA A 46 -24.26 9.84 -14.64
C ALA A 46 -24.73 8.70 -13.76
N ARG A 47 -26.04 8.51 -13.66
CA ARG A 47 -26.54 7.37 -12.90
C ARG A 47 -26.05 6.10 -13.56
N ASN A 48 -25.56 5.16 -12.77
CA ASN A 48 -24.94 3.98 -13.33
C ASN A 48 -25.68 2.75 -12.89
N THR A 49 -26.77 2.97 -12.17
CA THR A 49 -27.56 1.88 -11.65
C THR A 49 -28.83 1.86 -12.47
N GLY A 50 -29.28 0.67 -12.86
CA GLY A 50 -30.36 0.61 -13.83
C GLY A 50 -31.73 0.60 -13.19
N ILE A 51 -32.59 1.56 -13.55
CA ILE A 51 -33.93 1.58 -12.98
C ILE A 51 -34.93 0.57 -13.58
N ILE A 52 -35.32 -0.46 -12.83
CA ILE A 52 -36.41 -1.34 -13.21
C ILE A 52 -37.75 -0.82 -12.62
N CYS A 53 -38.83 -0.87 -13.39
CA CYS A 53 -40.15 -0.49 -12.87
C CYS A 53 -41.17 -1.61 -13.04
N THR A 54 -42.05 -1.78 -12.06
CA THR A 54 -43.16 -2.71 -12.26
C THR A 54 -44.31 -1.95 -12.91
N ILE A 55 -44.74 -2.42 -14.08
CA ILE A 55 -45.81 -1.77 -14.84
C ILE A 55 -47.16 -2.35 -14.46
N GLY A 56 -48.15 -1.47 -14.36
CA GLY A 56 -49.49 -1.88 -14.00
C GLY A 56 -50.51 -0.78 -14.28
N PRO A 57 -51.74 -0.96 -13.77
CA PRO A 57 -52.88 -0.05 -13.88
C PRO A 57 -52.49 1.43 -13.85
N ALA A 58 -51.52 1.78 -13.01
CA ALA A 58 -51.14 3.18 -12.88
C ALA A 58 -50.32 3.64 -14.08
N SER A 59 -49.82 2.67 -14.84
CA SER A 59 -48.75 2.90 -15.80
C SER A 59 -48.80 2.05 -17.08
N ARG A 60 -49.87 1.27 -17.27
CA ARG A 60 -49.97 0.40 -18.45
C ARG A 60 -50.16 1.23 -19.71
N SER A 61 -50.50 2.50 -19.53
CA SER A 61 -50.75 3.41 -20.65
C SER A 61 -49.53 3.64 -21.52
N VAL A 62 -49.68 3.43 -22.82
CA VAL A 62 -48.64 3.83 -23.77
C VAL A 62 -48.28 5.29 -23.55
N GLU A 63 -49.28 6.15 -23.55
CA GLU A 63 -49.06 7.58 -23.37
C GLU A 63 -48.25 7.90 -22.12
N THR A 64 -48.38 7.06 -21.10
CA THR A 64 -47.69 7.25 -19.81
C THR A 64 -46.25 6.73 -19.88
N LEU A 65 -46.09 5.52 -20.44
CA LEU A 65 -44.79 4.90 -20.60
C LEU A 65 -43.83 5.76 -21.43
N LYS A 66 -44.38 6.63 -22.27
CA LYS A 66 -43.55 7.53 -23.05
C LYS A 66 -42.87 8.52 -22.12
N GLU A 67 -43.41 8.66 -20.92
CA GLU A 67 -42.82 9.56 -19.95
C GLU A 67 -41.97 8.81 -18.91
N MET A 68 -42.25 7.53 -18.74
CA MET A 68 -41.54 6.71 -17.78
C MET A 68 -40.15 6.24 -18.25
N ILE A 69 -39.95 6.07 -19.56
CA ILE A 69 -38.61 5.72 -20.06
C ILE A 69 -37.80 6.96 -20.41
N LYS A 70 -38.51 8.02 -20.78
CA LYS A 70 -37.91 9.32 -20.98
C LYS A 70 -37.39 9.81 -19.62
N SER A 71 -37.94 9.28 -18.54
CA SER A 71 -37.55 9.70 -17.19
C SER A 71 -36.65 8.72 -16.47
N GLY A 72 -36.39 7.57 -17.08
CA GLY A 72 -35.35 6.73 -16.54
C GLY A 72 -35.64 5.25 -16.46
N MET A 73 -36.84 4.83 -16.85
CA MET A 73 -37.06 3.38 -16.86
C MET A 73 -36.12 2.71 -17.88
N ASN A 74 -35.56 1.58 -17.49
CA ASN A 74 -34.61 0.82 -18.31
C ASN A 74 -35.01 -0.63 -18.35
N VAL A 75 -36.04 -0.96 -17.58
CA VAL A 75 -36.70 -2.25 -17.66
C VAL A 75 -38.13 -2.09 -17.17
N ALA A 76 -39.08 -2.53 -17.97
CA ALA A 76 -40.45 -2.61 -17.48
C ALA A 76 -40.72 -4.05 -17.03
N ARG A 77 -41.20 -4.17 -15.79
CA ARG A 77 -41.48 -5.48 -15.20
C ARG A 77 -42.97 -5.78 -15.13
N LEU A 78 -43.31 -7.00 -15.53
CA LEU A 78 -44.69 -7.47 -15.49
C LEU A 78 -44.85 -8.42 -14.30
N ASN A 79 -45.87 -8.12 -13.49
CA ASN A 79 -46.20 -8.92 -12.30
C ASN A 79 -47.23 -9.99 -12.64
N PHE A 80 -46.79 -11.22 -12.84
CA PHE A 80 -47.69 -12.26 -13.35
C PHE A 80 -48.67 -12.74 -12.29
N SER A 81 -48.37 -12.45 -11.03
CA SER A 81 -49.24 -12.82 -9.91
C SER A 81 -50.70 -12.44 -10.15
N HIS A 82 -50.94 -11.42 -10.98
CA HIS A 82 -52.30 -10.98 -11.28
C HIS A 82 -52.60 -10.88 -12.78
N GLY A 83 -52.71 -12.00 -13.50
CA GLY A 83 -53.04 -11.85 -14.91
C GLY A 83 -53.37 -13.05 -15.79
N THR A 84 -54.22 -12.78 -16.77
CA THR A 84 -54.43 -13.65 -17.92
C THR A 84 -53.52 -13.12 -19.03
N HIS A 85 -53.14 -13.95 -20.00
CA HIS A 85 -52.15 -13.51 -20.99
C HIS A 85 -52.57 -12.25 -21.75
N GLU A 86 -53.84 -12.15 -22.08
CA GLU A 86 -54.34 -11.02 -22.85
C GLU A 86 -54.14 -9.73 -22.05
N TYR A 87 -54.22 -9.83 -20.73
CA TYR A 87 -53.90 -8.75 -19.80
C TYR A 87 -52.48 -8.28 -20.08
N HIS A 88 -51.54 -9.22 -19.95
CA HIS A 88 -50.12 -8.96 -20.13
C HIS A 88 -49.75 -8.56 -21.55
N ALA A 89 -50.06 -9.45 -22.50
CA ALA A 89 -49.69 -9.26 -23.89
C ALA A 89 -50.03 -7.87 -24.38
N GLU A 90 -51.17 -7.34 -23.98
CA GLU A 90 -51.51 -5.98 -24.36
C GLU A 90 -50.53 -5.01 -23.73
N THR A 91 -50.23 -5.19 -22.44
CA THR A 91 -49.30 -4.31 -21.73
C THR A 91 -47.89 -4.34 -22.36
N ILE A 92 -47.34 -5.56 -22.53
CA ILE A 92 -46.11 -5.75 -23.27
C ILE A 92 -46.15 -4.93 -24.57
N LYS A 93 -47.22 -5.07 -25.35
CA LYS A 93 -47.36 -4.33 -26.59
C LYS A 93 -47.35 -2.81 -26.37
N ASN A 94 -47.97 -2.39 -25.26
CA ASN A 94 -48.04 -0.98 -24.93
C ASN A 94 -46.68 -0.39 -24.56
N VAL A 95 -45.90 -1.14 -23.78
CA VAL A 95 -44.49 -0.83 -23.54
C VAL A 95 -43.75 -0.60 -24.87
N ARG A 96 -43.66 -1.66 -25.68
CA ARG A 96 -42.99 -1.59 -26.98
C ARG A 96 -43.51 -0.42 -27.82
N THR A 97 -44.82 -0.25 -27.87
CA THR A 97 -45.39 0.84 -28.64
C THR A 97 -44.76 2.20 -28.29
N ALA A 98 -44.52 2.44 -27.01
CA ALA A 98 -43.99 3.73 -26.56
C ALA A 98 -42.47 3.80 -26.65
N THR A 99 -41.83 2.63 -26.66
CA THR A 99 -40.39 2.55 -26.85
C THR A 99 -40.05 3.26 -28.16
N GLU A 100 -40.60 2.75 -29.26
CA GLU A 100 -40.19 3.15 -30.59
C GLU A 100 -40.66 4.52 -30.97
N SER A 101 -41.54 5.11 -30.16
CA SER A 101 -41.98 6.49 -30.40
C SER A 101 -40.86 7.54 -30.29
N PHE A 102 -39.60 7.07 -30.32
CA PHE A 102 -38.44 7.94 -30.26
C PHE A 102 -37.48 7.62 -31.40
N ALA A 103 -37.73 6.51 -32.09
CA ALA A 103 -36.79 6.00 -33.10
C ALA A 103 -36.42 7.03 -34.15
N SER A 104 -37.18 8.13 -34.20
CA SER A 104 -36.91 9.22 -35.13
C SER A 104 -35.64 10.00 -34.78
N ASP A 105 -35.02 9.64 -33.67
CA ASP A 105 -33.69 10.14 -33.33
C ASP A 105 -32.84 9.02 -32.74
N PRO A 106 -32.00 8.38 -33.58
CA PRO A 106 -31.30 7.13 -33.25
C PRO A 106 -30.20 7.25 -32.17
N ILE A 107 -29.97 8.46 -31.66
CA ILE A 107 -28.97 8.65 -30.60
C ILE A 107 -29.57 9.01 -29.22
N LEU A 108 -30.57 9.90 -29.19
CA LEU A 108 -31.28 10.20 -27.96
C LEU A 108 -32.32 9.09 -27.64
N GLU A 109 -32.16 7.98 -28.35
CA GLU A 109 -32.99 6.79 -28.25
C GLU A 109 -32.35 5.84 -27.26
N ARG A 110 -33.14 5.07 -26.52
CA ARG A 110 -32.54 4.04 -25.66
C ARG A 110 -33.39 2.79 -25.45
N PRO A 111 -32.73 1.63 -25.39
CA PRO A 111 -33.39 0.32 -25.22
C PRO A 111 -34.30 0.27 -24.01
N VAL A 112 -35.27 -0.63 -24.02
CA VAL A 112 -36.10 -0.89 -22.84
C VAL A 112 -36.33 -2.37 -22.75
N ALA A 113 -35.76 -3.05 -21.76
CA ALA A 113 -36.01 -4.49 -21.71
C ALA A 113 -37.40 -4.72 -21.10
N VAL A 114 -37.80 -5.98 -21.08
CA VAL A 114 -39.09 -6.36 -20.55
C VAL A 114 -38.88 -7.58 -19.67
N ALA A 115 -39.58 -7.60 -18.54
CA ALA A 115 -39.30 -8.58 -17.51
C ALA A 115 -40.52 -9.41 -17.16
N LEU A 116 -40.40 -10.73 -17.23
CA LEU A 116 -41.46 -11.57 -16.71
C LEU A 116 -41.15 -12.05 -15.29
N ASP A 117 -41.90 -11.56 -14.32
CA ASP A 117 -41.77 -12.00 -12.93
C ASP A 117 -42.80 -13.09 -12.61
N THR A 118 -42.33 -14.32 -12.45
CA THR A 118 -43.24 -15.44 -12.18
C THR A 118 -43.92 -15.34 -10.83
N LYS A 119 -45.18 -15.79 -10.78
CA LYS A 119 -45.98 -15.85 -9.54
C LYS A 119 -45.43 -16.88 -8.57
N GLY A 120 -44.96 -18.00 -9.08
CA GLY A 120 -44.31 -19.01 -8.26
C GLY A 120 -45.23 -19.61 -7.21
N PRO A 121 -44.68 -20.41 -6.30
CA PRO A 121 -45.43 -20.97 -5.18
C PRO A 121 -46.18 -19.91 -4.38
N ALA A 224 -42.34 -26.52 -6.43
CA ALA A 224 -41.14 -25.96 -7.06
C ALA A 224 -41.49 -25.03 -8.22
N VAL A 225 -41.24 -25.48 -9.45
CA VAL A 225 -41.75 -24.78 -10.62
C VAL A 225 -43.26 -24.96 -10.72
N SER A 226 -44.00 -23.89 -10.43
CA SER A 226 -45.46 -23.97 -10.42
C SER A 226 -45.95 -24.34 -11.80
N GLU A 227 -47.00 -25.15 -11.85
CA GLU A 227 -47.51 -25.62 -13.13
C GLU A 227 -48.34 -24.54 -13.80
N LYS A 228 -48.77 -23.55 -13.00
CA LYS A 228 -49.33 -22.34 -13.58
C LYS A 228 -48.23 -21.67 -14.38
N ASP A 229 -47.05 -21.59 -13.77
CA ASP A 229 -45.91 -20.87 -14.32
C ASP A 229 -45.47 -21.41 -15.66
N ILE A 230 -45.38 -22.73 -15.78
CA ILE A 230 -45.00 -23.37 -17.02
C ILE A 230 -45.89 -22.90 -18.17
N GLN A 231 -47.15 -22.63 -17.87
CA GLN A 231 -48.08 -22.09 -18.85
C GLN A 231 -47.73 -20.63 -19.16
N ASP A 232 -47.02 -19.99 -18.23
CA ASP A 232 -46.73 -18.57 -18.32
C ASP A 232 -45.34 -18.32 -18.88
N LEU A 233 -44.42 -19.23 -18.56
CA LEU A 233 -43.07 -19.18 -19.11
C LEU A 233 -43.14 -19.34 -20.63
N LYS A 234 -43.95 -20.29 -21.09
CA LYS A 234 -44.10 -20.51 -22.51
C LYS A 234 -44.60 -19.21 -23.15
N PHE A 235 -45.42 -18.46 -22.42
CA PHE A 235 -45.94 -17.18 -22.92
C PHE A 235 -44.84 -16.18 -23.10
N GLY A 236 -43.94 -16.17 -22.13
CA GLY A 236 -42.80 -15.27 -22.16
C GLY A 236 -41.92 -15.66 -23.32
N VAL A 237 -41.41 -16.88 -23.25
CA VAL A 237 -40.53 -17.45 -24.28
C VAL A 237 -40.96 -17.02 -25.67
N GLU A 238 -42.27 -17.06 -25.89
CA GLU A 238 -42.85 -16.72 -27.19
C GLU A 238 -43.36 -15.29 -27.26
N GLN A 239 -43.04 -14.48 -26.26
CA GLN A 239 -43.36 -13.05 -26.33
C GLN A 239 -42.13 -12.13 -26.39
N ASP A 240 -40.95 -12.73 -26.48
CA ASP A 240 -39.67 -12.02 -26.66
C ASP A 240 -39.26 -11.24 -25.41
N VAL A 241 -39.59 -11.81 -24.26
CA VAL A 241 -39.13 -11.26 -23.00
C VAL A 241 -37.63 -11.56 -22.91
N ASP A 242 -36.88 -10.59 -22.38
CA ASP A 242 -35.43 -10.68 -22.32
C ASP A 242 -34.97 -11.38 -21.05
N MET A 243 -35.70 -11.15 -19.96
CA MET A 243 -35.38 -11.83 -18.70
C MET A 243 -36.59 -12.26 -17.85
N VAL A 244 -36.36 -13.36 -17.14
CA VAL A 244 -37.34 -13.97 -16.25
C VAL A 244 -36.88 -13.82 -14.80
N PHE A 245 -37.56 -13.00 -14.01
CA PHE A 245 -37.29 -13.00 -12.57
C PHE A 245 -37.99 -14.23 -11.91
N ALA A 246 -37.29 -15.35 -11.77
CA ALA A 246 -37.90 -16.56 -11.21
C ALA A 246 -38.06 -16.50 -9.69
N SER A 247 -39.16 -17.03 -9.18
CA SER A 247 -39.57 -16.72 -7.81
C SER A 247 -39.46 -17.90 -6.84
N PHE A 248 -39.29 -17.57 -5.57
CA PHE A 248 -39.07 -18.54 -4.48
C PHE A 248 -38.07 -19.64 -4.86
N ILE A 249 -36.88 -19.24 -5.31
CA ILE A 249 -35.85 -20.18 -5.72
C ILE A 249 -35.07 -20.63 -4.49
N ARG A 250 -34.79 -21.93 -4.38
CA ARG A 250 -34.24 -22.52 -3.14
C ARG A 250 -33.04 -23.44 -3.37
N LYS A 251 -32.87 -23.90 -4.61
CA LYS A 251 -31.85 -24.90 -4.92
C LYS A 251 -31.36 -24.77 -6.35
N ALA A 252 -30.36 -25.57 -6.72
CA ALA A 252 -29.93 -25.63 -8.12
C ALA A 252 -31.04 -26.28 -8.95
N SER A 253 -31.55 -27.40 -8.43
CA SER A 253 -32.68 -28.08 -9.04
C SER A 253 -33.83 -27.12 -9.28
N ASP A 254 -34.05 -26.22 -8.33
CA ASP A 254 -35.14 -25.25 -8.41
C ASP A 254 -34.98 -24.25 -9.56
N VAL A 255 -33.77 -24.09 -10.09
CA VAL A 255 -33.56 -23.14 -11.18
C VAL A 255 -33.27 -23.87 -12.49
N HIS A 256 -32.64 -25.03 -12.37
CA HIS A 256 -32.50 -25.96 -13.48
C HIS A 256 -33.90 -26.24 -14.03
N GLU A 257 -34.82 -26.56 -13.12
CA GLU A 257 -36.19 -26.84 -13.47
C GLU A 257 -36.80 -25.65 -14.21
N VAL A 258 -36.40 -24.44 -13.85
CA VAL A 258 -36.88 -23.27 -14.56
C VAL A 258 -36.30 -23.26 -15.94
N ARG A 259 -35.00 -23.52 -16.02
CA ARG A 259 -34.23 -23.43 -17.27
C ARG A 259 -34.87 -24.22 -18.41
N LYS A 260 -34.92 -25.54 -18.23
CA LYS A 260 -35.42 -26.44 -19.26
C LYS A 260 -36.76 -25.97 -19.82
N VAL A 261 -37.63 -25.49 -18.94
CA VAL A 261 -38.94 -24.99 -19.35
C VAL A 261 -38.81 -23.89 -20.39
N LEU A 262 -37.80 -23.04 -20.26
CA LEU A 262 -37.61 -21.95 -21.22
C LEU A 262 -37.14 -22.50 -22.57
N GLY A 263 -36.47 -23.65 -22.51
CA GLY A 263 -36.14 -24.42 -23.70
C GLY A 263 -35.11 -23.83 -24.65
N GLU A 264 -35.10 -24.35 -25.87
CA GLU A 264 -34.15 -23.91 -26.88
C GLU A 264 -34.65 -22.64 -27.52
N LYS A 265 -35.92 -22.32 -27.29
CA LYS A 265 -36.50 -21.08 -27.78
C LYS A 265 -36.29 -19.99 -26.74
N GLY A 266 -35.63 -20.36 -25.65
CA GLY A 266 -35.33 -19.44 -24.56
C GLY A 266 -33.98 -19.72 -23.92
N LYS A 267 -33.10 -20.35 -24.70
CA LYS A 267 -31.74 -20.60 -24.28
C LYS A 267 -31.06 -19.29 -23.95
N ASN A 268 -31.45 -18.25 -24.69
CA ASN A 268 -30.93 -16.91 -24.47
C ASN A 268 -31.47 -16.35 -23.17
N ILE A 269 -32.71 -15.87 -23.23
CA ILE A 269 -33.44 -15.26 -22.10
C ILE A 269 -32.83 -15.52 -20.73
N LYS A 270 -32.40 -14.45 -20.08
CA LYS A 270 -31.67 -14.56 -18.83
C LYS A 270 -32.61 -14.79 -17.65
N ILE A 271 -32.30 -15.78 -16.82
CA ILE A 271 -33.11 -16.00 -15.62
C ILE A 271 -32.44 -15.51 -14.31
N ILE A 272 -33.18 -14.64 -13.64
CA ILE A 272 -32.75 -14.06 -12.38
C ILE A 272 -33.54 -14.73 -11.29
N SER A 273 -32.85 -15.48 -10.42
CA SER A 273 -33.47 -16.07 -9.24
C SER A 273 -33.81 -14.98 -8.23
N LYS A 274 -34.96 -15.14 -7.57
CA LYS A 274 -35.27 -14.34 -6.40
C LYS A 274 -34.89 -15.16 -5.19
N ILE A 275 -34.15 -14.56 -4.28
CA ILE A 275 -33.94 -15.18 -3.00
C ILE A 275 -35.00 -14.60 -2.07
N GLU A 276 -35.79 -15.47 -1.47
CA GLU A 276 -36.88 -15.01 -0.60
C GLU A 276 -36.94 -15.76 0.74
N ASN A 277 -36.85 -17.08 0.72
CA ASN A 277 -36.84 -17.80 1.97
C ASN A 277 -35.51 -17.65 2.70
N HIS A 278 -35.34 -18.44 3.75
CA HIS A 278 -34.07 -18.50 4.47
C HIS A 278 -33.11 -19.40 3.69
N GLU A 279 -33.64 -20.47 3.09
CA GLU A 279 -32.78 -21.45 2.42
C GLU A 279 -32.02 -20.87 1.22
N GLY A 280 -32.61 -19.90 0.53
CA GLY A 280 -31.93 -19.17 -0.51
C GLY A 280 -30.59 -18.60 -0.03
N VAL A 281 -30.61 -17.95 1.14
CA VAL A 281 -29.40 -17.44 1.76
C VAL A 281 -28.53 -18.63 2.23
N ARG A 282 -29.18 -19.74 2.54
CA ARG A 282 -28.46 -20.93 2.99
C ARG A 282 -27.76 -21.65 1.83
N ARG A 283 -28.42 -21.71 0.68
CA ARG A 283 -27.85 -22.41 -0.48
C ARG A 283 -27.53 -21.45 -1.64
N PHE A 284 -27.03 -20.27 -1.30
CA PHE A 284 -26.91 -19.17 -2.26
C PHE A 284 -25.86 -19.42 -3.33
N ASP A 285 -24.70 -19.93 -2.94
CA ASP A 285 -23.62 -20.12 -3.89
C ASP A 285 -24.09 -20.98 -5.06
N GLU A 286 -24.72 -22.10 -4.74
CA GLU A 286 -25.20 -23.01 -5.77
C GLU A 286 -26.29 -22.37 -6.64
N ILE A 287 -27.12 -21.51 -6.06
CA ILE A 287 -28.12 -20.79 -6.85
C ILE A 287 -27.43 -19.85 -7.81
N LEU A 288 -26.54 -19.01 -7.27
CA LEU A 288 -25.73 -18.12 -8.09
C LEU A 288 -24.98 -18.92 -9.16
N GLU A 289 -24.51 -20.10 -8.78
CA GLU A 289 -23.72 -20.97 -9.63
C GLU A 289 -24.44 -21.23 -10.93
N ALA A 290 -25.77 -21.24 -10.86
CA ALA A 290 -26.55 -21.62 -12.02
C ALA A 290 -27.70 -20.64 -12.31
N SER A 291 -27.43 -19.36 -12.20
CA SER A 291 -28.42 -18.35 -12.56
C SER A 291 -27.70 -17.26 -13.30
N ASP A 292 -28.43 -16.40 -14.00
CA ASP A 292 -27.77 -15.27 -14.62
C ASP A 292 -27.74 -14.10 -13.66
N GLY A 293 -28.87 -13.86 -12.99
CA GLY A 293 -28.98 -12.80 -12.01
C GLY A 293 -29.44 -13.25 -10.64
N ILE A 294 -29.40 -12.30 -9.70
CA ILE A 294 -29.97 -12.48 -8.37
C ILE A 294 -30.77 -11.23 -8.04
N MET A 295 -31.95 -11.46 -7.45
CA MET A 295 -32.77 -10.42 -6.89
C MET A 295 -32.91 -10.69 -5.41
N VAL A 296 -32.44 -9.78 -4.57
CA VAL A 296 -32.78 -9.83 -3.15
C VAL A 296 -34.12 -9.12 -2.93
N ALA A 297 -35.09 -9.86 -2.41
CA ALA A 297 -36.39 -9.30 -2.07
C ALA A 297 -36.42 -9.09 -0.58
N ARG A 298 -36.08 -7.89 -0.11
CA ARG A 298 -35.87 -7.71 1.32
C ARG A 298 -37.12 -7.96 2.14
N GLY A 299 -38.25 -7.41 1.70
CA GLY A 299 -39.52 -7.67 2.35
C GLY A 299 -39.73 -9.15 2.59
N ASP A 300 -39.70 -9.93 1.52
CA ASP A 300 -39.90 -11.37 1.63
C ASP A 300 -38.73 -12.06 2.29
N LEU A 301 -37.72 -11.31 2.68
CA LEU A 301 -36.65 -11.85 3.51
C LEU A 301 -36.99 -11.55 4.97
N GLY A 302 -37.30 -10.28 5.26
CA GLY A 302 -37.69 -9.85 6.58
C GLY A 302 -39.09 -10.30 6.96
N ILE A 303 -39.18 -11.58 7.34
CA ILE A 303 -40.43 -12.28 7.51
C ILE A 303 -40.03 -13.70 7.87
N GLU A 304 -38.91 -14.14 7.31
CA GLU A 304 -38.39 -15.47 7.57
C GLU A 304 -37.19 -15.34 8.47
N ILE A 305 -36.62 -14.13 8.49
CA ILE A 305 -35.45 -13.80 9.30
C ILE A 305 -35.58 -12.37 9.82
N PRO A 306 -35.08 -12.11 11.03
CA PRO A 306 -35.31 -10.84 11.73
C PRO A 306 -34.60 -9.62 11.14
N ALA A 307 -34.94 -8.44 11.64
CA ALA A 307 -34.39 -7.20 11.11
C ALA A 307 -32.91 -7.04 11.44
N GLU A 308 -32.50 -7.47 12.61
CA GLU A 308 -31.10 -7.27 12.96
C GLU A 308 -30.19 -8.05 12.01
N LYS A 309 -30.76 -9.00 11.28
CA LYS A 309 -29.95 -9.85 10.42
C LYS A 309 -30.10 -9.64 8.90
N VAL A 310 -31.24 -9.11 8.44
CA VAL A 310 -31.49 -9.06 6.99
C VAL A 310 -30.52 -8.16 6.21
N PHE A 311 -30.20 -6.99 6.73
CA PHE A 311 -29.27 -6.09 6.05
C PHE A 311 -27.95 -6.81 5.89
N LEU A 312 -27.58 -7.64 6.88
CA LEU A 312 -26.41 -8.49 6.72
C LEU A 312 -26.56 -9.39 5.52
N ALA A 313 -27.72 -10.04 5.40
CA ALA A 313 -27.96 -10.96 4.30
C ALA A 313 -27.81 -10.24 2.95
N GLN A 314 -28.40 -9.07 2.84
CA GLN A 314 -28.36 -8.30 1.61
C GLN A 314 -26.93 -7.96 1.23
N LYS A 315 -26.20 -7.39 2.18
CA LYS A 315 -24.83 -6.97 1.90
C LYS A 315 -23.97 -8.12 1.38
N MET A 316 -24.16 -9.33 1.93
CA MET A 316 -23.35 -10.49 1.52
C MET A 316 -23.72 -10.94 0.13
N MET A 317 -25.01 -10.97 -0.16
CA MET A 317 -25.45 -11.41 -1.48
C MET A 317 -24.89 -10.49 -2.59
N ILE A 318 -25.32 -9.24 -2.61
CA ILE A 318 -24.75 -8.23 -3.49
C ILE A 318 -23.24 -8.39 -3.63
N GLY A 319 -22.54 -8.44 -2.52
CA GLY A 319 -21.10 -8.55 -2.56
C GLY A 319 -20.68 -9.82 -3.25
N ARG A 320 -21.48 -10.88 -3.13
CA ARG A 320 -21.09 -12.16 -3.68
C ARG A 320 -21.36 -12.24 -5.18
N CYS A 321 -22.33 -11.47 -5.64
CA CYS A 321 -22.61 -11.36 -7.06
C CYS A 321 -21.58 -10.43 -7.67
N ASN A 322 -21.18 -9.42 -6.92
CA ASN A 322 -20.13 -8.51 -7.35
C ASN A 322 -18.83 -9.24 -7.75
N ARG A 323 -18.51 -10.27 -6.99
CA ARG A 323 -17.30 -11.05 -7.18
C ARG A 323 -17.52 -11.90 -8.41
N ALA A 324 -18.53 -12.77 -8.34
CA ALA A 324 -18.78 -13.75 -9.40
C ALA A 324 -19.05 -13.14 -10.76
N GLY A 325 -19.40 -11.86 -10.79
CA GLY A 325 -19.58 -11.17 -12.05
C GLY A 325 -21.04 -11.05 -12.40
N LYS A 326 -21.83 -12.04 -11.99
CA LYS A 326 -23.27 -12.05 -12.30
C LYS A 326 -23.95 -10.84 -11.68
N PRO A 327 -24.97 -10.28 -12.35
CA PRO A 327 -25.60 -9.05 -11.83
C PRO A 327 -26.60 -9.30 -10.71
N VAL A 328 -26.76 -8.31 -9.82
CA VAL A 328 -27.69 -8.41 -8.68
C VAL A 328 -28.60 -7.18 -8.54
N ILE A 329 -29.88 -7.43 -8.32
CA ILE A 329 -30.83 -6.33 -8.13
C ILE A 329 -31.57 -6.34 -6.80
N CYS A 330 -31.73 -5.15 -6.22
CA CYS A 330 -32.39 -4.99 -4.93
C CYS A 330 -33.82 -4.61 -5.14
N ALA A 331 -34.72 -5.35 -4.50
CA ALA A 331 -36.14 -5.14 -4.67
C ALA A 331 -36.88 -5.14 -3.33
N THR A 332 -38.07 -4.53 -3.33
CA THR A 332 -38.97 -4.43 -2.18
C THR A 332 -38.64 -3.24 -1.28
N GLN A 333 -39.69 -2.60 -0.77
CA GLN A 333 -39.59 -1.47 0.14
C GLN A 333 -38.70 -0.37 -0.39
N MET A 334 -38.71 -0.17 -1.70
CA MET A 334 -37.88 0.89 -2.24
C MET A 334 -38.50 2.24 -1.94
N LEU A 335 -39.30 2.76 -2.87
CA LEU A 335 -39.92 4.06 -2.65
C LEU A 335 -41.44 4.00 -2.36
N GLU A 336 -41.86 2.96 -1.63
CA GLU A 336 -43.27 2.73 -1.24
C GLU A 336 -44.08 3.96 -0.84
N SER A 337 -43.54 4.81 0.03
CA SER A 337 -44.22 6.03 0.45
C SER A 337 -44.75 6.88 -0.71
N MET A 338 -44.18 6.70 -1.89
CA MET A 338 -44.57 7.50 -3.05
C MET A 338 -45.88 7.03 -3.66
N ILE A 339 -46.37 5.87 -3.21
CA ILE A 339 -47.66 5.36 -3.71
C ILE A 339 -48.79 6.37 -3.44
N LYS A 340 -48.55 7.31 -2.52
CA LYS A 340 -49.55 8.29 -2.16
C LYS A 340 -48.97 9.68 -1.95
N LYS A 341 -47.75 9.93 -2.44
CA LYS A 341 -47.11 11.23 -2.23
C LYS A 341 -46.06 11.53 -3.31
N PRO A 342 -45.95 12.81 -3.71
CA PRO A 342 -45.11 13.24 -4.84
C PRO A 342 -43.60 13.23 -4.53
N ARG A 343 -43.25 13.12 -3.26
CA ARG A 343 -41.86 13.06 -2.82
C ARG A 343 -41.75 11.94 -1.78
N PRO A 344 -40.56 11.36 -1.59
CA PRO A 344 -40.46 10.31 -0.58
C PRO A 344 -39.83 10.72 0.75
N THR A 345 -39.73 9.74 1.64
CA THR A 345 -39.17 9.95 2.97
C THR A 345 -37.65 9.86 2.92
N ARG A 346 -36.94 10.67 3.72
CA ARG A 346 -35.48 10.61 3.70
C ARG A 346 -34.97 9.28 4.21
N ALA A 347 -35.81 8.56 4.91
CA ALA A 347 -35.47 7.20 5.32
C ALA A 347 -35.44 6.29 4.09
N GLU A 348 -36.20 6.64 3.06
CA GLU A 348 -36.25 5.80 1.88
C GLU A 348 -35.10 6.16 0.94
N GLY A 349 -34.82 7.46 0.83
CA GLY A 349 -33.66 7.93 0.09
C GLY A 349 -32.44 7.18 0.56
N SER A 350 -32.34 7.01 1.88
CA SER A 350 -31.19 6.38 2.48
C SER A 350 -31.17 4.86 2.30
N ASP A 351 -32.34 4.22 2.29
CA ASP A 351 -32.35 2.78 2.09
C ASP A 351 -31.97 2.45 0.65
N VAL A 352 -32.40 3.30 -0.27
CA VAL A 352 -32.15 3.04 -1.68
C VAL A 352 -30.70 3.31 -2.00
N ALA A 353 -30.15 4.40 -1.49
CA ALA A 353 -28.78 4.73 -1.83
C ALA A 353 -27.79 3.70 -1.26
N ASN A 354 -28.16 3.05 -0.17
CA ASN A 354 -27.23 2.11 0.41
C ASN A 354 -27.19 0.87 -0.45
N ALA A 355 -28.30 0.52 -1.08
CA ALA A 355 -28.28 -0.62 -1.99
C ALA A 355 -27.38 -0.30 -3.18
N VAL A 356 -27.50 0.92 -3.70
CA VAL A 356 -26.56 1.43 -4.68
C VAL A 356 -25.13 1.15 -4.19
N LEU A 357 -24.73 1.72 -3.04
CA LEU A 357 -23.34 1.62 -2.58
C LEU A 357 -22.94 0.24 -2.05
N ASP A 358 -23.91 -0.64 -1.86
CA ASP A 358 -23.60 -1.99 -1.42
C ASP A 358 -23.05 -2.74 -2.61
N GLY A 359 -23.35 -2.21 -3.80
CA GLY A 359 -22.81 -2.75 -5.05
C GLY A 359 -23.87 -3.34 -5.95
N ALA A 360 -25.05 -2.72 -5.92
CA ALA A 360 -26.17 -3.24 -6.67
C ALA A 360 -26.07 -2.67 -8.06
N ASP A 361 -26.69 -3.37 -9.01
CA ASP A 361 -26.66 -2.98 -10.40
C ASP A 361 -27.96 -2.26 -10.70
N CYS A 362 -29.05 -2.85 -10.23
CA CYS A 362 -30.34 -2.19 -10.34
C CYS A 362 -31.14 -2.16 -9.04
N ILE A 363 -31.98 -1.14 -8.95
CA ILE A 363 -33.00 -1.11 -7.93
C ILE A 363 -34.34 -1.09 -8.64
N MET A 364 -35.26 -1.93 -8.17
CA MET A 364 -36.56 -2.10 -8.82
C MET A 364 -37.70 -1.48 -8.04
N LEU A 365 -38.53 -0.74 -8.72
CA LEU A 365 -39.68 -0.13 -8.08
C LEU A 365 -40.88 -1.10 -8.20
N SER A 366 -41.79 -1.06 -7.23
CA SER A 366 -43.01 -1.86 -7.31
C SER A 366 -44.28 -0.99 -7.38
N GLY A 367 -45.05 -0.99 -6.29
CA GLY A 367 -46.30 -0.26 -6.25
C GLY A 367 -46.17 1.21 -6.61
N GLU A 368 -44.98 1.78 -6.45
CA GLU A 368 -44.76 3.19 -6.71
C GLU A 368 -45.16 3.57 -8.12
N THR A 369 -44.96 2.65 -9.06
CA THR A 369 -45.23 2.86 -10.47
C THR A 369 -46.26 1.87 -11.03
N ALA A 370 -46.51 0.79 -10.31
CA ALA A 370 -47.48 -0.21 -10.75
C ALA A 370 -48.94 0.21 -10.52
N LYS A 371 -49.26 0.63 -9.30
CA LYS A 371 -50.62 0.98 -8.93
C LYS A 371 -50.65 2.33 -8.24
N GLY A 372 -49.49 2.99 -8.20
CA GLY A 372 -49.33 4.22 -7.44
C GLY A 372 -50.16 5.38 -7.95
N ASP A 373 -49.88 6.58 -7.47
CA ASP A 373 -50.66 7.73 -7.89
C ASP A 373 -49.72 8.75 -8.49
N TYR A 374 -48.42 8.52 -8.32
CA TYR A 374 -47.43 9.39 -8.93
C TYR A 374 -46.31 8.56 -9.57
N PRO A 375 -46.65 7.71 -10.55
CA PRO A 375 -45.72 6.67 -11.00
C PRO A 375 -44.56 7.33 -11.72
N LEU A 376 -44.88 8.29 -12.59
CA LEU A 376 -43.84 9.02 -13.29
C LEU A 376 -42.97 9.73 -12.29
N GLU A 377 -43.63 10.41 -11.35
CA GLU A 377 -42.94 11.18 -10.33
C GLU A 377 -42.03 10.26 -9.52
N ALA A 378 -42.49 9.03 -9.29
CA ALA A 378 -41.71 8.03 -8.61
C ALA A 378 -40.37 7.75 -9.30
N VAL A 379 -40.43 7.36 -10.57
CA VAL A 379 -39.23 7.07 -11.37
C VAL A 379 -38.19 8.20 -11.32
N ARG A 380 -38.63 9.42 -11.64
CA ARG A 380 -37.74 10.58 -11.66
C ARG A 380 -36.99 10.76 -10.33
N MET A 381 -37.66 10.41 -9.22
CA MET A 381 -37.03 10.49 -7.91
C MET A 381 -35.95 9.42 -7.74
N GLN A 382 -36.34 8.16 -7.87
CA GLN A 382 -35.41 7.05 -7.96
C GLN A 382 -34.14 7.36 -8.76
N HIS A 383 -34.30 7.93 -9.97
CA HIS A 383 -33.15 8.39 -10.74
C HIS A 383 -32.31 9.38 -9.94
N LEU A 384 -32.92 10.53 -9.66
CA LEU A 384 -32.35 11.57 -8.82
C LEU A 384 -31.54 11.07 -7.61
N ILE A 385 -32.14 10.13 -6.86
CA ILE A 385 -31.50 9.52 -5.73
C ILE A 385 -30.25 8.79 -6.18
N ALA A 386 -30.45 7.83 -7.09
CA ALA A 386 -29.38 6.92 -7.49
C ALA A 386 -28.26 7.64 -8.25
N ARG A 387 -28.51 8.89 -8.61
CA ARG A 387 -27.47 9.67 -9.24
C ARG A 387 -26.65 10.38 -8.17
N GLU A 388 -27.34 10.86 -7.13
CA GLU A 388 -26.68 11.46 -5.97
C GLU A 388 -25.80 10.43 -5.33
N ALA A 389 -26.38 9.25 -5.12
CA ALA A 389 -25.71 8.13 -4.50
C ALA A 389 -24.31 7.92 -5.07
N GLU A 390 -24.19 8.18 -6.35
CA GLU A 390 -22.97 7.90 -7.08
C GLU A 390 -21.76 8.65 -6.48
N ALA A 391 -21.98 9.86 -5.97
CA ALA A 391 -20.89 10.64 -5.37
C ALA A 391 -20.16 9.97 -4.19
N ALA A 392 -20.70 8.85 -3.71
CA ALA A 392 -20.17 8.19 -2.53
C ALA A 392 -19.62 6.80 -2.82
N ILE A 393 -19.40 6.46 -4.09
CA ILE A 393 -18.80 5.17 -4.38
C ILE A 393 -17.32 5.39 -4.48
N TYR A 394 -16.55 4.57 -3.77
CA TYR A 394 -15.10 4.70 -3.81
C TYR A 394 -14.56 3.78 -4.90
N HIS A 395 -14.44 4.30 -6.12
CA HIS A 395 -14.06 3.50 -7.28
C HIS A 395 -12.63 3.00 -7.12
N LEU A 396 -11.82 3.88 -6.56
CA LEU A 396 -10.38 3.78 -6.63
C LEU A 396 -9.85 2.61 -5.82
N GLN A 397 -10.73 1.66 -5.51
CA GLN A 397 -10.49 0.65 -4.49
C GLN A 397 -11.43 -0.51 -4.68
N LEU A 398 -12.61 -0.20 -5.20
CA LEU A 398 -13.55 -1.23 -5.62
C LEU A 398 -12.91 -1.98 -6.78
N PHE A 399 -12.35 -1.22 -7.71
CA PHE A 399 -11.59 -1.77 -8.83
C PHE A 399 -10.41 -2.55 -8.27
N GLU A 400 -9.56 -1.87 -7.53
CA GLU A 400 -8.38 -2.50 -6.93
C GLU A 400 -8.64 -3.86 -6.29
N GLU A 401 -9.76 -3.98 -5.57
CA GLU A 401 -10.04 -5.22 -4.87
C GLU A 401 -10.57 -6.30 -5.80
N LEU A 402 -11.34 -5.89 -6.80
CA LEU A 402 -11.88 -6.85 -7.75
C LEU A 402 -10.77 -7.45 -8.60
N ARG A 403 -9.89 -6.57 -9.07
CA ARG A 403 -8.69 -6.96 -9.82
C ARG A 403 -7.86 -7.92 -8.99
N ARG A 404 -7.74 -7.65 -7.70
CA ARG A 404 -6.89 -8.51 -6.89
C ARG A 404 -7.49 -9.90 -6.66
N LEU A 405 -8.81 -9.99 -6.67
CA LEU A 405 -9.45 -11.26 -6.41
C LEU A 405 -9.54 -12.16 -7.65
N ALA A 406 -9.79 -11.53 -8.81
CA ALA A 406 -9.95 -12.26 -10.08
C ALA A 406 -8.83 -13.24 -10.37
N PRO A 407 -9.18 -14.41 -10.91
CA PRO A 407 -8.17 -15.42 -11.25
C PRO A 407 -7.37 -15.05 -12.50
N ILE A 408 -6.39 -15.89 -12.80
CA ILE A 408 -5.49 -15.60 -13.90
C ILE A 408 -6.05 -16.04 -15.27
N THR A 409 -7.37 -16.19 -15.39
CA THR A 409 -7.95 -16.79 -16.61
C THR A 409 -7.51 -16.23 -17.98
N SER A 410 -7.70 -17.07 -18.99
CA SER A 410 -7.05 -16.93 -20.28
C SER A 410 -8.00 -16.78 -21.49
N ASP A 411 -9.16 -16.17 -21.29
CA ASP A 411 -9.95 -15.66 -22.40
C ASP A 411 -9.13 -14.56 -22.93
N PRO A 412 -8.84 -14.57 -24.23
CA PRO A 412 -8.28 -13.33 -24.77
C PRO A 412 -9.22 -12.16 -24.44
N THR A 413 -10.50 -12.46 -24.43
CA THR A 413 -11.48 -11.41 -24.39
C THR A 413 -11.59 -10.77 -23.02
N GLU A 414 -11.32 -11.54 -21.96
CA GLU A 414 -11.33 -10.99 -20.61
C GLU A 414 -10.11 -10.13 -20.37
N ALA A 415 -8.93 -10.74 -20.55
CA ALA A 415 -7.65 -10.03 -20.43
C ALA A 415 -7.62 -8.68 -21.10
N THR A 416 -8.36 -8.50 -22.18
CA THR A 416 -8.50 -7.17 -22.72
C THR A 416 -9.28 -6.26 -21.77
N ALA A 417 -10.37 -6.79 -21.20
CA ALA A 417 -11.20 -5.98 -20.32
C ALA A 417 -10.37 -5.35 -19.19
N VAL A 418 -9.63 -6.20 -18.50
CA VAL A 418 -8.80 -5.76 -17.39
C VAL A 418 -7.88 -4.67 -17.89
N GLY A 419 -7.17 -4.96 -18.99
CA GLY A 419 -6.33 -3.98 -19.63
C GLY A 419 -7.12 -2.73 -20.00
N ALA A 420 -8.34 -2.94 -20.47
CA ALA A 420 -9.17 -1.83 -20.89
C ALA A 420 -9.49 -0.94 -19.70
N VAL A 421 -9.89 -1.55 -18.60
CA VAL A 421 -10.19 -0.81 -17.38
C VAL A 421 -8.96 -0.06 -16.88
N GLU A 422 -7.88 -0.80 -16.63
CA GLU A 422 -6.63 -0.21 -16.13
C GLU A 422 -6.23 1.04 -16.92
N ALA A 423 -6.38 0.97 -18.24
CA ALA A 423 -6.04 2.07 -19.13
C ALA A 423 -7.01 3.23 -19.01
N SER A 424 -8.26 2.91 -18.73
CA SER A 424 -9.27 3.93 -18.56
C SER A 424 -8.92 4.77 -17.34
N PHE A 425 -8.36 4.09 -16.34
CA PHE A 425 -7.93 4.76 -15.10
C PHE A 425 -6.60 5.49 -15.30
N LYS A 426 -5.71 4.92 -16.10
CA LYS A 426 -4.38 5.50 -16.35
C LYS A 426 -4.45 6.83 -17.10
N CYS A 427 -5.48 7.05 -17.91
CA CYS A 427 -5.56 8.31 -18.62
C CYS A 427 -6.86 9.05 -18.36
N CYS A 428 -7.62 8.56 -17.39
CA CYS A 428 -8.88 9.20 -17.00
C CYS A 428 -9.87 9.33 -18.15
N SER A 429 -10.04 8.22 -18.88
CA SER A 429 -10.84 8.19 -20.12
C SER A 429 -12.30 8.61 -19.94
N GLY A 430 -12.82 9.33 -20.92
CA GLY A 430 -14.20 9.78 -20.89
C GLY A 430 -15.19 8.62 -20.95
N ALA A 431 -14.80 7.54 -21.63
CA ALA A 431 -15.60 6.30 -21.73
C ALA A 431 -14.80 5.10 -22.20
N ILE A 432 -15.37 3.91 -22.02
CA ILE A 432 -14.87 2.73 -22.72
C ILE A 432 -15.90 2.28 -23.75
N ILE A 433 -15.63 2.49 -25.05
CA ILE A 433 -16.52 1.99 -26.11
C ILE A 433 -16.28 0.53 -26.34
N VAL A 434 -17.32 -0.28 -26.32
CA VAL A 434 -17.10 -1.67 -26.62
C VAL A 434 -18.17 -2.23 -27.55
N LEU A 435 -17.80 -2.30 -28.84
CA LEU A 435 -18.47 -3.07 -29.89
C LEU A 435 -18.57 -4.55 -29.51
N THR A 436 -19.80 -5.03 -29.34
CA THR A 436 -20.02 -6.44 -29.01
C THR A 436 -21.29 -7.06 -29.63
N LYS A 437 -21.24 -8.38 -29.83
CA LYS A 437 -22.36 -9.18 -30.32
C LYS A 437 -23.25 -9.55 -29.16
N SER A 438 -22.77 -10.49 -28.34
CA SER A 438 -23.60 -11.12 -27.32
C SER A 438 -23.69 -10.33 -26.02
N GLY A 439 -23.09 -9.15 -26.00
CA GLY A 439 -22.97 -8.38 -24.76
C GLY A 439 -21.79 -8.80 -23.87
N ARG A 440 -21.55 -10.12 -23.75
CA ARG A 440 -20.49 -10.67 -22.89
C ARG A 440 -19.17 -9.88 -22.85
N SER A 441 -18.85 -9.17 -23.92
CA SER A 441 -17.66 -8.34 -23.86
C SER A 441 -17.91 -7.21 -22.89
N ALA A 442 -18.92 -6.38 -23.15
CA ALA A 442 -19.27 -5.27 -22.26
C ALA A 442 -19.49 -5.75 -20.80
N HIS A 443 -19.99 -6.97 -20.66
CA HIS A 443 -20.15 -7.56 -19.36
C HIS A 443 -18.82 -7.63 -18.63
N GLN A 444 -17.80 -8.17 -19.29
CA GLN A 444 -16.49 -8.33 -18.66
C GLN A 444 -15.91 -7.00 -18.21
N VAL A 445 -15.94 -6.00 -19.09
CA VAL A 445 -15.46 -4.68 -18.71
C VAL A 445 -16.20 -4.23 -17.48
N ALA A 446 -17.50 -4.44 -17.47
CA ALA A 446 -18.31 -4.05 -16.31
C ALA A 446 -17.93 -4.79 -15.02
N ARG A 447 -17.52 -6.06 -15.12
CA ARG A 447 -17.16 -6.83 -13.94
C ARG A 447 -16.13 -6.10 -13.05
N TYR A 448 -15.22 -5.39 -13.70
CA TYR A 448 -14.14 -4.72 -13.01
C TYR A 448 -14.43 -3.27 -12.68
N ARG A 449 -15.69 -2.89 -12.67
CA ARG A 449 -16.11 -1.58 -12.15
C ARG A 449 -15.28 -0.35 -12.58
N PRO A 450 -15.27 -0.01 -13.86
CA PRO A 450 -14.66 1.25 -14.28
C PRO A 450 -15.26 2.44 -13.60
N ARG A 451 -14.52 3.52 -13.53
CA ARG A 451 -15.12 4.77 -13.11
C ARG A 451 -15.94 5.27 -14.26
N ALA A 452 -15.36 5.17 -15.45
CA ALA A 452 -15.95 5.70 -16.69
C ALA A 452 -17.03 4.77 -17.24
N PRO A 453 -17.99 5.34 -17.99
CA PRO A 453 -19.12 4.60 -18.54
C PRO A 453 -18.70 3.65 -19.65
N ILE A 454 -19.25 2.44 -19.65
CA ILE A 454 -19.04 1.50 -20.72
C ILE A 454 -20.15 1.65 -21.75
N ILE A 455 -19.90 2.29 -22.88
CA ILE A 455 -20.91 2.32 -23.93
C ILE A 455 -20.87 1.05 -24.78
N ALA A 456 -21.82 0.14 -24.60
CA ALA A 456 -21.86 -1.08 -25.41
C ALA A 456 -22.56 -0.79 -26.74
N VAL A 457 -21.87 -1.11 -27.85
CA VAL A 457 -22.42 -0.91 -29.19
C VAL A 457 -22.75 -2.26 -29.80
N THR A 458 -24.01 -2.42 -30.19
CA THR A 458 -24.41 -3.70 -30.73
C THR A 458 -25.53 -3.57 -31.77
N ARG A 459 -25.69 -4.64 -32.54
CA ARG A 459 -26.83 -4.70 -33.42
C ARG A 459 -27.84 -5.64 -32.80
N ASN A 460 -27.38 -6.77 -32.26
CA ASN A 460 -28.27 -7.69 -31.57
C ASN A 460 -29.02 -6.93 -30.50
N PRO A 461 -30.30 -6.61 -30.76
CA PRO A 461 -30.99 -5.68 -29.87
C PRO A 461 -31.55 -6.42 -28.64
N GLN A 462 -31.46 -7.74 -28.62
CA GLN A 462 -31.78 -8.42 -27.38
C GLN A 462 -30.63 -8.08 -26.46
N THR A 463 -29.47 -8.67 -26.71
CA THR A 463 -28.28 -8.33 -25.93
C THR A 463 -27.92 -6.87 -26.19
N ALA A 464 -28.67 -5.98 -25.57
CA ALA A 464 -28.66 -4.56 -25.85
C ALA A 464 -29.72 -3.97 -24.97
N ARG A 465 -30.91 -4.56 -25.05
CA ARG A 465 -31.90 -4.38 -24.01
C ARG A 465 -31.32 -5.10 -22.81
N GLN A 466 -30.95 -6.37 -23.03
CA GLN A 466 -30.47 -7.26 -21.99
C GLN A 466 -29.34 -6.64 -21.15
N ALA A 467 -28.51 -5.86 -21.85
CA ALA A 467 -27.44 -5.11 -21.22
C ALA A 467 -27.79 -4.42 -19.90
N HIS A 468 -29.00 -3.86 -19.79
CA HIS A 468 -29.37 -2.98 -18.66
C HIS A 468 -29.20 -3.59 -17.24
N LEU A 469 -29.09 -4.91 -17.11
CA LEU A 469 -28.84 -5.43 -15.78
C LEU A 469 -27.36 -5.38 -15.42
N TYR A 470 -26.67 -4.29 -15.76
CA TYR A 470 -25.23 -4.24 -15.52
C TYR A 470 -24.82 -2.82 -15.17
N ARG A 471 -24.07 -2.69 -14.09
CA ARG A 471 -23.73 -1.36 -13.60
C ARG A 471 -22.88 -0.64 -14.64
N GLY A 472 -23.19 0.62 -14.88
CA GLY A 472 -22.32 1.43 -15.70
C GLY A 472 -22.18 1.10 -17.18
N ILE A 473 -22.93 0.11 -17.66
CA ILE A 473 -23.03 -0.13 -19.09
C ILE A 473 -24.16 0.71 -19.66
N PHE A 474 -23.90 1.51 -20.68
CA PHE A 474 -24.96 2.30 -21.29
C PHE A 474 -25.13 1.83 -22.72
N PRO A 475 -25.98 0.82 -22.94
CA PRO A 475 -26.04 0.14 -24.24
C PRO A 475 -26.77 0.99 -25.26
N VAL A 476 -26.40 0.78 -26.51
CA VAL A 476 -26.80 1.61 -27.64
C VAL A 476 -27.00 0.71 -28.89
N LEU A 477 -28.12 0.90 -29.58
CA LEU A 477 -28.51 0.03 -30.71
C LEU A 477 -28.06 0.57 -32.06
N CYS A 478 -27.29 -0.22 -32.80
CA CYS A 478 -26.92 0.23 -34.13
C CYS A 478 -27.92 -0.27 -35.17
N LYS A 479 -28.50 0.69 -35.89
CA LYS A 479 -29.51 0.40 -36.91
C LYS A 479 -28.95 0.55 -38.33
N ASP A 480 -27.67 0.86 -38.44
CA ASP A 480 -27.01 0.95 -39.74
C ASP A 480 -26.66 -0.43 -40.28
N PRO A 481 -26.97 -0.64 -41.57
CA PRO A 481 -26.75 -1.88 -42.33
C PRO A 481 -25.28 -2.22 -42.33
N VAL A 482 -24.93 -3.48 -42.04
CA VAL A 482 -23.55 -3.92 -41.92
C VAL A 482 -22.76 -3.39 -43.09
N GLN A 483 -21.53 -2.96 -42.86
CA GLN A 483 -20.74 -2.40 -43.96
C GLN A 483 -19.95 -3.45 -44.73
N GLU A 484 -19.58 -3.07 -45.94
CA GLU A 484 -18.93 -3.92 -46.91
C GLU A 484 -17.56 -4.41 -46.43
N ALA A 485 -16.70 -3.44 -46.10
CA ALA A 485 -15.38 -3.70 -45.52
C ALA A 485 -15.45 -3.88 -44.01
N TRP A 486 -14.64 -4.78 -43.45
CA TRP A 486 -14.71 -4.95 -42.00
C TRP A 486 -14.10 -3.80 -41.20
N ALA A 487 -13.19 -3.08 -41.81
CA ALA A 487 -12.67 -1.87 -41.22
C ALA A 487 -13.72 -0.78 -41.31
N GLU A 488 -14.34 -0.64 -42.47
CA GLU A 488 -15.39 0.34 -42.62
C GLU A 488 -16.53 0.10 -41.65
N ASP A 489 -16.83 -1.17 -41.35
CA ASP A 489 -17.95 -1.48 -40.46
C ASP A 489 -17.65 -0.96 -39.06
N VAL A 490 -16.53 -1.45 -38.51
CA VAL A 490 -15.99 -1.01 -37.24
C VAL A 490 -15.97 0.52 -37.14
N ASP A 491 -15.31 1.19 -38.07
CA ASP A 491 -15.23 2.64 -37.97
C ASP A 491 -16.59 3.32 -37.87
N LEU A 492 -17.62 2.72 -38.46
CA LEU A 492 -18.94 3.33 -38.41
C LEU A 492 -19.53 3.24 -37.02
N ARG A 493 -19.46 2.05 -36.45
CA ARG A 493 -20.01 1.80 -35.12
C ARG A 493 -19.27 2.61 -34.05
N VAL A 494 -17.94 2.65 -34.15
CA VAL A 494 -17.16 3.43 -33.19
C VAL A 494 -17.51 4.91 -33.30
N ASN A 495 -17.72 5.39 -34.52
CA ASN A 495 -18.09 6.80 -34.69
C ASN A 495 -19.54 7.07 -34.23
N PHE A 496 -20.28 6.00 -34.03
CA PHE A 496 -21.67 6.09 -33.60
C PHE A 496 -21.69 6.35 -32.10
N ALA A 497 -21.09 5.41 -31.37
CA ALA A 497 -20.86 5.52 -29.95
C ALA A 497 -20.27 6.88 -29.64
N MET A 498 -19.30 7.29 -30.45
CA MET A 498 -18.71 8.60 -30.28
C MET A 498 -19.75 9.71 -30.40
N ASN A 499 -20.68 9.57 -31.33
CA ASN A 499 -21.69 10.60 -31.45
C ASN A 499 -22.81 10.49 -30.40
N VAL A 500 -23.13 9.26 -30.00
CA VAL A 500 -24.07 9.04 -28.90
C VAL A 500 -23.48 9.73 -27.67
N GLY A 501 -22.30 9.25 -27.29
CA GLY A 501 -21.57 9.75 -26.15
C GLY A 501 -21.47 11.25 -26.09
N LYS A 502 -21.25 11.90 -27.23
CA LYS A 502 -21.18 13.34 -27.22
C LYS A 502 -22.50 13.94 -26.77
N ALA A 503 -23.53 13.85 -27.61
CA ALA A 503 -24.80 14.51 -27.33
C ALA A 503 -25.38 14.05 -26.01
N ARG A 504 -25.23 12.76 -25.72
CA ARG A 504 -25.68 12.20 -24.45
C ARG A 504 -24.98 12.83 -23.24
N GLY A 505 -23.84 13.49 -23.43
CA GLY A 505 -23.16 14.20 -22.34
C GLY A 505 -21.82 13.66 -21.82
N PHE A 506 -21.61 12.36 -21.90
CA PHE A 506 -20.41 11.68 -21.38
C PHE A 506 -19.04 12.29 -21.74
N PHE A 507 -18.86 12.75 -22.98
CA PHE A 507 -17.60 13.40 -23.40
C PHE A 507 -17.76 14.54 -24.41
N LYS A 508 -16.67 15.26 -24.65
CA LYS A 508 -16.67 16.39 -25.58
C LYS A 508 -15.50 16.27 -26.54
N LYS A 509 -15.56 17.02 -27.64
CA LYS A 509 -14.50 16.94 -28.64
C LYS A 509 -13.16 17.25 -27.98
N GLY A 510 -12.23 16.33 -28.13
CA GLY A 510 -10.88 16.54 -27.65
C GLY A 510 -10.54 15.55 -26.56
N ASP A 511 -11.56 14.92 -26.00
CA ASP A 511 -11.35 13.99 -24.91
C ASP A 511 -10.69 12.71 -25.39
N VAL A 512 -10.49 11.77 -24.47
CA VAL A 512 -9.84 10.52 -24.80
C VAL A 512 -10.76 9.39 -24.39
N VAL A 513 -10.93 8.39 -25.25
CA VAL A 513 -11.77 7.26 -24.88
C VAL A 513 -11.10 5.94 -25.19
N ILE A 514 -11.46 4.89 -24.47
CA ILE A 514 -10.95 3.57 -24.81
C ILE A 514 -11.89 3.06 -25.88
N VAL A 515 -11.45 2.05 -26.62
CA VAL A 515 -12.24 1.39 -27.68
C VAL A 515 -11.86 -0.10 -27.80
N LEU A 516 -12.82 -0.99 -27.54
CA LEU A 516 -12.63 -2.43 -27.78
C LEU A 516 -13.31 -2.92 -29.07
N THR A 517 -12.56 -3.57 -29.96
CA THR A 517 -13.12 -4.18 -31.16
C THR A 517 -12.45 -5.54 -31.41
N GLY A 518 -12.94 -6.29 -32.37
CA GLY A 518 -12.27 -7.54 -32.72
C GLY A 518 -11.10 -7.17 -33.60
N TRP A 519 -10.23 -8.12 -33.92
CA TRP A 519 -9.11 -7.84 -34.82
C TRP A 519 -9.51 -8.00 -36.27
N ARG A 520 -10.31 -9.03 -36.50
CA ARG A 520 -10.86 -9.35 -37.78
C ARG A 520 -12.29 -9.75 -37.45
N PRO A 521 -13.14 -9.97 -38.46
CA PRO A 521 -14.48 -10.47 -38.13
C PRO A 521 -14.55 -11.99 -37.96
N GLY A 522 -15.50 -12.46 -37.16
CA GLY A 522 -15.69 -13.88 -36.96
C GLY A 522 -14.76 -14.41 -35.88
N SER A 523 -13.96 -13.53 -35.32
CA SER A 523 -13.08 -13.88 -34.21
C SER A 523 -13.92 -14.00 -32.96
N GLY A 524 -13.99 -15.20 -32.40
CA GLY A 524 -14.86 -15.43 -31.25
C GLY A 524 -14.38 -14.72 -29.99
N PHE A 525 -13.99 -13.45 -30.15
CA PHE A 525 -13.17 -12.73 -29.18
C PHE A 525 -13.34 -11.24 -29.40
N THR A 526 -13.45 -10.47 -28.31
CA THR A 526 -13.19 -9.03 -28.41
C THR A 526 -11.89 -8.75 -27.69
N ASN A 527 -10.83 -8.45 -28.46
CA ASN A 527 -9.48 -8.38 -27.91
C ASN A 527 -8.58 -7.34 -28.55
N THR A 528 -9.16 -6.34 -29.20
CA THR A 528 -8.38 -5.18 -29.59
C THR A 528 -8.60 -4.07 -28.56
N MET A 529 -7.55 -3.36 -28.17
CA MET A 529 -7.77 -2.20 -27.34
C MET A 529 -6.97 -1.03 -27.82
N ARG A 530 -7.56 0.15 -27.90
CA ARG A 530 -6.83 1.28 -28.46
C ARG A 530 -7.33 2.65 -28.02
N VAL A 531 -6.42 3.50 -27.56
CA VAL A 531 -6.84 4.77 -26.95
C VAL A 531 -6.85 5.84 -28.00
N VAL A 532 -8.00 6.44 -28.22
CA VAL A 532 -8.22 7.34 -29.35
C VAL A 532 -9.01 8.55 -28.91
N PRO A 533 -8.63 9.73 -29.41
CA PRO A 533 -9.32 10.99 -29.14
C PRO A 533 -10.67 11.07 -29.80
N VAL A 534 -11.60 11.75 -29.14
CA VAL A 534 -12.88 12.09 -29.76
C VAL A 534 -12.62 13.09 -30.88
N PRO A 535 -13.34 12.93 -32.01
CA PRO A 535 -13.31 13.91 -33.09
C PRO A 535 -14.42 14.96 -32.96
N ASP B 28 6.33 -12.11 -3.03
CA ASP B 28 5.30 -12.01 -2.01
C ASP B 28 5.63 -10.95 -0.96
N THR B 29 6.67 -11.22 -0.19
CA THR B 29 7.43 -10.20 0.52
C THR B 29 8.86 -10.40 0.02
N PHE B 30 9.72 -9.41 0.16
CA PHE B 30 11.07 -9.57 -0.37
C PHE B 30 11.81 -10.69 0.34
N LEU B 31 11.63 -10.75 1.65
CA LEU B 31 12.34 -11.69 2.48
C LEU B 31 11.88 -13.12 2.26
N GLU B 32 10.58 -13.29 2.02
CA GLU B 32 10.03 -14.60 1.76
C GLU B 32 10.70 -15.10 0.51
N HIS B 33 10.75 -14.22 -0.49
CA HIS B 33 11.37 -14.49 -1.77
C HIS B 33 12.80 -14.95 -1.58
N MET B 34 13.57 -14.23 -0.77
CA MET B 34 14.93 -14.66 -0.47
C MET B 34 14.97 -16.06 0.14
N CYS B 35 13.92 -16.46 0.82
CA CYS B 35 13.94 -17.75 1.51
C CYS B 35 13.60 -18.88 0.57
N ARG B 36 12.81 -18.58 -0.45
CA ARG B 36 12.37 -19.57 -1.41
C ARG B 36 13.53 -20.14 -2.21
N LEU B 37 14.53 -19.29 -2.48
CA LEU B 37 15.69 -19.61 -3.34
C LEU B 37 16.20 -21.06 -3.20
N ASP B 38 16.31 -21.75 -4.33
CA ASP B 38 16.71 -23.16 -4.28
C ASP B 38 17.86 -23.43 -5.23
N ILE B 39 19.04 -23.73 -4.69
CA ILE B 39 20.19 -23.95 -5.57
C ILE B 39 20.17 -25.30 -6.28
N ASP B 40 19.19 -26.14 -5.95
CA ASP B 40 19.09 -27.41 -6.65
C ASP B 40 18.01 -27.32 -7.72
N SER B 41 17.31 -26.19 -7.75
CA SER B 41 16.31 -25.98 -8.77
C SER B 41 16.88 -25.14 -9.90
N PRO B 42 16.76 -25.66 -11.14
CA PRO B 42 17.32 -25.12 -12.38
C PRO B 42 16.60 -23.87 -12.84
N PRO B 43 17.34 -22.89 -13.38
CA PRO B 43 16.77 -21.61 -13.83
C PRO B 43 15.66 -21.78 -14.84
N ILE B 44 14.62 -20.98 -14.70
CA ILE B 44 13.41 -21.13 -15.50
C ILE B 44 13.01 -19.79 -16.05
N THR B 45 13.97 -18.91 -16.23
CA THR B 45 13.67 -17.56 -16.72
C THR B 45 14.66 -17.18 -17.81
N ALA B 46 14.22 -16.36 -18.76
CA ALA B 46 15.14 -15.82 -19.75
C ALA B 46 16.23 -15.07 -19.01
N ARG B 47 17.47 -15.18 -19.45
CA ARG B 47 18.42 -14.14 -19.05
C ARG B 47 17.86 -12.84 -19.63
N ASN B 48 17.87 -11.75 -18.89
CA ASN B 48 17.32 -10.52 -19.45
C ASN B 48 18.34 -9.39 -19.41
N THR B 49 19.58 -9.79 -19.15
CA THR B 49 20.70 -8.87 -19.15
C THR B 49 21.52 -9.20 -20.38
N GLY B 50 21.60 -8.25 -21.31
CA GLY B 50 22.37 -8.43 -22.52
C GLY B 50 23.86 -8.41 -22.21
N ILE B 51 24.60 -9.35 -22.79
CA ILE B 51 26.05 -9.51 -22.59
C ILE B 51 26.92 -8.73 -23.60
N ILE B 52 27.86 -7.91 -23.12
CA ILE B 52 28.75 -7.17 -24.02
C ILE B 52 30.19 -7.71 -23.95
N CYS B 53 30.73 -8.21 -25.07
CA CYS B 53 32.10 -8.75 -25.07
C CYS B 53 33.13 -7.83 -25.71
N THR B 54 34.33 -7.82 -25.15
CA THR B 54 35.39 -7.02 -25.74
C THR B 54 36.13 -7.91 -26.68
N ILE B 55 36.28 -7.45 -27.92
CA ILE B 55 36.92 -8.25 -28.95
C ILE B 55 38.29 -7.71 -29.38
N GLY B 56 39.26 -8.62 -29.37
CA GLY B 56 40.60 -8.36 -29.86
C GLY B 56 41.23 -9.73 -30.06
N PRO B 57 42.58 -9.79 -30.08
CA PRO B 57 43.43 -10.96 -30.29
C PRO B 57 42.71 -12.30 -30.17
N ALA B 58 42.17 -12.58 -28.99
CA ALA B 58 41.71 -13.93 -28.70
C ALA B 58 40.37 -14.25 -29.36
N SER B 59 39.70 -13.23 -29.87
CA SER B 59 38.29 -13.38 -30.20
C SER B 59 37.81 -13.04 -31.61
N ARG B 60 38.65 -12.45 -32.46
CA ARG B 60 38.16 -11.99 -33.78
C ARG B 60 38.06 -13.04 -34.92
N SER B 61 38.65 -14.23 -34.75
CA SER B 61 38.43 -15.26 -35.73
C SER B 61 36.93 -15.56 -35.89
N VAL B 62 36.33 -15.08 -36.99
CA VAL B 62 35.00 -15.47 -37.44
C VAL B 62 34.47 -16.77 -36.85
N GLU B 63 35.29 -17.82 -36.88
CA GLU B 63 34.90 -19.12 -36.37
C GLU B 63 34.73 -19.16 -34.84
N THR B 64 35.53 -18.37 -34.14
CA THR B 64 35.37 -18.18 -32.70
C THR B 64 34.16 -17.29 -32.45
N LEU B 65 34.16 -16.08 -33.03
CA LEU B 65 33.00 -15.19 -32.99
C LEU B 65 31.69 -15.93 -33.24
N LYS B 66 31.70 -16.91 -34.12
CA LYS B 66 30.50 -17.69 -34.30
C LYS B 66 30.13 -18.36 -32.99
N GLU B 67 31.08 -19.00 -32.31
CA GLU B 67 30.75 -19.78 -31.10
C GLU B 67 30.32 -18.91 -29.92
N MET B 68 30.80 -17.69 -29.91
CA MET B 68 30.40 -16.72 -28.92
C MET B 68 28.98 -16.22 -29.19
N ILE B 69 28.63 -16.01 -30.46
CA ILE B 69 27.26 -15.52 -30.77
C ILE B 69 26.29 -16.58 -30.34
N LYS B 70 26.61 -17.82 -30.68
CA LYS B 70 25.84 -18.97 -30.24
C LYS B 70 25.76 -19.04 -28.72
N SER B 71 26.80 -18.57 -28.03
CA SER B 71 26.89 -18.75 -26.59
C SER B 71 26.40 -17.55 -25.78
N GLY B 72 25.98 -16.48 -26.45
CA GLY B 72 25.31 -15.41 -25.74
C GLY B 72 25.63 -13.99 -26.10
N MET B 73 26.64 -13.73 -26.93
CA MET B 73 27.00 -12.33 -27.21
C MET B 73 25.85 -11.51 -27.82
N ASN B 74 25.90 -10.20 -27.60
CA ASN B 74 24.76 -9.34 -27.88
C ASN B 74 25.27 -8.06 -28.46
N VAL B 75 26.54 -7.80 -28.18
CA VAL B 75 27.17 -6.58 -28.60
C VAL B 75 28.64 -6.93 -28.72
N ALA B 76 29.31 -6.39 -29.75
CA ALA B 76 30.76 -6.50 -29.86
C ALA B 76 31.39 -5.13 -29.57
N ARG B 77 32.23 -5.11 -28.54
CA ARG B 77 32.97 -3.92 -28.19
C ARG B 77 34.26 -3.92 -28.96
N LEU B 78 34.64 -2.74 -29.48
CA LEU B 78 35.96 -2.56 -30.04
C LEU B 78 36.80 -1.60 -29.18
N ASN B 79 37.94 -2.08 -28.69
CA ASN B 79 38.79 -1.25 -27.84
C ASN B 79 39.77 -0.39 -28.64
N PHE B 80 39.43 0.89 -28.83
CA PHE B 80 40.18 1.77 -29.73
C PHE B 80 41.44 2.43 -29.17
N SER B 81 41.88 1.93 -28.02
CA SER B 81 43.13 2.36 -27.45
C SER B 81 44.25 1.69 -28.22
N HIS B 82 43.87 0.74 -29.06
CA HIS B 82 44.81 -0.01 -29.87
C HIS B 82 44.41 -0.01 -31.35
N GLY B 83 45.13 -0.82 -32.12
CA GLY B 83 44.75 -1.14 -33.49
C GLY B 83 44.69 -0.04 -34.53
N THR B 84 45.11 -0.37 -35.75
CA THR B 84 44.94 0.54 -36.87
C THR B 84 43.46 0.53 -37.25
N HIS B 85 43.01 1.55 -38.00
CA HIS B 85 41.63 1.50 -38.50
C HIS B 85 41.35 0.26 -39.31
N GLU B 86 42.32 -0.15 -40.12
CA GLU B 86 42.11 -1.34 -40.94
C GLU B 86 42.13 -2.59 -40.05
N TYR B 87 42.73 -2.48 -38.86
CA TYR B 87 42.67 -3.58 -37.91
C TYR B 87 41.23 -3.76 -37.46
N HIS B 88 40.64 -2.64 -37.08
CA HIS B 88 39.31 -2.65 -36.51
C HIS B 88 38.29 -2.89 -37.59
N ALA B 89 38.41 -2.13 -38.67
CA ALA B 89 37.64 -2.37 -39.87
C ALA B 89 37.45 -3.87 -40.19
N GLU B 90 38.53 -4.64 -40.15
CA GLU B 90 38.43 -6.08 -40.38
C GLU B 90 37.60 -6.71 -39.26
N THR B 91 37.92 -6.37 -38.01
CA THR B 91 37.23 -6.95 -36.85
C THR B 91 35.71 -6.77 -36.93
N ILE B 92 35.26 -5.54 -37.17
CA ILE B 92 33.86 -5.29 -37.48
C ILE B 92 33.35 -6.23 -38.62
N LYS B 93 34.15 -6.45 -39.65
CA LYS B 93 33.64 -7.27 -40.75
C LYS B 93 33.43 -8.71 -40.31
N ASN B 94 34.42 -9.27 -39.62
CA ASN B 94 34.31 -10.66 -39.17
C ASN B 94 33.06 -10.90 -38.33
N VAL B 95 32.70 -9.90 -37.51
CA VAL B 95 31.48 -9.93 -36.71
C VAL B 95 30.28 -10.12 -37.64
N ARG B 96 30.06 -9.18 -38.57
CA ARG B 96 28.88 -9.25 -39.40
C ARG B 96 28.92 -10.48 -40.32
N THR B 97 30.12 -11.01 -40.57
CA THR B 97 30.24 -12.28 -41.27
C THR B 97 29.61 -13.35 -40.43
N ALA B 98 30.02 -13.44 -39.17
CA ALA B 98 29.54 -14.52 -38.33
C ALA B 98 28.08 -14.27 -37.93
N THR B 99 27.69 -13.00 -37.90
CA THR B 99 26.30 -12.67 -37.57
C THR B 99 25.41 -13.37 -38.56
N GLU B 100 25.53 -12.98 -39.84
CA GLU B 100 24.63 -13.45 -40.89
C GLU B 100 24.91 -14.88 -41.31
N SER B 101 25.91 -15.48 -40.68
CA SER B 101 26.19 -16.90 -40.81
C SER B 101 25.00 -17.72 -40.34
N PHE B 102 24.22 -17.13 -39.42
CA PHE B 102 23.05 -17.79 -38.88
C PHE B 102 21.78 -17.34 -39.59
N ALA B 103 21.85 -16.19 -40.27
CA ALA B 103 20.67 -15.65 -40.95
C ALA B 103 20.09 -16.61 -41.99
N SER B 104 20.81 -17.70 -42.25
CA SER B 104 20.36 -18.76 -43.16
C SER B 104 19.03 -19.38 -42.71
N ASP B 105 18.73 -19.21 -41.43
CA ASP B 105 17.42 -19.54 -40.88
C ASP B 105 17.03 -18.37 -39.98
N PRO B 106 15.85 -18.42 -39.36
CA PRO B 106 15.56 -17.64 -38.15
C PRO B 106 15.24 -18.50 -36.92
N ILE B 107 16.26 -18.95 -36.17
CA ILE B 107 16.11 -19.75 -34.95
C ILE B 107 17.33 -19.57 -34.04
N LEU B 108 18.52 -19.66 -34.62
CA LEU B 108 19.77 -19.31 -33.93
C LEU B 108 20.15 -17.87 -34.23
N GLU B 109 19.42 -17.25 -35.15
CA GLU B 109 19.81 -15.92 -35.58
C GLU B 109 19.48 -14.84 -34.58
N ARG B 110 20.52 -14.20 -34.05
CA ARG B 110 20.33 -13.09 -33.12
C ARG B 110 20.95 -11.86 -33.74
N PRO B 111 20.37 -10.68 -33.51
CA PRO B 111 21.02 -9.48 -34.04
C PRO B 111 22.19 -8.96 -33.25
N VAL B 112 23.38 -9.57 -33.34
CA VAL B 112 24.62 -9.01 -32.76
C VAL B 112 24.82 -7.54 -33.14
N ALA B 113 25.37 -6.75 -32.23
CA ALA B 113 25.44 -5.32 -32.45
C ALA B 113 26.88 -4.93 -32.30
N VAL B 114 27.23 -3.72 -32.72
CA VAL B 114 28.64 -3.30 -32.73
C VAL B 114 28.83 -2.00 -31.98
N ALA B 115 29.78 -2.00 -31.05
CA ALA B 115 29.98 -0.83 -30.20
C ALA B 115 31.41 -0.32 -30.23
N LEU B 116 31.53 0.99 -30.43
CA LEU B 116 32.82 1.62 -30.57
C LEU B 116 33.23 2.32 -29.28
N ASP B 117 34.32 1.83 -28.70
CA ASP B 117 34.80 2.37 -27.42
C ASP B 117 35.99 3.28 -27.60
N THR B 118 35.76 4.59 -27.61
CA THR B 118 36.86 5.55 -27.77
C THR B 118 37.91 5.32 -26.68
N LYS B 119 39.17 5.67 -27.00
CA LYS B 119 40.31 5.57 -26.09
C LYS B 119 40.27 6.75 -25.12
N GLY B 120 39.76 7.88 -25.62
CA GLY B 120 39.53 9.04 -24.80
C GLY B 120 40.78 9.68 -24.23
N PRO B 121 40.63 10.88 -23.64
CA PRO B 121 41.72 11.63 -23.02
C PRO B 121 42.45 10.79 -22.01
N GLU B 122 43.76 10.99 -21.94
CA GLU B 122 44.61 10.27 -21.01
C GLU B 122 45.77 11.16 -20.59
N ILE B 123 46.25 11.00 -19.36
CA ILE B 123 47.51 11.64 -18.95
C ILE B 123 48.55 10.58 -18.59
N ARG B 124 49.70 10.61 -19.25
CA ARG B 124 50.70 9.58 -19.02
C ARG B 124 52.10 10.12 -18.74
N THR B 125 53.00 9.22 -18.35
CA THR B 125 54.35 9.59 -17.96
C THR B 125 55.38 8.97 -18.91
N GLY B 126 56.48 9.69 -19.17
CA GLY B 126 57.49 9.25 -20.14
C GLY B 126 58.18 7.91 -19.92
N LEU B 127 59.13 7.58 -20.80
CA LEU B 127 59.92 6.35 -20.67
C LEU B 127 60.98 6.53 -19.59
N ILE B 128 61.23 5.49 -18.79
CA ILE B 128 62.23 5.57 -17.74
C ILE B 128 63.64 5.58 -18.35
N LYS B 129 64.16 6.80 -18.54
CA LYS B 129 65.45 7.07 -19.16
C LYS B 129 65.76 6.20 -20.40
N ALA B 134 61.95 -2.17 -18.06
CA ALA B 134 62.25 -0.81 -18.47
C ALA B 134 61.85 0.27 -17.44
N GLU B 135 62.26 0.10 -16.18
CA GLU B 135 61.78 1.00 -15.09
C GLU B 135 62.68 1.15 -13.85
N VAL B 136 62.19 1.96 -12.89
CA VAL B 136 62.89 2.23 -11.62
C VAL B 136 61.97 2.19 -10.40
N GLU B 137 62.59 2.25 -9.22
CA GLU B 137 61.93 2.67 -7.98
C GLU B 137 62.98 3.03 -6.92
N LYS B 140 59.19 5.66 -1.40
CA LYS B 140 58.40 5.59 -0.17
C LYS B 140 58.74 6.69 0.85
N GLY B 141 57.90 7.72 0.90
CA GLY B 141 58.15 8.88 1.74
C GLY B 141 59.01 9.93 1.06
N ALA B 142 59.74 9.50 0.03
CA ALA B 142 60.69 10.34 -0.71
C ALA B 142 60.01 11.52 -1.43
N THR B 143 60.81 12.49 -1.87
CA THR B 143 60.27 13.69 -2.51
C THR B 143 60.53 13.72 -4.03
N LEU B 144 59.45 13.81 -4.82
CA LEU B 144 59.54 13.66 -6.28
C LEU B 144 59.12 14.91 -7.08
N LYS B 145 59.80 15.12 -8.20
CA LYS B 145 59.58 16.31 -9.03
C LYS B 145 58.85 16.00 -10.34
N ILE B 146 57.83 16.79 -10.63
CA ILE B 146 57.07 16.66 -11.86
C ILE B 146 57.47 17.80 -12.80
N THR B 147 57.64 17.48 -14.08
CA THR B 147 58.00 18.51 -15.07
C THR B 147 57.08 18.54 -16.27
N LEU B 148 56.78 19.73 -16.75
CA LEU B 148 56.08 19.90 -18.01
C LEU B 148 57.11 19.93 -19.12
N ASP B 149 58.37 20.11 -18.72
CA ASP B 149 59.49 20.32 -19.63
C ASP B 149 59.69 19.14 -20.59
N ASN B 150 59.33 19.38 -21.85
CA ASN B 150 59.34 18.36 -22.91
C ASN B 150 60.70 17.72 -23.17
N ALA B 151 61.79 18.42 -22.83
CA ALA B 151 63.13 17.87 -23.02
C ALA B 151 63.34 16.63 -22.17
N TYR B 152 62.61 16.58 -21.05
CA TYR B 152 62.70 15.49 -20.09
C TYR B 152 61.78 14.33 -20.44
N MET B 153 61.22 14.35 -21.66
CA MET B 153 60.23 13.36 -22.09
C MET B 153 60.70 11.90 -21.93
N GLU B 154 61.83 11.57 -22.55
CA GLU B 154 62.38 10.22 -22.53
C GLU B 154 63.36 10.06 -21.38
N LYS B 155 63.36 11.03 -20.47
CA LYS B 155 64.35 11.13 -19.40
C LYS B 155 63.71 11.02 -18.01
N CYS B 156 63.05 9.89 -17.74
CA CYS B 156 62.33 9.68 -16.48
C CYS B 156 63.07 8.77 -15.49
N ASP B 157 62.93 9.06 -14.20
CA ASP B 157 63.58 8.28 -13.14
C ASP B 157 63.08 8.70 -11.77
N GLU B 158 63.48 7.97 -10.73
CA GLU B 158 62.95 8.17 -9.37
C GLU B 158 63.34 9.50 -8.70
N ASN B 159 63.21 10.59 -9.45
CA ASN B 159 63.58 11.92 -8.97
C ASN B 159 62.90 12.99 -9.79
N ILE B 160 62.72 12.68 -11.08
CA ILE B 160 62.05 13.57 -12.02
C ILE B 160 61.05 12.79 -12.88
N LEU B 161 59.85 13.36 -13.05
CA LEU B 161 58.77 12.70 -13.78
C LEU B 161 58.01 13.66 -14.72
N TRP B 162 57.81 13.23 -15.97
CA TRP B 162 57.16 14.05 -16.99
C TRP B 162 55.74 13.57 -17.32
N LEU B 163 54.85 14.51 -17.64
CA LEU B 163 53.48 14.18 -18.03
C LEU B 163 52.85 15.18 -19.02
N ASP B 164 52.06 14.66 -19.97
CA ASP B 164 51.46 15.47 -21.04
C ASP B 164 50.73 16.69 -20.52
N TYR B 165 49.63 16.42 -19.83
CA TYR B 165 48.73 17.44 -19.31
C TYR B 165 49.46 18.74 -18.95
N LYS B 166 49.37 19.71 -19.85
CA LYS B 166 50.12 20.95 -19.72
C LYS B 166 49.63 21.82 -18.56
N ASN B 167 48.33 21.78 -18.30
CA ASN B 167 47.75 22.57 -17.20
C ASN B 167 47.68 21.86 -15.86
N ILE B 168 48.53 20.86 -15.64
CA ILE B 168 48.43 20.03 -14.44
C ILE B 168 48.51 20.89 -13.18
N CYS B 169 49.38 21.91 -13.22
CA CYS B 169 49.56 22.82 -12.12
C CYS B 169 48.39 23.79 -12.00
N LYS B 170 47.62 23.94 -13.08
CA LYS B 170 46.54 24.91 -13.12
C LYS B 170 45.27 24.47 -12.37
N VAL B 171 45.13 23.18 -12.11
CA VAL B 171 43.95 22.65 -11.42
C VAL B 171 44.28 22.01 -10.07
N VAL B 172 45.39 22.42 -9.48
CA VAL B 172 45.90 21.82 -8.25
C VAL B 172 46.21 22.92 -7.22
N GLU B 173 46.17 22.56 -5.93
CA GLU B 173 46.67 23.41 -4.86
C GLU B 173 47.80 22.67 -4.16
N VAL B 174 48.32 23.20 -3.06
CA VAL B 174 49.30 22.43 -2.30
C VAL B 174 48.58 21.43 -1.38
N GLY B 175 48.74 20.14 -1.68
CA GLY B 175 48.11 19.10 -0.89
C GLY B 175 46.96 18.40 -1.60
N SER B 176 46.97 18.42 -2.94
CA SER B 176 46.02 17.65 -3.76
C SER B 176 46.63 16.30 -4.09
N LYS B 177 45.86 15.23 -3.93
CA LYS B 177 46.38 13.91 -4.23
C LYS B 177 46.56 13.71 -5.74
N ILE B 178 47.60 12.97 -6.11
CA ILE B 178 47.80 12.57 -7.51
C ILE B 178 48.11 11.09 -7.60
N TYR B 179 47.20 10.35 -8.23
CA TYR B 179 47.37 8.90 -8.37
C TYR B 179 48.07 8.58 -9.68
N VAL B 180 48.77 7.44 -9.71
CA VAL B 180 49.68 7.12 -10.80
C VAL B 180 49.79 5.61 -11.01
N ASP B 181 49.57 5.18 -12.25
CA ASP B 181 49.75 3.77 -12.65
C ASP B 181 48.83 2.83 -11.89
N ASP B 182 47.57 2.77 -12.30
CA ASP B 182 46.55 1.93 -11.66
C ASP B 182 46.50 2.21 -10.17
N GLY B 183 46.41 3.50 -9.82
CA GLY B 183 46.35 3.93 -8.43
C GLY B 183 47.48 3.48 -7.52
N LEU B 184 48.43 2.72 -8.06
CA LEU B 184 49.51 2.09 -7.31
C LEU B 184 50.43 3.06 -6.54
N ILE B 185 50.36 4.35 -6.87
CA ILE B 185 51.26 5.34 -6.29
C ILE B 185 50.52 6.66 -6.06
N SER B 186 49.85 6.82 -4.94
CA SER B 186 49.28 8.12 -4.64
C SER B 186 50.42 9.10 -4.32
N LEU B 187 50.18 10.39 -4.54
CA LEU B 187 51.16 11.43 -4.21
C LEU B 187 50.41 12.72 -3.88
N GLN B 188 50.91 13.51 -2.92
CA GLN B 188 50.34 14.83 -2.64
C GLN B 188 51.06 15.88 -3.47
N VAL B 189 51.10 17.11 -3.00
CA VAL B 189 51.87 18.17 -3.63
C VAL B 189 52.28 19.22 -2.60
N LYS B 190 53.57 19.24 -2.28
CA LYS B 190 54.05 20.20 -1.31
C LYS B 190 54.10 21.62 -1.89
N GLN B 191 54.49 21.76 -3.15
CA GLN B 191 54.54 23.08 -3.79
C GLN B 191 54.48 23.01 -5.32
N LYS B 192 53.85 24.03 -5.91
CA LYS B 192 53.80 24.17 -7.36
C LYS B 192 53.88 25.63 -7.80
N GLY B 193 54.47 25.87 -8.96
CA GLY B 193 54.61 27.21 -9.48
C GLY B 193 54.08 27.36 -10.89
N ALA B 194 54.90 26.95 -11.86
CA ALA B 194 54.54 27.13 -13.27
C ALA B 194 54.68 25.85 -14.09
N ASP B 195 55.87 25.28 -14.11
CA ASP B 195 56.13 24.11 -14.95
C ASP B 195 56.71 22.97 -14.14
N PHE B 196 56.37 22.94 -12.86
CA PHE B 196 56.93 21.94 -11.96
C PHE B 196 56.04 21.70 -10.75
N LEU B 197 56.04 20.44 -10.30
CA LEU B 197 55.39 20.03 -9.07
C LEU B 197 56.38 19.18 -8.28
N VAL B 198 56.65 19.60 -7.04
CA VAL B 198 57.46 18.78 -6.14
C VAL B 198 56.53 18.21 -5.08
N THR B 199 56.72 16.93 -4.77
CA THR B 199 55.76 16.23 -3.95
C THR B 199 56.31 15.01 -3.26
N GLU B 200 55.52 14.49 -2.31
CA GLU B 200 55.88 13.34 -1.51
C GLU B 200 55.26 12.04 -2.01
N VAL B 201 56.06 11.00 -2.09
CA VAL B 201 55.56 9.63 -2.26
C VAL B 201 54.62 9.33 -1.08
N GLU B 202 53.66 8.44 -1.29
CA GLU B 202 52.90 7.85 -0.19
C GLU B 202 52.93 6.36 -0.43
N ASN B 203 51.89 5.85 -1.09
CA ASN B 203 51.91 4.47 -1.57
C ASN B 203 53.04 4.30 -2.60
N GLY B 204 53.75 3.18 -2.50
CA GLY B 204 54.89 2.93 -3.37
C GLY B 204 54.91 1.54 -3.97
N GLY B 205 55.99 1.24 -4.68
CA GLY B 205 56.12 -0.02 -5.38
C GLY B 205 56.60 0.22 -6.80
N SER B 206 57.02 -0.85 -7.46
CA SER B 206 57.65 -0.80 -8.79
C SER B 206 56.99 0.11 -9.84
N LEU B 207 57.59 1.28 -10.07
CA LEU B 207 57.16 2.19 -11.13
C LEU B 207 57.38 1.57 -12.51
N GLY B 208 56.78 2.17 -13.53
CA GLY B 208 57.03 1.79 -14.90
C GLY B 208 57.11 3.02 -15.79
N SER B 209 56.83 2.85 -17.08
CA SER B 209 56.84 3.95 -18.02
C SER B 209 55.56 3.96 -18.85
N LYS B 210 55.25 5.12 -19.43
CA LYS B 210 53.99 5.34 -20.14
C LYS B 210 52.78 4.82 -19.35
N LYS B 211 52.76 5.17 -18.07
CA LYS B 211 51.71 4.74 -17.14
C LYS B 211 50.79 5.90 -16.80
N GLY B 212 49.49 5.62 -16.72
CA GLY B 212 48.50 6.66 -16.56
C GLY B 212 48.53 7.40 -15.23
N VAL B 213 48.04 8.63 -15.23
CA VAL B 213 47.94 9.40 -14.00
C VAL B 213 46.55 10.02 -13.82
N ASN B 214 46.18 10.24 -12.56
CA ASN B 214 44.85 10.72 -12.21
C ASN B 214 44.89 11.86 -11.20
N LEU B 215 43.91 12.76 -11.32
CA LEU B 215 43.85 13.93 -10.44
C LEU B 215 42.50 14.02 -9.70
N PRO B 216 42.31 13.16 -8.69
CA PRO B 216 41.01 13.17 -7.99
C PRO B 216 40.98 14.25 -6.93
N GLY B 217 39.95 15.09 -6.96
CA GLY B 217 39.00 15.12 -8.05
C GLY B 217 38.96 16.55 -8.53
N ALA B 218 39.69 16.84 -9.60
CA ALA B 218 39.80 18.21 -10.09
C ALA B 218 39.08 18.38 -11.43
N ALA B 219 38.56 19.57 -11.67
CA ALA B 219 37.98 19.90 -12.98
C ALA B 219 39.06 19.78 -14.05
N VAL B 220 39.32 18.55 -14.50
CA VAL B 220 40.43 18.28 -15.42
C VAL B 220 40.22 18.96 -16.79
N ASP B 221 41.30 19.47 -17.39
CA ASP B 221 41.24 20.21 -18.64
C ASP B 221 40.77 19.37 -19.83
N LEU B 222 39.82 19.94 -20.55
CA LEU B 222 39.41 19.44 -21.85
C LEU B 222 40.63 19.44 -22.81
N PRO B 223 40.45 19.09 -24.11
CA PRO B 223 39.30 18.71 -24.95
C PRO B 223 38.60 17.46 -24.46
N ALA B 224 37.28 17.48 -24.50
CA ALA B 224 36.50 16.30 -24.19
C ALA B 224 36.94 15.21 -25.15
N VAL B 225 36.77 15.48 -26.44
CA VAL B 225 37.15 14.56 -27.52
C VAL B 225 38.58 14.84 -27.96
N SER B 226 39.42 13.81 -27.94
CA SER B 226 40.80 13.97 -28.40
C SER B 226 40.88 14.07 -29.91
N GLU B 227 42.07 14.32 -30.44
CA GLU B 227 42.22 14.31 -31.88
C GLU B 227 41.98 12.90 -32.40
N LYS B 228 42.56 11.91 -31.74
CA LYS B 228 42.37 10.51 -32.14
C LYS B 228 40.90 10.14 -32.03
N ASP B 229 40.23 10.71 -31.05
CA ASP B 229 38.82 10.43 -30.79
C ASP B 229 37.97 10.82 -31.99
N ILE B 230 38.21 12.02 -32.52
CA ILE B 230 37.45 12.47 -33.68
C ILE B 230 37.67 11.57 -34.91
N GLN B 231 38.89 11.07 -35.08
CA GLN B 231 39.19 10.20 -36.22
C GLN B 231 38.45 8.88 -36.07
N ASP B 232 38.39 8.39 -34.84
CA ASP B 232 37.76 7.11 -34.55
C ASP B 232 36.24 7.21 -34.54
N LEU B 233 35.74 8.38 -34.14
CA LEU B 233 34.31 8.65 -34.21
C LEU B 233 33.87 8.77 -35.66
N LYS B 234 34.75 9.33 -36.48
CA LYS B 234 34.50 9.45 -37.92
C LYS B 234 34.42 8.05 -38.56
N PHE B 235 35.43 7.23 -38.30
CA PHE B 235 35.48 5.85 -38.76
C PHE B 235 34.29 5.09 -38.24
N GLY B 236 33.83 5.48 -37.05
CA GLY B 236 32.66 4.86 -36.46
C GLY B 236 31.43 5.10 -37.32
N VAL B 237 31.14 6.37 -37.57
CA VAL B 237 30.00 6.73 -38.38
C VAL B 237 30.05 6.02 -39.71
N GLU B 238 31.25 6.00 -40.31
CA GLU B 238 31.47 5.37 -41.62
C GLU B 238 31.17 3.88 -41.61
N GLN B 239 31.78 3.15 -40.69
CA GLN B 239 31.55 1.71 -40.60
C GLN B 239 30.17 1.32 -40.00
N ASP B 240 29.32 2.32 -39.79
CA ASP B 240 27.95 2.11 -39.33
C ASP B 240 27.90 1.24 -38.11
N VAL B 241 28.42 1.78 -37.02
CA VAL B 241 28.34 1.13 -35.72
C VAL B 241 26.98 1.52 -35.11
N ASP B 242 26.59 0.82 -34.05
CA ASP B 242 25.28 1.05 -33.44
C ASP B 242 25.32 2.05 -32.27
N MET B 243 26.44 2.07 -31.55
CA MET B 243 26.56 2.89 -30.36
C MET B 243 28.04 3.19 -30.09
N VAL B 244 28.29 4.39 -29.54
CA VAL B 244 29.62 4.72 -29.03
C VAL B 244 29.67 4.82 -27.49
N PHE B 245 30.73 4.27 -26.93
CA PHE B 245 30.99 4.32 -25.50
C PHE B 245 32.01 5.43 -25.25
N ALA B 246 31.55 6.67 -25.17
CA ALA B 246 32.44 7.81 -24.95
C ALA B 246 33.18 7.73 -23.61
N SER B 247 34.51 7.66 -23.65
CA SER B 247 35.31 7.55 -22.43
C SER B 247 35.44 8.88 -21.67
N PHE B 248 35.68 8.80 -20.36
CA PHE B 248 35.96 9.97 -19.52
C PHE B 248 35.02 11.15 -19.75
N ILE B 249 33.77 11.00 -19.32
CA ILE B 249 32.77 12.05 -19.47
C ILE B 249 32.58 12.71 -18.13
N ARG B 250 32.67 14.03 -18.10
CA ARG B 250 32.79 14.74 -16.83
C ARG B 250 31.82 15.90 -16.73
N LYS B 251 31.02 16.11 -17.76
CA LYS B 251 29.99 17.16 -17.74
C LYS B 251 29.06 17.01 -18.94
N ALA B 252 28.03 17.85 -19.00
CA ALA B 252 27.10 17.79 -20.12
C ALA B 252 27.79 18.23 -21.42
N SER B 253 28.56 19.31 -21.33
CA SER B 253 29.34 19.83 -22.44
C SER B 253 30.06 18.69 -23.10
N ASP B 254 30.82 17.95 -22.30
CA ASP B 254 31.52 16.76 -22.77
C ASP B 254 30.66 15.81 -23.60
N VAL B 255 29.40 15.62 -23.20
CA VAL B 255 28.54 14.74 -23.96
C VAL B 255 28.23 15.38 -25.29
N HIS B 256 27.79 16.63 -25.25
CA HIS B 256 27.38 17.34 -26.46
C HIS B 256 28.47 17.45 -27.51
N GLU B 257 29.72 17.53 -27.08
CA GLU B 257 30.85 17.52 -28.02
C GLU B 257 30.83 16.23 -28.85
N VAL B 258 30.74 15.09 -28.17
CA VAL B 258 30.68 13.79 -28.85
C VAL B 258 29.48 13.74 -29.79
N ARG B 259 28.40 14.42 -29.41
CA ARG B 259 27.18 14.32 -30.17
C ARG B 259 27.27 15.13 -31.45
N LYS B 260 27.75 16.38 -31.33
CA LYS B 260 27.96 17.25 -32.47
C LYS B 260 29.03 16.69 -33.41
N VAL B 261 30.04 16.03 -32.85
CA VAL B 261 31.05 15.36 -33.68
C VAL B 261 30.41 14.25 -34.50
N LEU B 262 29.67 13.35 -33.87
CA LEU B 262 28.94 12.33 -34.61
C LEU B 262 28.04 13.00 -35.65
N GLY B 263 27.62 14.22 -35.35
CA GLY B 263 26.89 15.07 -36.28
C GLY B 263 25.63 14.50 -36.91
N GLU B 264 24.96 15.31 -37.75
CA GLU B 264 23.72 14.92 -38.42
C GLU B 264 23.78 13.53 -39.07
N LYS B 265 24.97 13.12 -39.47
CA LYS B 265 25.12 11.82 -40.10
C LYS B 265 24.94 10.68 -39.11
N GLY B 266 25.35 10.89 -37.87
CA GLY B 266 25.29 9.84 -36.86
C GLY B 266 24.19 10.04 -35.81
N LYS B 267 23.21 10.88 -36.13
CA LYS B 267 22.18 11.31 -35.19
C LYS B 267 21.43 10.15 -34.51
N ASN B 268 21.61 8.91 -34.99
CA ASN B 268 21.00 7.75 -34.33
C ASN B 268 22.01 6.82 -33.69
N ILE B 269 23.27 7.23 -33.61
CA ILE B 269 24.21 6.42 -32.89
C ILE B 269 24.04 6.77 -31.42
N LYS B 270 23.80 5.73 -30.60
CA LYS B 270 23.53 5.92 -29.18
C LYS B 270 24.83 6.25 -28.45
N ILE B 271 24.83 7.34 -27.69
CA ILE B 271 25.99 7.66 -26.86
C ILE B 271 25.83 7.12 -25.41
N ILE B 272 26.77 6.29 -25.00
CA ILE B 272 26.82 5.76 -23.66
C ILE B 272 28.00 6.38 -22.91
N SER B 273 27.80 7.50 -22.20
CA SER B 273 28.89 8.12 -21.47
C SER B 273 29.47 7.15 -20.45
N LYS B 274 30.80 7.00 -20.45
CA LYS B 274 31.48 6.24 -19.40
C LYS B 274 31.64 7.18 -18.24
N ILE B 275 31.52 6.64 -17.03
CA ILE B 275 31.78 7.39 -15.82
C ILE B 275 32.95 6.69 -15.18
N GLU B 276 34.08 7.38 -15.10
CA GLU B 276 35.31 6.72 -14.66
C GLU B 276 35.98 7.50 -13.52
N ASN B 277 35.53 8.71 -13.28
CA ASN B 277 36.12 9.49 -12.21
C ASN B 277 35.13 10.07 -11.19
N HIS B 278 35.67 10.79 -10.20
CA HIS B 278 34.82 11.41 -9.20
C HIS B 278 33.88 12.41 -9.84
N GLU B 279 34.42 13.33 -10.64
CA GLU B 279 33.60 14.44 -11.13
C GLU B 279 32.39 13.98 -11.93
N GLY B 280 32.52 12.82 -12.57
CA GLY B 280 31.41 12.26 -13.33
C GLY B 280 30.26 11.97 -12.40
N VAL B 281 30.53 11.19 -11.37
CA VAL B 281 29.59 11.00 -10.27
C VAL B 281 29.07 12.34 -9.74
N ARG B 282 29.95 13.32 -9.60
CA ARG B 282 29.52 14.60 -9.04
C ARG B 282 28.45 15.24 -9.91
N ARG B 283 28.65 15.22 -11.21
CA ARG B 283 27.71 15.91 -12.07
C ARG B 283 26.82 14.92 -12.82
N PHE B 284 26.73 13.71 -12.27
CA PHE B 284 26.05 12.59 -12.94
C PHE B 284 24.63 12.90 -13.43
N ASP B 285 23.95 13.85 -12.81
CA ASP B 285 22.58 14.15 -13.23
C ASP B 285 22.49 14.69 -14.66
N GLU B 286 23.27 15.73 -14.95
CA GLU B 286 23.27 16.32 -16.28
C GLU B 286 23.89 15.37 -17.30
N ILE B 287 24.87 14.58 -16.86
CA ILE B 287 25.51 13.59 -17.73
C ILE B 287 24.50 12.55 -18.19
N LEU B 288 23.53 12.25 -17.34
CA LEU B 288 22.53 11.22 -17.65
C LEU B 288 21.47 11.67 -18.67
N GLU B 289 21.13 12.95 -18.69
CA GLU B 289 20.10 13.39 -19.61
C GLU B 289 20.64 13.77 -21.00
N ALA B 290 21.94 14.06 -21.06
CA ALA B 290 22.58 14.35 -22.33
C ALA B 290 22.95 13.05 -23.02
N SER B 291 23.26 12.04 -22.22
CA SER B 291 23.62 10.76 -22.78
C SER B 291 22.38 9.96 -23.17
N ASP B 292 22.59 8.86 -23.87
CA ASP B 292 21.52 7.98 -24.25
C ASP B 292 21.61 6.85 -23.27
N GLY B 293 22.76 6.78 -22.58
CA GLY B 293 23.08 5.68 -21.70
C GLY B 293 24.32 5.88 -20.83
N ILE B 294 24.53 4.97 -19.89
CA ILE B 294 25.61 5.13 -18.94
C ILE B 294 26.40 3.83 -18.80
N MET B 295 27.71 3.98 -18.65
CA MET B 295 28.57 2.87 -18.31
C MET B 295 29.23 3.19 -16.98
N VAL B 296 29.16 2.22 -16.07
CA VAL B 296 29.85 2.34 -14.82
C VAL B 296 31.16 1.61 -14.99
N ALA B 297 32.24 2.39 -15.09
CA ALA B 297 33.59 1.85 -15.11
C ALA B 297 34.05 1.62 -13.67
N ARG B 298 33.81 0.42 -13.15
CA ARG B 298 34.08 0.19 -11.72
C ARG B 298 35.55 0.41 -11.33
N GLY B 299 36.47 -0.29 -12.00
CA GLY B 299 37.88 -0.20 -11.65
C GLY B 299 38.48 1.20 -11.78
N ASP B 300 38.06 1.92 -12.80
CA ASP B 300 38.53 3.27 -13.00
C ASP B 300 37.93 4.15 -11.93
N LEU B 301 36.71 3.81 -11.50
CA LEU B 301 36.09 4.51 -10.39
C LEU B 301 36.90 4.20 -9.13
N GLY B 302 37.32 2.95 -9.01
CA GLY B 302 38.04 2.49 -7.84
C GLY B 302 39.39 3.13 -7.57
N ILE B 303 39.89 3.93 -8.49
CA ILE B 303 41.20 4.48 -8.29
C ILE B 303 41.13 5.92 -7.78
N GLU B 304 40.04 6.62 -8.10
CA GLU B 304 39.85 8.00 -7.65
C GLU B 304 38.95 8.15 -6.42
N ILE B 305 38.11 7.15 -6.14
CA ILE B 305 37.25 7.15 -4.97
C ILE B 305 37.36 5.81 -4.25
N PRO B 306 37.34 5.84 -2.91
CA PRO B 306 37.74 4.72 -2.05
C PRO B 306 36.93 3.43 -2.22
N ALA B 307 37.55 2.31 -1.88
CA ALA B 307 36.92 1.00 -2.07
C ALA B 307 35.65 0.87 -1.25
N GLU B 308 35.53 1.67 -0.21
CA GLU B 308 34.38 1.57 0.68
C GLU B 308 33.21 2.37 0.14
N LYS B 309 33.47 3.22 -0.86
CA LYS B 309 32.42 4.09 -1.38
C LYS B 309 31.98 3.77 -2.80
N VAL B 310 32.74 2.93 -3.49
CA VAL B 310 32.46 2.72 -4.89
C VAL B 310 31.08 2.09 -5.09
N PHE B 311 30.81 0.99 -4.38
CA PHE B 311 29.55 0.27 -4.54
C PHE B 311 28.33 1.16 -4.30
N LEU B 312 28.49 2.22 -3.52
CA LEU B 312 27.41 3.17 -3.35
C LEU B 312 27.26 3.91 -4.66
N ALA B 313 28.37 4.38 -5.20
CA ALA B 313 28.34 5.08 -6.48
C ALA B 313 27.73 4.21 -7.57
N GLN B 314 28.01 2.90 -7.56
CA GLN B 314 27.41 2.01 -8.56
C GLN B 314 25.90 1.96 -8.45
N LYS B 315 25.42 1.47 -7.31
CA LYS B 315 24.00 1.39 -7.00
C LYS B 315 23.29 2.72 -7.29
N MET B 316 24.00 3.82 -7.01
CA MET B 316 23.43 5.15 -7.16
C MET B 316 23.17 5.42 -8.62
N MET B 317 24.12 5.02 -9.46
CA MET B 317 24.07 5.37 -10.86
C MET B 317 23.09 4.46 -11.54
N ILE B 318 23.23 3.16 -11.32
CA ILE B 318 22.24 2.23 -11.84
C ILE B 318 20.86 2.68 -11.42
N GLY B 319 20.74 3.10 -10.17
CA GLY B 319 19.44 3.43 -9.63
C GLY B 319 18.82 4.57 -10.38
N ARG B 320 19.58 5.64 -10.58
CA ARG B 320 19.05 6.84 -11.19
C ARG B 320 18.72 6.57 -12.65
N CYS B 321 19.32 5.53 -13.20
CA CYS B 321 19.13 5.27 -14.60
C CYS B 321 17.82 4.55 -14.85
N ASN B 322 17.46 3.62 -13.96
CA ASN B 322 16.18 2.92 -14.12
C ASN B 322 15.05 3.92 -14.00
N ARG B 323 15.32 4.94 -13.21
CA ARG B 323 14.35 5.98 -13.01
C ARG B 323 14.28 6.84 -14.25
N ALA B 324 15.31 6.76 -15.09
CA ALA B 324 15.39 7.64 -16.26
C ALA B 324 15.01 6.94 -17.55
N GLY B 325 14.72 5.65 -17.48
CA GLY B 325 14.47 4.87 -18.66
C GLY B 325 15.79 4.36 -19.20
N LYS B 326 16.74 5.30 -19.40
CA LYS B 326 18.08 5.07 -19.98
C LYS B 326 18.86 3.81 -19.54
N PRO B 327 19.58 3.18 -20.49
CA PRO B 327 20.33 1.95 -20.20
C PRO B 327 21.64 2.15 -19.43
N VAL B 328 22.01 1.10 -18.70
CA VAL B 328 23.13 1.17 -17.80
C VAL B 328 23.94 -0.11 -17.97
N ILE B 329 25.21 0.09 -18.23
CA ILE B 329 26.11 -1.02 -18.50
C ILE B 329 27.15 -1.11 -17.40
N CYS B 330 27.33 -2.31 -16.85
CA CYS B 330 28.33 -2.48 -15.82
C CYS B 330 29.58 -3.10 -16.37
N ALA B 331 30.70 -2.38 -16.26
CA ALA B 331 31.96 -2.84 -16.85
C ALA B 331 33.09 -2.87 -15.83
N THR B 332 34.12 -3.64 -16.15
CA THR B 332 35.37 -3.75 -15.36
C THR B 332 35.31 -4.82 -14.27
N GLN B 333 36.47 -5.40 -13.97
CA GLN B 333 36.64 -6.39 -12.90
C GLN B 333 35.84 -7.69 -13.04
N MET B 334 34.75 -7.68 -13.79
CA MET B 334 33.82 -8.82 -13.95
C MET B 334 34.40 -10.24 -13.91
N LEU B 335 35.02 -10.69 -15.00
CA LEU B 335 35.52 -12.06 -14.98
C LEU B 335 37.04 -12.25 -15.19
N GLU B 336 37.84 -11.28 -14.75
CA GLU B 336 39.28 -11.30 -15.04
C GLU B 336 39.98 -12.60 -14.63
N SER B 337 39.46 -13.32 -13.64
CA SER B 337 40.05 -14.62 -13.31
C SER B 337 40.03 -15.55 -14.54
N MET B 338 38.98 -15.44 -15.35
CA MET B 338 38.80 -16.32 -16.51
C MET B 338 39.80 -16.05 -17.64
N ILE B 339 40.64 -15.03 -17.47
CA ILE B 339 41.69 -14.77 -18.44
C ILE B 339 42.66 -15.96 -18.51
N LYS B 340 42.84 -16.69 -17.41
CA LYS B 340 43.76 -17.84 -17.40
C LYS B 340 43.16 -19.14 -16.82
N LYS B 341 41.99 -19.07 -16.19
CA LYS B 341 41.29 -20.26 -15.71
C LYS B 341 39.97 -20.48 -16.48
N PRO B 342 39.55 -21.75 -16.64
CA PRO B 342 38.31 -22.10 -17.36
C PRO B 342 37.02 -21.67 -16.69
N ARG B 343 37.07 -21.35 -15.37
CA ARG B 343 35.90 -20.98 -14.54
C ARG B 343 36.18 -19.81 -13.56
N PRO B 344 35.15 -19.04 -13.19
CA PRO B 344 35.48 -17.90 -12.32
C PRO B 344 35.48 -18.26 -10.84
N THR B 345 36.02 -17.37 -10.03
CA THR B 345 36.02 -17.51 -8.58
C THR B 345 34.68 -17.07 -7.98
N ARG B 346 34.29 -17.63 -6.82
CA ARG B 346 32.94 -17.37 -6.28
C ARG B 346 32.72 -15.89 -6.01
N ALA B 347 33.80 -15.17 -5.68
CA ALA B 347 33.66 -13.74 -5.40
C ALA B 347 33.21 -13.01 -6.66
N GLU B 348 33.69 -13.54 -7.80
CA GLU B 348 33.45 -12.94 -9.11
C GLU B 348 32.06 -13.27 -9.58
N GLY B 349 31.64 -14.50 -9.31
CA GLY B 349 30.29 -14.92 -9.64
C GLY B 349 29.32 -13.98 -8.96
N SER B 350 29.51 -13.79 -7.66
CA SER B 350 28.56 -12.98 -6.92
C SER B 350 28.61 -11.49 -7.32
N ASP B 351 29.79 -10.94 -7.62
CA ASP B 351 29.85 -9.54 -8.01
C ASP B 351 28.96 -9.26 -9.21
N VAL B 352 29.00 -10.16 -10.18
CA VAL B 352 28.20 -10.04 -11.38
C VAL B 352 26.71 -10.15 -11.05
N ALA B 353 26.39 -11.15 -10.24
CA ALA B 353 25.00 -11.39 -9.82
C ALA B 353 24.42 -10.15 -9.14
N ASN B 354 25.20 -9.52 -8.28
CA ASN B 354 24.68 -8.34 -7.65
C ASN B 354 24.61 -7.17 -8.61
N ALA B 355 25.41 -7.22 -9.67
CA ALA B 355 25.36 -6.19 -10.67
C ALA B 355 24.06 -6.34 -11.43
N VAL B 356 23.70 -7.58 -11.74
CA VAL B 356 22.40 -7.87 -12.34
C VAL B 356 21.27 -7.33 -11.46
N LEU B 357 21.33 -7.69 -10.17
CA LEU B 357 20.23 -7.45 -9.21
C LEU B 357 20.02 -6.00 -8.90
N ASP B 358 21.12 -5.25 -8.82
CA ASP B 358 21.06 -3.82 -8.60
C ASP B 358 20.17 -3.19 -9.63
N GLY B 359 20.31 -3.59 -10.89
CA GLY B 359 19.41 -3.11 -11.93
C GLY B 359 20.10 -2.83 -13.25
N ALA B 360 21.22 -3.49 -13.46
CA ALA B 360 22.01 -3.22 -14.63
C ALA B 360 21.39 -3.91 -15.84
N ASP B 361 21.38 -3.24 -17.00
CA ASP B 361 20.78 -3.85 -18.18
C ASP B 361 21.76 -4.81 -18.80
N CYS B 362 22.97 -4.30 -19.02
CA CYS B 362 24.02 -5.09 -19.64
C CYS B 362 25.24 -5.13 -18.74
N ILE B 363 25.85 -6.30 -18.62
CA ILE B 363 27.13 -6.31 -17.94
C ILE B 363 28.23 -6.74 -18.92
N MET B 364 29.25 -5.90 -19.07
CA MET B 364 30.33 -6.05 -20.06
C MET B 364 31.57 -6.83 -19.63
N LEU B 365 31.96 -7.78 -20.46
CA LEU B 365 33.24 -8.46 -20.32
C LEU B 365 34.36 -7.65 -20.98
N SER B 366 35.58 -7.78 -20.42
CA SER B 366 36.76 -7.14 -20.99
C SER B 366 37.79 -8.20 -21.35
N GLY B 367 39.01 -8.01 -20.84
CA GLY B 367 40.13 -8.87 -21.16
C GLY B 367 39.92 -10.39 -21.21
N GLU B 368 38.79 -10.87 -20.71
CA GLU B 368 38.55 -12.30 -20.66
C GLU B 368 38.00 -12.80 -21.99
N THR B 369 37.27 -11.94 -22.69
CA THR B 369 36.91 -12.25 -24.05
C THR B 369 37.96 -11.66 -24.98
N ALA B 370 38.54 -10.54 -24.59
CA ALA B 370 39.39 -9.72 -25.47
C ALA B 370 40.75 -10.31 -25.83
N LYS B 371 41.43 -10.93 -24.88
CA LYS B 371 42.79 -11.41 -25.07
C LYS B 371 43.15 -12.58 -24.20
N GLY B 372 42.20 -13.44 -23.87
CA GLY B 372 42.43 -14.46 -22.87
C GLY B 372 42.66 -15.83 -23.45
N ASP B 373 42.82 -16.82 -22.61
CA ASP B 373 42.95 -18.19 -23.08
C ASP B 373 41.62 -18.93 -23.00
N TYR B 374 40.62 -18.23 -22.51
CA TYR B 374 39.26 -18.73 -22.47
C TYR B 374 38.39 -17.55 -22.78
N PRO B 375 37.89 -17.51 -24.01
CA PRO B 375 37.05 -16.38 -24.36
C PRO B 375 35.65 -16.90 -24.55
N LEU B 376 35.58 -18.06 -25.17
CA LEU B 376 34.32 -18.73 -25.39
C LEU B 376 33.81 -19.12 -24.02
N GLU B 377 34.68 -19.76 -23.25
CA GLU B 377 34.30 -20.30 -21.96
C GLU B 377 33.79 -19.21 -21.01
N ALA B 378 34.24 -17.97 -21.22
CA ALA B 378 33.80 -16.83 -20.40
C ALA B 378 32.39 -16.38 -20.76
N VAL B 379 32.11 -16.14 -22.03
CA VAL B 379 30.76 -15.80 -22.44
C VAL B 379 29.81 -16.86 -21.93
N ARG B 380 30.24 -18.11 -21.92
CA ARG B 380 29.43 -19.17 -21.32
C ARG B 380 29.14 -18.91 -19.85
N MET B 381 30.18 -18.92 -19.03
CA MET B 381 30.05 -18.67 -17.60
C MET B 381 29.29 -17.38 -17.31
N GLN B 382 29.51 -16.36 -18.14
CA GLN B 382 28.86 -15.09 -17.93
C GLN B 382 27.36 -15.23 -18.06
N HIS B 383 26.94 -16.00 -19.04
CA HIS B 383 25.52 -16.26 -19.26
C HIS B 383 24.91 -17.06 -18.11
N LEU B 384 25.50 -18.22 -17.85
CA LEU B 384 25.11 -19.04 -16.71
C LEU B 384 24.80 -18.17 -15.52
N ILE B 385 25.78 -17.38 -15.09
CA ILE B 385 25.63 -16.54 -13.90
C ILE B 385 24.43 -15.61 -14.01
N ALA B 386 24.35 -14.87 -15.09
CA ALA B 386 23.32 -13.85 -15.25
C ALA B 386 21.91 -14.45 -15.29
N ARG B 387 21.84 -15.78 -15.36
CA ARG B 387 20.56 -16.47 -15.44
C ARG B 387 20.14 -16.88 -14.05
N GLU B 388 20.97 -17.68 -13.39
CA GLU B 388 20.82 -17.96 -11.96
C GLU B 388 20.31 -16.74 -11.22
N ALA B 389 20.96 -15.61 -11.47
CA ALA B 389 20.61 -14.36 -10.84
C ALA B 389 19.17 -13.94 -11.04
N GLU B 390 18.56 -14.30 -12.17
CA GLU B 390 17.19 -13.86 -12.40
C GLU B 390 16.22 -14.39 -11.30
N ALA B 391 16.50 -15.59 -10.80
CA ALA B 391 15.67 -16.22 -9.78
C ALA B 391 15.57 -15.38 -8.51
N ALA B 392 16.55 -14.52 -8.29
CA ALA B 392 16.63 -13.69 -7.09
C ALA B 392 16.26 -12.24 -7.36
N ILE B 393 15.72 -11.97 -8.54
CA ILE B 393 15.13 -10.69 -8.84
C ILE B 393 13.72 -10.85 -8.39
N TYR B 394 13.28 -9.95 -7.53
CA TYR B 394 11.91 -9.92 -7.00
C TYR B 394 10.88 -9.68 -8.14
N HIS B 395 10.67 -10.70 -8.99
CA HIS B 395 10.03 -10.52 -10.30
C HIS B 395 8.65 -9.84 -10.32
N LEU B 396 7.65 -10.51 -9.76
CA LEU B 396 6.26 -10.10 -9.92
C LEU B 396 5.91 -8.79 -9.19
N GLN B 397 6.68 -8.46 -8.15
CA GLN B 397 6.48 -7.25 -7.33
C GLN B 397 6.78 -5.94 -8.08
N LEU B 398 8.07 -5.73 -8.35
CA LEU B 398 8.60 -4.67 -9.22
C LEU B 398 7.57 -3.82 -9.99
N PHE B 399 6.71 -4.49 -10.77
CA PHE B 399 5.65 -3.83 -11.55
C PHE B 399 4.67 -3.09 -10.67
N GLU B 400 4.21 -3.79 -9.64
CA GLU B 400 3.09 -3.34 -8.81
C GLU B 400 3.26 -1.93 -8.24
N GLU B 401 4.48 -1.58 -7.83
CA GLU B 401 4.81 -0.22 -7.40
C GLU B 401 4.56 0.79 -8.51
N LEU B 402 4.99 0.45 -9.72
CA LEU B 402 4.88 1.35 -10.87
C LEU B 402 3.43 1.68 -11.19
N ARG B 403 2.55 0.72 -11.00
CA ARG B 403 1.15 0.86 -11.38
C ARG B 403 0.46 1.93 -10.54
N ARG B 404 0.70 1.88 -9.23
CA ARG B 404 0.12 2.82 -8.29
C ARG B 404 0.77 4.22 -8.40
N LEU B 405 2.02 4.30 -7.93
CA LEU B 405 2.84 5.51 -7.97
C LEU B 405 2.73 6.36 -9.27
N ALA B 406 2.78 5.71 -10.44
CA ALA B 406 2.77 6.45 -11.72
C ALA B 406 1.50 7.27 -11.90
N PRO B 407 1.64 8.48 -12.47
CA PRO B 407 0.56 9.46 -12.41
C PRO B 407 -0.45 9.27 -13.51
N ILE B 408 -1.30 10.28 -13.67
CA ILE B 408 -2.27 10.32 -14.74
C ILE B 408 -1.59 10.97 -15.96
N THR B 409 -1.88 10.46 -17.15
CA THR B 409 -1.37 11.04 -18.38
C THR B 409 -2.51 11.56 -19.23
N SER B 410 -2.15 12.19 -20.33
CA SER B 410 -3.11 12.53 -21.36
C SER B 410 -2.53 11.90 -22.60
N ASP B 411 -1.56 11.02 -22.37
CA ASP B 411 -0.72 10.50 -23.42
C ASP B 411 -1.13 9.08 -23.69
N PRO B 412 -1.96 8.89 -24.73
CA PRO B 412 -2.59 7.63 -25.05
C PRO B 412 -1.58 6.51 -25.12
N THR B 413 -0.37 6.86 -25.54
CA THR B 413 0.67 5.86 -25.76
C THR B 413 1.08 5.23 -24.44
N GLU B 414 0.93 6.00 -23.37
CA GLU B 414 1.32 5.53 -22.05
C GLU B 414 0.27 4.54 -21.57
N ALA B 415 -0.99 4.92 -21.67
CA ALA B 415 -2.09 4.06 -21.24
C ALA B 415 -2.05 2.68 -21.92
N THR B 416 -1.87 2.66 -23.23
CA THR B 416 -1.77 1.42 -24.00
C THR B 416 -0.65 0.52 -23.47
N ALA B 417 0.45 1.14 -23.09
CA ALA B 417 1.57 0.39 -22.55
C ALA B 417 1.14 -0.31 -21.27
N VAL B 418 0.55 0.47 -20.35
CA VAL B 418 0.08 -0.07 -19.09
C VAL B 418 -0.96 -1.15 -19.36
N GLY B 419 -1.93 -0.82 -20.20
CA GLY B 419 -2.92 -1.79 -20.64
C GLY B 419 -2.29 -3.10 -21.09
N ALA B 420 -1.20 -3.00 -21.85
CA ALA B 420 -0.52 -4.18 -22.33
C ALA B 420 0.13 -4.96 -21.17
N VAL B 421 0.88 -4.26 -20.33
CA VAL B 421 1.59 -4.94 -19.24
C VAL B 421 0.63 -5.57 -18.22
N GLU B 422 -0.50 -4.90 -17.95
CA GLU B 422 -1.54 -5.47 -17.11
C GLU B 422 -2.06 -6.78 -17.70
N ALA B 423 -2.47 -6.69 -18.96
CA ALA B 423 -2.93 -7.83 -19.74
C ALA B 423 -1.90 -8.92 -19.74
N SER B 424 -0.62 -8.54 -19.82
CA SER B 424 0.50 -9.47 -19.74
C SER B 424 0.36 -10.32 -18.48
N PHE B 425 0.06 -9.64 -17.38
CA PHE B 425 0.01 -10.24 -16.07
C PHE B 425 -1.31 -10.95 -15.80
N LYS B 426 -2.36 -10.48 -16.45
CA LYS B 426 -3.70 -11.05 -16.27
C LYS B 426 -3.80 -12.52 -16.71
N CYS B 427 -2.93 -12.93 -17.63
CA CYS B 427 -2.99 -14.30 -18.12
C CYS B 427 -1.63 -14.95 -18.25
N CYS B 428 -0.65 -14.47 -17.50
CA CYS B 428 0.70 -15.04 -17.53
C CYS B 428 1.27 -15.25 -18.95
N SER B 429 1.19 -14.22 -19.79
CA SER B 429 1.69 -14.24 -21.17
C SER B 429 3.08 -14.79 -21.29
N GLY B 430 3.34 -15.52 -22.37
CA GLY B 430 4.66 -16.07 -22.59
C GLY B 430 5.62 -14.97 -23.05
N ALA B 431 5.03 -13.89 -23.55
CA ALA B 431 5.79 -12.72 -23.99
C ALA B 431 4.86 -11.59 -24.47
N ILE B 432 5.45 -10.42 -24.65
CA ILE B 432 4.70 -9.28 -25.13
C ILE B 432 5.42 -8.78 -26.38
N ILE B 433 4.84 -9.12 -27.56
CA ILE B 433 5.40 -8.81 -28.88
C ILE B 433 5.08 -7.37 -29.33
N VAL B 434 6.11 -6.55 -29.48
CA VAL B 434 5.93 -5.16 -29.87
C VAL B 434 6.53 -4.90 -31.23
N LEU B 435 5.69 -4.43 -32.14
CA LEU B 435 6.06 -4.10 -33.50
C LEU B 435 6.57 -2.68 -33.52
N THR B 436 7.89 -2.51 -33.59
CA THR B 436 8.42 -1.16 -33.52
C THR B 436 9.44 -0.85 -34.61
N LYS B 437 9.45 0.40 -35.06
CA LYS B 437 10.46 0.88 -36.01
C LYS B 437 11.63 1.39 -35.21
N SER B 438 11.38 2.51 -34.54
CA SER B 438 12.31 3.19 -33.63
C SER B 438 12.78 2.32 -32.49
N GLY B 439 11.88 1.50 -31.98
CA GLY B 439 12.14 0.86 -30.70
C GLY B 439 11.53 1.64 -29.52
N ARG B 440 11.23 2.93 -29.74
CA ARG B 440 10.52 3.77 -28.76
C ARG B 440 9.45 2.96 -27.99
N SER B 441 8.56 2.32 -28.73
CA SER B 441 7.36 1.80 -28.12
C SER B 441 7.67 0.56 -27.34
N ALA B 442 8.65 -0.20 -27.82
CA ALA B 442 9.05 -1.39 -27.07
C ALA B 442 9.95 -0.97 -25.92
N HIS B 443 10.19 0.34 -25.81
CA HIS B 443 10.91 0.84 -24.65
C HIS B 443 9.95 1.08 -23.48
N GLN B 444 8.91 1.91 -23.71
CA GLN B 444 7.81 2.09 -22.77
C GLN B 444 7.44 0.80 -22.06
N VAL B 445 7.00 -0.17 -22.83
CA VAL B 445 6.63 -1.46 -22.28
C VAL B 445 7.68 -1.96 -21.30
N ALA B 446 8.95 -1.73 -21.58
CA ALA B 446 9.99 -2.16 -20.64
C ALA B 446 10.08 -1.29 -19.36
N ARG B 447 9.76 0.00 -19.49
CA ARG B 447 9.77 0.94 -18.38
C ARG B 447 8.84 0.45 -17.27
N TYR B 448 7.88 -0.38 -17.65
CA TYR B 448 6.89 -0.86 -16.70
C TYR B 448 7.23 -2.24 -16.22
N ARG B 449 8.49 -2.63 -16.36
CA ARG B 449 9.00 -3.91 -15.88
C ARG B 449 8.02 -5.11 -15.84
N PRO B 450 7.48 -5.52 -16.99
CA PRO B 450 6.61 -6.69 -17.03
C PRO B 450 7.46 -7.88 -16.81
N ARG B 451 6.91 -9.04 -16.51
CA ARG B 451 7.79 -10.12 -16.13
C ARG B 451 8.04 -11.03 -17.29
N ALA B 452 7.16 -10.95 -18.29
CA ALA B 452 7.31 -11.74 -19.50
C ALA B 452 8.21 -11.00 -20.47
N PRO B 453 8.99 -11.76 -21.26
CA PRO B 453 9.94 -11.15 -22.20
C PRO B 453 9.24 -10.30 -23.24
N ILE B 454 9.78 -9.13 -23.52
CA ILE B 454 9.31 -8.33 -24.64
C ILE B 454 10.06 -8.74 -25.89
N ILE B 455 9.36 -9.37 -26.84
CA ILE B 455 9.93 -9.66 -28.17
C ILE B 455 9.72 -8.48 -29.12
N ALA B 456 10.77 -7.71 -29.36
CA ALA B 456 10.64 -6.50 -30.17
C ALA B 456 10.86 -6.84 -31.61
N VAL B 457 9.84 -6.57 -32.42
CA VAL B 457 9.85 -6.94 -33.82
C VAL B 457 10.01 -5.72 -34.68
N THR B 458 11.03 -5.76 -35.53
CA THR B 458 11.44 -4.59 -36.27
C THR B 458 11.99 -4.89 -37.68
N ARG B 459 11.87 -3.89 -38.55
CA ARG B 459 12.35 -4.02 -39.91
C ARG B 459 13.66 -3.26 -40.06
N ASN B 460 13.76 -2.16 -39.32
CA ASN B 460 14.98 -1.37 -39.25
C ASN B 460 16.07 -2.14 -38.50
N PRO B 461 17.09 -2.60 -39.23
CA PRO B 461 17.98 -3.62 -38.67
C PRO B 461 18.95 -3.01 -37.67
N GLN B 462 18.82 -1.71 -37.47
CA GLN B 462 19.64 -1.01 -36.47
C GLN B 462 18.92 -1.01 -35.12
N THR B 463 17.81 -0.27 -35.08
CA THR B 463 16.91 -0.26 -33.95
C THR B 463 16.44 -1.70 -33.79
N ALA B 464 17.33 -2.54 -33.30
CA ALA B 464 17.20 -3.98 -33.48
C ALA B 464 18.46 -4.59 -32.92
N ARG B 465 19.50 -3.76 -32.89
CA ARG B 465 20.77 -4.10 -32.32
C ARG B 465 20.87 -3.12 -31.19
N GLN B 466 20.49 -1.88 -31.49
CA GLN B 466 20.27 -0.83 -30.51
C GLN B 466 19.01 -1.20 -29.75
N ALA B 467 19.10 -2.23 -28.92
CA ALA B 467 17.91 -2.87 -28.42
C ALA B 467 18.38 -3.91 -27.45
N HIS B 468 19.65 -4.27 -27.51
CA HIS B 468 20.21 -5.14 -26.49
C HIS B 468 20.61 -4.32 -25.27
N LEU B 469 20.72 -3.02 -25.48
CA LEU B 469 21.02 -2.15 -24.37
C LEU B 469 19.84 -2.12 -23.39
N TYR B 470 18.75 -2.83 -23.69
CA TYR B 470 17.57 -2.74 -22.84
C TYR B 470 17.17 -4.06 -22.19
N ARG B 471 17.00 -4.00 -20.86
CA ARG B 471 16.68 -5.18 -20.04
C ARG B 471 15.39 -5.88 -20.49
N GLY B 472 15.42 -7.21 -20.52
CA GLY B 472 14.28 -8.01 -20.96
C GLY B 472 13.60 -7.61 -22.26
N ILE B 473 14.34 -7.01 -23.20
CA ILE B 473 13.88 -6.85 -24.58
C ILE B 473 14.69 -7.80 -25.47
N PHE B 474 14.05 -8.56 -26.33
CA PHE B 474 14.78 -9.49 -27.19
C PHE B 474 14.39 -9.12 -28.59
N PRO B 475 15.34 -8.59 -29.37
CA PRO B 475 14.92 -8.13 -30.69
C PRO B 475 14.99 -9.24 -31.72
N VAL B 476 14.28 -8.98 -32.80
CA VAL B 476 14.05 -9.94 -33.85
C VAL B 476 13.88 -9.08 -35.11
N LEU B 477 14.63 -9.47 -36.16
CA LEU B 477 14.72 -8.67 -37.39
C LEU B 477 13.79 -9.16 -38.49
N CYS B 478 12.88 -8.30 -38.92
CA CYS B 478 11.98 -8.70 -40.00
C CYS B 478 12.58 -8.40 -41.36
N LYS B 479 12.75 -9.46 -42.15
CA LYS B 479 13.24 -9.36 -43.52
C LYS B 479 12.08 -9.07 -44.51
N ASP B 480 11.04 -9.91 -44.46
CA ASP B 480 9.80 -9.73 -45.23
C ASP B 480 9.40 -8.26 -45.37
N PRO B 481 8.90 -7.87 -46.53
CA PRO B 481 8.86 -6.43 -46.79
C PRO B 481 7.49 -5.82 -46.63
N VAL B 482 7.46 -4.51 -46.38
CA VAL B 482 6.24 -3.70 -46.18
C VAL B 482 5.09 -4.05 -47.14
N GLN B 483 3.86 -3.89 -46.67
CA GLN B 483 2.68 -4.03 -47.51
C GLN B 483 1.75 -2.83 -47.32
N GLU B 484 1.00 -2.47 -48.36
CA GLU B 484 0.13 -1.30 -48.32
C GLU B 484 -1.08 -1.51 -47.41
N ALA B 485 -1.51 -2.77 -47.28
CA ALA B 485 -2.66 -3.11 -46.44
C ALA B 485 -2.23 -3.30 -44.98
N TRP B 486 -2.28 -2.20 -44.21
CA TRP B 486 -1.71 -2.16 -42.87
C TRP B 486 -2.09 -3.39 -42.04
N ALA B 487 -3.37 -3.70 -42.04
CA ALA B 487 -3.90 -4.86 -41.34
C ALA B 487 -3.09 -6.14 -41.60
N GLU B 488 -2.72 -6.34 -42.86
CA GLU B 488 -2.07 -7.58 -43.22
C GLU B 488 -0.56 -7.51 -43.05
N ASP B 489 -0.06 -6.28 -43.03
CA ASP B 489 1.34 -6.04 -42.71
C ASP B 489 1.58 -6.42 -41.24
N VAL B 490 0.67 -5.99 -40.36
CA VAL B 490 0.72 -6.35 -38.95
C VAL B 490 0.62 -7.86 -38.80
N ASP B 491 -0.40 -8.41 -39.46
CA ASP B 491 -0.73 -9.82 -39.34
C ASP B 491 0.48 -10.68 -39.71
N LEU B 492 1.31 -10.15 -40.60
CA LEU B 492 2.48 -10.87 -41.10
C LEU B 492 3.59 -10.95 -40.05
N ARG B 493 4.05 -9.79 -39.61
CA ARG B 493 5.04 -9.69 -38.53
C ARG B 493 4.59 -10.38 -37.22
N VAL B 494 3.32 -10.20 -36.85
CA VAL B 494 2.81 -10.92 -35.70
C VAL B 494 3.08 -12.43 -35.89
N ASN B 495 2.84 -12.90 -37.11
CA ASN B 495 3.02 -14.32 -37.38
C ASN B 495 4.51 -14.68 -37.30
N PHE B 496 5.32 -13.78 -37.83
CA PHE B 496 6.77 -13.92 -37.83
C PHE B 496 7.24 -14.17 -36.41
N ALA B 497 6.91 -13.21 -35.54
CA ALA B 497 7.30 -13.21 -34.13
C ALA B 497 6.83 -14.49 -33.47
N MET B 498 5.57 -14.82 -33.76
CA MET B 498 4.92 -15.99 -33.21
C MET B 498 5.77 -17.24 -33.44
N ASN B 499 6.31 -17.38 -34.64
CA ASN B 499 7.11 -18.55 -35.00
C ASN B 499 8.50 -18.56 -34.38
N VAL B 500 9.20 -17.44 -34.53
CA VAL B 500 10.45 -17.20 -33.81
C VAL B 500 10.27 -17.59 -32.34
N GLY B 501 9.25 -17.02 -31.71
CA GLY B 501 8.96 -17.26 -30.32
C GLY B 501 8.82 -18.73 -29.96
N LYS B 502 8.12 -19.50 -30.80
CA LYS B 502 7.93 -20.91 -30.49
C LYS B 502 9.30 -21.54 -30.46
N ALA B 503 10.08 -21.25 -31.49
CA ALA B 503 11.36 -21.91 -31.71
C ALA B 503 12.42 -21.52 -30.67
N ARG B 504 12.42 -20.26 -30.28
CA ARG B 504 13.29 -19.81 -29.18
C ARG B 504 12.92 -20.55 -27.89
N GLY B 505 11.62 -20.81 -27.70
CA GLY B 505 11.15 -21.50 -26.52
C GLY B 505 10.41 -20.60 -25.54
N PHE B 506 9.90 -19.48 -26.04
CA PHE B 506 9.21 -18.51 -25.20
C PHE B 506 7.76 -18.92 -24.93
N PHE B 507 7.20 -19.74 -25.80
CA PHE B 507 5.82 -20.19 -25.62
C PHE B 507 5.40 -21.28 -26.57
N LYS B 508 4.59 -22.21 -26.08
CA LYS B 508 4.02 -23.27 -26.92
C LYS B 508 2.78 -22.75 -27.65
N LYS B 509 2.04 -23.64 -28.31
CA LYS B 509 0.77 -23.26 -28.91
C LYS B 509 -0.29 -23.46 -27.84
N GLY B 510 -1.37 -22.71 -27.95
CA GLY B 510 -2.40 -22.76 -26.93
C GLY B 510 -1.99 -21.92 -25.74
N ASP B 511 -1.14 -20.94 -26.01
CA ASP B 511 -0.76 -19.96 -25.00
C ASP B 511 -1.27 -18.63 -25.49
N VAL B 512 -1.33 -17.67 -24.59
CA VAL B 512 -1.76 -16.33 -24.98
C VAL B 512 -0.55 -15.44 -24.93
N VAL B 513 -0.60 -14.35 -25.66
CA VAL B 513 0.53 -13.44 -25.70
C VAL B 513 -0.01 -12.03 -25.93
N ILE B 514 0.74 -11.04 -25.50
CA ILE B 514 0.27 -9.68 -25.70
C ILE B 514 0.92 -9.15 -26.96
N VAL B 515 0.19 -8.35 -27.72
CA VAL B 515 0.78 -7.72 -28.89
C VAL B 515 0.47 -6.24 -28.84
N LEU B 516 1.49 -5.43 -29.12
CA LEU B 516 1.24 -4.07 -29.55
C LEU B 516 1.54 -4.14 -31.02
N THR B 517 0.60 -3.65 -31.82
CA THR B 517 0.80 -3.45 -33.24
C THR B 517 1.68 -2.22 -33.34
N GLY B 518 1.75 -1.59 -34.49
CA GLY B 518 2.46 -0.33 -34.51
C GLY B 518 1.46 0.82 -34.49
N TRP B 519 1.91 1.99 -34.93
CA TRP B 519 0.97 3.03 -35.37
C TRP B 519 0.48 2.65 -36.77
N ARG B 520 -0.60 3.29 -37.24
CA ARG B 520 -1.25 2.85 -38.48
C ARG B 520 -0.53 3.38 -39.75
N PRO B 521 -1.21 4.12 -40.63
CA PRO B 521 -0.15 4.72 -41.46
C PRO B 521 -0.30 6.22 -41.71
N GLY B 522 -1.53 6.73 -41.76
CA GLY B 522 -1.78 8.16 -41.90
C GLY B 522 -1.02 9.01 -40.88
N SER B 523 -1.49 9.05 -39.64
CA SER B 523 -2.72 8.43 -39.16
C SER B 523 -2.96 9.04 -37.78
N GLY B 524 -3.96 8.53 -37.07
CA GLY B 524 -4.00 8.74 -35.64
C GLY B 524 -2.78 8.01 -35.10
N PHE B 525 -1.88 8.74 -34.45
CA PHE B 525 -0.62 8.17 -33.99
C PHE B 525 -0.77 7.17 -32.84
N THR B 526 -1.90 6.47 -32.79
CA THR B 526 -2.20 5.59 -31.68
C THR B 526 -1.85 4.13 -31.97
N ASN B 527 -1.30 3.46 -30.96
CA ASN B 527 -0.93 2.06 -31.08
C ASN B 527 -2.16 1.18 -30.75
N THR B 528 -1.99 -0.13 -30.78
CA THR B 528 -3.11 -1.04 -30.59
C THR B 528 -2.65 -2.24 -29.78
N MET B 529 -3.36 -2.53 -28.69
CA MET B 529 -3.01 -3.64 -27.83
C MET B 529 -3.90 -4.82 -28.14
N ARG B 530 -3.30 -5.98 -28.32
CA ARG B 530 -4.09 -7.13 -28.69
C ARG B 530 -3.77 -8.29 -27.78
N VAL B 531 -4.80 -8.95 -27.29
CA VAL B 531 -4.57 -10.25 -26.68
C VAL B 531 -4.86 -11.33 -27.72
N VAL B 532 -3.80 -11.96 -28.21
CA VAL B 532 -3.95 -13.00 -29.22
C VAL B 532 -3.40 -14.33 -28.74
N PRO B 533 -4.13 -15.42 -29.01
CA PRO B 533 -3.65 -16.77 -28.73
C PRO B 533 -2.59 -17.27 -29.75
N VAL B 534 -1.73 -18.19 -29.33
CA VAL B 534 -0.62 -18.66 -30.14
C VAL B 534 -1.01 -19.88 -30.96
N PRO B 535 -1.03 -19.70 -32.30
CA PRO B 535 -1.44 -20.72 -33.25
C PRO B 535 -0.37 -21.79 -33.40
N ASP C 28 10.38 6.03 0.42
CA ASP C 28 9.07 5.57 -0.02
C ASP C 28 9.14 4.43 -1.04
N THR C 29 10.20 4.40 -1.84
CA THR C 29 10.48 3.24 -2.69
C THR C 29 11.94 2.77 -2.54
N PHE C 30 12.13 1.45 -2.63
CA PHE C 30 13.47 0.83 -2.67
C PHE C 30 14.32 1.60 -3.67
N LEU C 31 13.73 1.90 -4.82
CA LEU C 31 14.45 2.53 -5.90
C LEU C 31 14.81 3.96 -5.60
N GLU C 32 13.92 4.67 -4.92
CA GLU C 32 14.15 6.08 -4.69
C GLU C 32 15.29 6.23 -3.68
N HIS C 33 15.42 5.21 -2.83
CA HIS C 33 16.51 5.14 -1.87
C HIS C 33 17.81 5.11 -2.63
N MET C 34 17.94 4.07 -3.45
CA MET C 34 19.09 3.88 -4.34
C MET C 34 19.49 5.15 -5.09
N CYS C 35 18.53 5.87 -5.65
CA CYS C 35 18.83 7.09 -6.39
C CYS C 35 19.41 8.19 -5.48
N ARG C 36 19.13 8.09 -4.19
CA ARG C 36 19.42 9.18 -3.28
C ARG C 36 20.84 9.12 -2.72
N LEU C 37 21.41 7.92 -2.74
CA LEU C 37 22.72 7.65 -2.13
C LEU C 37 23.78 8.71 -2.41
N ASP C 38 24.76 8.83 -1.53
CA ASP C 38 25.76 9.86 -1.73
C ASP C 38 27.13 9.49 -1.17
N ILE C 39 28.10 9.36 -2.06
CA ILE C 39 29.45 9.04 -1.65
C ILE C 39 30.18 10.28 -1.14
N ASP C 40 29.53 11.43 -1.23
CA ASP C 40 30.15 12.63 -0.66
C ASP C 40 29.58 13.01 0.72
N SER C 41 28.44 12.42 1.06
CA SER C 41 27.82 12.62 2.37
C SER C 41 28.43 11.65 3.36
N PRO C 42 29.09 12.17 4.40
CA PRO C 42 29.68 11.32 5.42
C PRO C 42 28.56 10.57 6.09
N PRO C 43 28.81 9.31 6.48
CA PRO C 43 27.79 8.43 7.05
C PRO C 43 27.28 8.91 8.41
N ILE C 44 26.03 8.58 8.72
CA ILE C 44 25.44 8.91 9.99
C ILE C 44 25.47 7.71 10.92
N THR C 45 24.71 6.69 10.53
CA THR C 45 24.51 5.52 11.35
C THR C 45 25.81 4.89 11.82
N ALA C 46 25.80 4.36 13.03
CA ALA C 46 26.95 3.62 13.52
C ALA C 46 26.95 2.31 12.78
N ARG C 47 28.09 1.64 12.75
CA ARG C 47 28.13 0.33 12.19
C ARG C 47 27.26 -0.55 13.05
N ASN C 48 26.37 -1.31 12.46
CA ASN C 48 25.44 -2.09 13.23
C ASN C 48 25.73 -3.57 13.04
N THR C 49 26.82 -3.84 12.33
CA THR C 49 27.19 -5.22 12.05
C THR C 49 28.41 -5.59 12.90
N GLY C 50 28.39 -6.78 13.46
CA GLY C 50 29.46 -7.14 14.37
C GLY C 50 30.73 -7.50 13.65
N ILE C 51 31.86 -6.93 14.07
CA ILE C 51 33.14 -7.39 13.52
C ILE C 51 33.79 -8.53 14.33
N ILE C 52 33.76 -9.75 13.82
CA ILE C 52 34.59 -10.81 14.38
C ILE C 52 35.99 -10.80 13.74
N CYS C 53 37.04 -11.00 14.53
CA CYS C 53 38.40 -11.10 14.00
C CYS C 53 39.01 -12.44 14.37
N THR C 54 39.94 -12.95 13.55
CA THR C 54 40.63 -14.18 13.95
C THR C 54 42.03 -13.90 14.50
N ILE C 55 42.27 -14.32 15.74
CA ILE C 55 43.55 -14.11 16.40
C ILE C 55 44.57 -15.17 16.02
N GLY C 56 45.74 -14.69 15.61
CA GLY C 56 46.88 -15.52 15.30
C GLY C 56 48.13 -14.68 15.48
N PRO C 57 49.32 -15.27 15.21
CA PRO C 57 50.65 -14.66 15.29
C PRO C 57 50.68 -13.15 15.10
N ALA C 58 50.00 -12.65 14.07
CA ALA C 58 50.03 -11.21 13.81
C ALA C 58 49.26 -10.41 14.86
N SER C 59 48.42 -11.11 15.62
CA SER C 59 47.45 -10.47 16.51
C SER C 59 47.31 -11.11 17.91
N ARG C 60 48.12 -12.14 18.20
CA ARG C 60 48.13 -12.76 19.52
C ARG C 60 48.60 -11.75 20.55
N SER C 61 49.38 -10.77 20.09
CA SER C 61 49.91 -9.72 20.93
C SER C 61 48.85 -8.97 21.76
N VAL C 62 49.21 -8.63 22.99
CA VAL C 62 48.35 -7.78 23.81
C VAL C 62 48.46 -6.33 23.36
N GLU C 63 49.69 -5.86 23.14
CA GLU C 63 49.94 -4.51 22.67
C GLU C 63 49.13 -4.22 21.40
N THR C 64 48.89 -5.27 20.63
CA THR C 64 48.14 -5.18 19.38
C THR C 64 46.63 -5.20 19.66
N LEU C 65 46.16 -6.23 20.37
CA LEU C 65 44.76 -6.37 20.71
C LEU C 65 44.18 -5.09 21.32
N LYS C 66 44.98 -4.39 22.11
CA LYS C 66 44.53 -3.11 22.65
C LYS C 66 44.19 -2.12 21.55
N GLU C 67 44.75 -2.34 20.37
CA GLU C 67 44.44 -1.45 19.25
C GLU C 67 43.37 -2.02 18.31
N MET C 68 43.11 -3.32 18.44
CA MET C 68 42.10 -3.97 17.60
C MET C 68 40.69 -3.76 18.13
N ILE C 69 40.46 -4.04 19.42
CA ILE C 69 39.15 -3.80 20.05
C ILE C 69 38.82 -2.31 20.08
N LYS C 70 39.88 -1.52 20.18
CA LYS C 70 39.74 -0.08 20.17
C LYS C 70 39.26 0.32 18.78
N SER C 71 39.68 -0.42 17.76
CA SER C 71 39.37 -0.06 16.37
C SER C 71 38.14 -0.75 15.80
N GLY C 72 37.66 -1.80 16.46
CA GLY C 72 36.35 -2.31 16.10
C GLY C 72 36.08 -3.79 16.33
N MET C 73 37.05 -4.53 16.86
CA MET C 73 36.78 -5.94 17.10
C MET C 73 35.78 -6.15 18.25
N ASN C 74 34.82 -7.05 18.02
CA ASN C 74 33.73 -7.27 18.97
C ASN C 74 33.68 -8.72 19.36
N VAL C 75 34.23 -9.58 18.54
CA VAL C 75 34.36 -10.97 18.92
C VAL C 75 35.74 -11.39 18.40
N ALA C 76 36.62 -11.87 19.27
CA ALA C 76 37.88 -12.44 18.82
C ALA C 76 37.74 -13.95 18.66
N ARG C 77 38.24 -14.46 17.54
CA ARG C 77 38.10 -15.88 17.23
C ARG C 77 39.43 -16.61 17.29
N LEU C 78 39.45 -17.69 18.06
CA LEU C 78 40.63 -18.53 18.14
C LEU C 78 40.47 -19.64 17.11
N ASN C 79 41.49 -19.79 16.25
CA ASN C 79 41.48 -20.80 15.19
C ASN C 79 42.07 -22.13 15.66
N PHE C 80 41.20 -23.10 15.91
CA PHE C 80 41.60 -24.31 16.63
C PHE C 80 42.01 -25.46 15.73
N SER C 81 42.12 -25.20 14.43
CA SER C 81 42.75 -26.17 13.56
C SER C 81 44.19 -26.33 14.02
N HIS C 82 45.00 -25.30 13.76
CA HIS C 82 46.43 -25.36 14.03
C HIS C 82 46.82 -24.78 15.40
N GLY C 83 46.80 -25.61 16.44
CA GLY C 83 47.26 -25.20 17.76
C GLY C 83 46.92 -26.16 18.88
N THR C 84 47.68 -26.07 19.97
CA THR C 84 47.37 -26.79 21.21
C THR C 84 47.01 -25.85 22.36
N HIS C 85 46.45 -26.42 23.43
CA HIS C 85 45.75 -25.66 24.47
C HIS C 85 46.55 -24.55 25.13
N GLU C 86 47.83 -24.78 25.41
CA GLU C 86 48.63 -23.76 26.06
C GLU C 86 48.71 -22.50 25.20
N TYR C 87 48.83 -22.69 23.90
CA TYR C 87 48.96 -21.57 22.98
C TYR C 87 47.66 -20.82 22.83
N HIS C 88 46.55 -21.54 22.96
CA HIS C 88 45.24 -20.90 22.98
C HIS C 88 45.00 -20.16 24.29
N ALA C 89 45.25 -20.85 25.40
CA ALA C 89 45.05 -20.27 26.72
C ALA C 89 45.83 -18.97 26.89
N GLU C 90 47.05 -18.90 26.37
CA GLU C 90 47.81 -17.65 26.48
C GLU C 90 47.17 -16.55 25.63
N THR C 91 46.63 -16.92 24.48
CA THR C 91 45.97 -15.98 23.57
C THR C 91 44.66 -15.47 24.19
N ILE C 92 43.82 -16.41 24.61
CA ILE C 92 42.62 -16.09 25.37
C ILE C 92 42.97 -15.12 26.49
N LYS C 93 43.96 -15.47 27.31
CA LYS C 93 44.34 -14.60 28.42
C LYS C 93 44.88 -13.26 27.93
N ASN C 94 45.55 -13.30 26.79
CA ASN C 94 46.05 -12.09 26.16
C ASN C 94 44.93 -11.13 25.83
N VAL C 95 43.89 -11.66 25.19
CA VAL C 95 42.66 -10.93 24.90
C VAL C 95 42.09 -10.26 26.17
N ARG C 96 41.67 -11.06 27.13
CA ARG C 96 41.09 -10.58 28.39
C ARG C 96 41.95 -9.52 29.07
N THR C 97 43.26 -9.68 28.96
CA THR C 97 44.20 -8.74 29.53
C THR C 97 44.11 -7.38 28.85
N ALA C 98 43.81 -7.38 27.56
CA ALA C 98 43.76 -6.13 26.80
C ALA C 98 42.34 -5.58 26.80
N THR C 99 41.39 -6.50 26.90
CA THR C 99 39.99 -6.15 27.05
C THR C 99 39.87 -5.21 28.24
N GLU C 100 40.25 -5.74 29.39
CA GLU C 100 40.03 -5.07 30.66
C GLU C 100 40.90 -3.84 30.83
N SER C 101 41.87 -3.67 29.94
CA SER C 101 42.79 -2.52 30.00
C SER C 101 42.15 -1.18 29.65
N PHE C 102 40.82 -1.15 29.63
CA PHE C 102 40.06 0.08 29.37
C PHE C 102 39.02 0.31 30.45
N ALA C 103 39.03 -0.53 31.49
CA ALA C 103 38.02 -0.50 32.55
C ALA C 103 37.99 0.83 33.30
N SER C 104 39.00 1.66 33.04
CA SER C 104 39.13 3.01 33.60
C SER C 104 37.81 3.78 33.59
N ASP C 105 37.22 3.97 32.41
CA ASP C 105 35.87 4.50 32.30
C ASP C 105 34.88 3.37 32.02
N PRO C 106 33.83 3.26 32.83
CA PRO C 106 32.85 2.18 32.65
C PRO C 106 31.94 2.43 31.43
N ILE C 107 32.22 3.53 30.72
CA ILE C 107 31.34 4.00 29.65
C ILE C 107 31.90 3.80 28.23
N LEU C 108 33.15 4.21 28.01
CA LEU C 108 33.80 4.04 26.70
C LEU C 108 34.40 2.63 26.49
N GLU C 109 33.95 1.68 27.31
CA GLU C 109 34.48 0.31 27.25
C GLU C 109 33.50 -0.65 26.57
N ARG C 110 34.03 -1.63 25.85
CA ARG C 110 33.17 -2.54 25.11
C ARG C 110 33.46 -3.99 25.41
N PRO C 111 32.40 -4.82 25.56
CA PRO C 111 32.63 -6.26 25.75
C PRO C 111 33.41 -6.84 24.59
N VAL C 112 34.01 -8.02 24.78
CA VAL C 112 34.69 -8.68 23.68
C VAL C 112 34.44 -10.15 23.82
N ALA C 113 33.63 -10.73 22.97
CA ALA C 113 33.34 -12.13 23.17
C ALA C 113 34.56 -12.95 22.73
N VAL C 114 34.53 -14.25 23.03
CA VAL C 114 35.59 -15.15 22.60
C VAL C 114 35.04 -16.39 21.91
N ALA C 115 35.62 -16.68 20.75
CA ALA C 115 35.08 -17.68 19.83
C ALA C 115 36.00 -18.88 19.70
N LEU C 116 35.48 -20.05 20.02
CA LEU C 116 36.22 -21.27 19.74
C LEU C 116 35.70 -21.91 18.44
N ASP C 117 36.53 -21.86 17.40
CA ASP C 117 36.22 -22.48 16.10
C ASP C 117 36.80 -23.89 16.02
N THR C 118 35.96 -24.90 16.14
CA THR C 118 36.40 -26.29 16.08
C THR C 118 36.83 -26.66 14.69
N LYS C 119 37.45 -27.83 14.55
CA LYS C 119 38.03 -28.23 13.27
C LYS C 119 37.32 -29.41 12.59
N GLY C 120 36.73 -30.32 13.38
CA GLY C 120 35.98 -31.44 12.84
C GLY C 120 36.74 -32.21 11.78
N PRO C 121 36.07 -32.55 10.65
CA PRO C 121 36.80 -33.11 9.51
C PRO C 121 37.79 -32.10 8.93
N ALA C 224 31.74 -36.95 12.46
CA ALA C 224 30.74 -36.04 13.02
C ALA C 224 31.34 -35.08 14.05
N VAL C 225 31.67 -35.62 15.22
CA VAL C 225 32.41 -34.86 16.23
C VAL C 225 33.65 -35.65 16.65
N SER C 226 34.82 -35.13 16.33
CA SER C 226 36.07 -35.87 16.52
C SER C 226 36.42 -35.99 17.99
N GLU C 227 37.31 -36.94 18.29
CA GLU C 227 37.87 -37.04 19.63
C GLU C 227 38.62 -35.76 19.96
N LYS C 228 39.37 -35.26 18.98
CA LYS C 228 40.13 -34.02 19.11
C LYS C 228 39.22 -32.83 19.38
N ASP C 229 38.01 -32.89 18.81
CA ASP C 229 36.99 -31.86 19.05
C ASP C 229 36.59 -31.88 20.51
N ILE C 230 36.03 -33.01 20.94
CA ILE C 230 35.58 -33.21 22.32
C ILE C 230 36.66 -32.81 23.33
N GLN C 231 37.91 -33.12 23.04
CA GLN C 231 39.04 -32.67 23.87
C GLN C 231 39.09 -31.13 23.88
N ASP C 232 38.93 -30.53 22.69
CA ASP C 232 39.02 -29.08 22.54
C ASP C 232 37.79 -28.34 23.04
N LEU C 233 36.63 -28.96 22.88
CA LEU C 233 35.38 -28.42 23.39
C LEU C 233 35.41 -28.36 24.91
N LYS C 234 35.95 -29.40 25.53
CA LYS C 234 36.08 -29.42 26.97
C LYS C 234 36.95 -28.25 27.41
N PHE C 235 38.00 -27.95 26.63
CA PHE C 235 38.88 -26.82 26.93
C PHE C 235 38.12 -25.51 26.87
N GLY C 236 37.10 -25.49 26.03
CA GLY C 236 36.31 -24.28 25.81
C GLY C 236 35.26 -24.11 26.88
N VAL C 237 34.42 -25.15 27.03
CA VAL C 237 33.39 -25.19 28.06
C VAL C 237 33.97 -24.72 29.39
N GLU C 238 35.19 -25.16 29.65
CA GLU C 238 35.91 -24.81 30.85
C GLU C 238 36.95 -23.72 30.55
N GLN C 239 36.51 -22.62 29.96
CA GLN C 239 37.38 -21.46 29.73
C GLN C 239 36.57 -20.18 29.54
N ASP C 240 35.26 -20.28 29.80
CA ASP C 240 34.31 -19.16 29.76
C ASP C 240 34.12 -18.60 28.35
N VAL C 241 34.37 -19.44 27.37
CA VAL C 241 34.12 -19.07 26.00
C VAL C 241 32.61 -18.89 25.86
N ASP C 242 32.21 -17.91 25.06
CA ASP C 242 30.81 -17.51 24.96
C ASP C 242 30.13 -18.23 23.82
N MET C 243 30.89 -18.54 22.78
CA MET C 243 30.34 -19.20 21.59
C MET C 243 31.32 -20.17 20.92
N VAL C 244 30.74 -21.20 20.31
CA VAL C 244 31.48 -22.22 19.59
C VAL C 244 31.03 -22.27 18.15
N PHE C 245 31.91 -21.95 17.20
CA PHE C 245 31.61 -22.15 15.78
C PHE C 245 31.93 -23.61 15.36
N ALA C 246 30.94 -24.51 15.41
CA ALA C 246 31.15 -25.95 15.15
C ALA C 246 31.16 -26.30 13.67
N SER C 247 32.28 -26.84 13.19
CA SER C 247 32.52 -26.96 11.75
C SER C 247 31.90 -28.17 11.06
N PHE C 248 31.73 -28.06 9.74
CA PHE C 248 31.20 -29.11 8.90
C PHE C 248 29.90 -29.76 9.41
N ILE C 249 28.96 -28.95 9.87
CA ILE C 249 27.68 -29.47 10.35
C ILE C 249 26.79 -29.86 9.17
N ARG C 250 26.09 -30.97 9.29
CA ARG C 250 25.34 -31.53 8.17
C ARG C 250 23.87 -31.75 8.50
N LYS C 251 23.59 -32.73 9.33
CA LYS C 251 22.21 -33.06 9.69
C LYS C 251 21.85 -32.45 11.06
N ALA C 252 20.62 -32.65 11.49
CA ALA C 252 20.19 -32.15 12.79
C ALA C 252 21.01 -32.81 13.88
N SER C 253 21.33 -34.08 13.66
CA SER C 253 22.06 -34.87 14.64
C SER C 253 23.35 -34.20 15.10
N ASP C 254 24.02 -33.49 14.20
CA ASP C 254 25.36 -32.98 14.49
C ASP C 254 25.42 -31.95 15.60
N VAL C 255 24.66 -30.87 15.50
CA VAL C 255 24.64 -29.84 16.55
C VAL C 255 24.24 -30.46 17.87
N HIS C 256 23.30 -31.41 17.80
CA HIS C 256 22.94 -32.20 18.95
C HIS C 256 24.16 -32.91 19.55
N GLU C 257 24.93 -33.59 18.70
CA GLU C 257 26.14 -34.25 19.14
C GLU C 257 27.11 -33.23 19.73
N VAL C 258 27.04 -31.99 19.24
CA VAL C 258 27.89 -30.93 19.79
C VAL C 258 27.38 -30.53 21.15
N ARG C 259 26.06 -30.34 21.27
CA ARG C 259 25.40 -29.95 22.52
C ARG C 259 25.84 -30.81 23.68
N LYS C 260 25.43 -32.07 23.62
CA LYS C 260 25.81 -33.12 24.55
C LYS C 260 27.20 -32.88 25.11
N VAL C 261 28.19 -32.75 24.23
CA VAL C 261 29.56 -32.48 24.64
C VAL C 261 29.64 -31.34 25.63
N LEU C 262 28.96 -30.24 25.35
CA LEU C 262 29.08 -29.05 26.20
C LEU C 262 28.34 -29.25 27.52
N GLY C 263 27.33 -30.12 27.50
CA GLY C 263 26.54 -30.50 28.67
C GLY C 263 25.97 -29.36 29.49
N GLU C 264 25.58 -29.68 30.72
CA GLU C 264 25.06 -28.69 31.64
C GLU C 264 26.14 -27.70 32.03
N LYS C 265 27.40 -28.11 31.86
CA LYS C 265 28.51 -27.26 32.23
C LYS C 265 28.52 -25.97 31.40
N GLY C 266 28.15 -26.11 30.13
CA GLY C 266 28.14 -24.99 29.19
C GLY C 266 26.86 -24.95 28.37
N LYS C 267 25.74 -25.10 29.06
CA LYS C 267 24.42 -25.00 28.43
C LYS C 267 24.22 -23.60 27.90
N ASN C 268 24.96 -22.65 28.48
CA ASN C 268 24.85 -21.26 28.10
C ASN C 268 25.63 -20.87 26.85
N ILE C 269 26.71 -21.61 26.57
CA ILE C 269 27.57 -21.26 25.45
C ILE C 269 26.76 -21.41 24.18
N LYS C 270 27.03 -20.54 23.21
CA LYS C 270 26.27 -20.50 21.97
C LYS C 270 26.86 -21.35 20.84
N ILE C 271 25.99 -22.16 20.25
CA ILE C 271 26.32 -23.04 19.14
C ILE C 271 26.10 -22.38 17.75
N ILE C 272 27.18 -21.94 17.12
CA ILE C 272 27.10 -21.44 15.76
C ILE C 272 27.46 -22.53 14.77
N SER C 273 26.44 -23.13 14.14
CA SER C 273 26.64 -24.13 13.11
C SER C 273 27.36 -23.51 11.91
N LYS C 274 28.45 -24.14 11.47
CA LYS C 274 29.16 -23.73 10.25
C LYS C 274 28.57 -24.54 9.10
N ILE C 275 28.24 -23.86 8.00
CA ILE C 275 27.75 -24.54 6.81
C ILE C 275 28.81 -24.49 5.71
N GLU C 276 29.29 -25.67 5.30
CA GLU C 276 30.46 -25.72 4.44
C GLU C 276 30.35 -26.60 3.19
N ASN C 277 29.27 -27.36 3.07
CA ASN C 277 29.09 -28.18 1.89
C ASN C 277 27.65 -28.20 1.43
N HIS C 278 27.35 -29.07 0.48
CA HIS C 278 26.03 -29.12 -0.10
C HIS C 278 24.99 -29.66 0.90
N GLU C 279 25.42 -30.49 1.83
CA GLU C 279 24.47 -31.11 2.74
C GLU C 279 23.94 -30.10 3.75
N GLY C 280 24.78 -29.15 4.11
CA GLY C 280 24.34 -28.04 4.94
C GLY C 280 23.16 -27.34 4.30
N VAL C 281 23.39 -26.74 3.14
CA VAL C 281 22.36 -26.03 2.40
C VAL C 281 21.16 -26.92 2.06
N ARG C 282 21.38 -28.23 2.07
CA ARG C 282 20.31 -29.16 1.74
C ARG C 282 19.39 -29.32 2.93
N ARG C 283 19.97 -29.48 4.11
CA ARG C 283 19.19 -29.73 5.31
C ARG C 283 19.17 -28.54 6.29
N PHE C 284 19.28 -27.34 5.72
CA PHE C 284 19.50 -26.11 6.49
C PHE C 284 18.42 -25.81 7.53
N ASP C 285 17.17 -26.03 7.15
CA ASP C 285 16.06 -25.74 8.05
C ASP C 285 16.22 -26.44 9.41
N GLU C 286 16.36 -27.76 9.40
CA GLU C 286 16.54 -28.51 10.64
C GLU C 286 17.80 -28.09 11.39
N ILE C 287 18.86 -27.75 10.66
CA ILE C 287 20.11 -27.30 11.28
C ILE C 287 19.87 -26.02 12.04
N LEU C 288 19.38 -25.01 11.32
CA LEU C 288 18.99 -23.74 11.91
C LEU C 288 18.04 -23.99 13.09
N GLU C 289 17.10 -24.91 12.90
CA GLU C 289 16.07 -25.21 13.87
C GLU C 289 16.66 -25.67 15.18
N ALA C 290 17.95 -25.99 15.16
CA ALA C 290 18.58 -26.50 16.36
C ALA C 290 20.01 -26.01 16.60
N SER C 291 20.41 -24.91 15.98
CA SER C 291 21.68 -24.29 16.31
C SER C 291 21.36 -22.97 16.99
N ASP C 292 22.35 -22.23 17.44
CA ASP C 292 22.06 -20.90 17.99
C ASP C 292 22.22 -19.90 16.88
N GLY C 293 23.17 -20.19 15.99
CA GLY C 293 23.43 -19.32 14.86
C GLY C 293 23.95 -20.09 13.67
N ILE C 294 24.21 -19.35 12.59
CA ILE C 294 24.72 -19.93 11.36
C ILE C 294 25.91 -19.12 10.88
N MET C 295 26.93 -19.82 10.42
CA MET C 295 28.03 -19.21 9.70
C MET C 295 27.99 -19.66 8.27
N VAL C 296 27.96 -18.71 7.34
CA VAL C 296 28.16 -19.03 5.94
C VAL C 296 29.66 -18.95 5.57
N ALA C 297 30.25 -20.09 5.24
CA ALA C 297 31.65 -20.11 4.84
C ALA C 297 31.69 -20.17 3.33
N ARG C 298 31.74 -19.03 2.66
CA ARG C 298 31.54 -19.03 1.21
C ARG C 298 32.67 -19.74 0.49
N GLY C 299 33.89 -19.45 0.91
CA GLY C 299 35.07 -20.13 0.40
C GLY C 299 34.88 -21.64 0.47
N ASP C 300 34.81 -22.18 1.68
CA ASP C 300 34.60 -23.61 1.83
C ASP C 300 33.33 -24.08 1.16
N LEU C 301 32.42 -23.15 0.92
CA LEU C 301 31.20 -23.46 0.18
C LEU C 301 31.47 -23.37 -1.33
N GLY C 302 32.51 -22.63 -1.72
CA GLY C 302 32.90 -22.51 -3.12
C GLY C 302 33.46 -23.76 -3.75
N ILE C 303 34.28 -24.49 -2.99
CA ILE C 303 34.74 -25.84 -3.37
C ILE C 303 33.55 -26.71 -3.79
N GLU C 304 32.59 -26.87 -2.89
CA GLU C 304 31.53 -27.86 -3.03
C GLU C 304 30.51 -27.66 -4.15
N ILE C 305 30.19 -26.41 -4.46
CA ILE C 305 29.21 -26.07 -5.52
C ILE C 305 29.71 -24.90 -6.39
N PRO C 306 29.18 -24.77 -7.61
CA PRO C 306 29.65 -23.74 -8.57
C PRO C 306 29.58 -22.30 -8.09
N ALA C 307 30.24 -21.42 -8.83
CA ALA C 307 30.22 -19.98 -8.55
C ALA C 307 28.84 -19.40 -8.76
N GLU C 308 28.27 -19.67 -9.92
CA GLU C 308 26.99 -19.06 -10.29
C GLU C 308 25.84 -19.42 -9.34
N LYS C 309 26.10 -20.32 -8.39
CA LYS C 309 25.06 -20.68 -7.45
C LYS C 309 25.31 -20.24 -6.00
N VAL C 310 26.57 -20.02 -5.62
CA VAL C 310 26.90 -19.78 -4.22
C VAL C 310 26.29 -18.52 -3.64
N PHE C 311 26.30 -17.41 -4.38
CA PHE C 311 25.62 -16.21 -3.91
C PHE C 311 24.16 -16.54 -3.69
N LEU C 312 23.58 -17.35 -4.58
CA LEU C 312 22.18 -17.73 -4.42
C LEU C 312 21.97 -18.41 -3.08
N ALA C 313 22.90 -19.27 -2.71
CA ALA C 313 22.79 -20.03 -1.48
C ALA C 313 22.97 -19.11 -0.25
N GLN C 314 23.94 -18.21 -0.32
CA GLN C 314 24.21 -17.29 0.77
C GLN C 314 23.00 -16.40 1.01
N LYS C 315 22.49 -15.79 -0.04
CA LYS C 315 21.34 -14.90 0.07
C LYS C 315 20.16 -15.58 0.78
N MET C 316 20.01 -16.88 0.56
CA MET C 316 18.88 -17.64 1.10
C MET C 316 19.11 -17.97 2.55
N MET C 317 20.32 -18.36 2.90
CA MET C 317 20.58 -18.68 4.30
C MET C 317 20.37 -17.44 5.18
N ILE C 318 21.19 -16.40 4.98
CA ILE C 318 21.02 -15.10 5.65
C ILE C 318 19.55 -14.70 5.74
N GLY C 319 18.79 -14.94 4.69
CA GLY C 319 17.41 -14.49 4.70
C GLY C 319 16.55 -15.39 5.53
N ARG C 320 16.97 -16.64 5.68
CA ARG C 320 16.17 -17.59 6.44
C ARG C 320 16.44 -17.37 7.93
N CYS C 321 17.69 -17.06 8.25
CA CYS C 321 18.04 -16.72 9.61
C CYS C 321 17.34 -15.44 10.00
N ASN C 322 17.34 -14.47 9.09
CA ASN C 322 16.68 -13.21 9.35
C ASN C 322 15.22 -13.37 9.77
N ARG C 323 14.54 -14.35 9.17
CA ARG C 323 13.18 -14.68 9.55
C ARG C 323 13.21 -15.29 10.94
N ALA C 324 13.80 -16.48 11.04
CA ALA C 324 13.81 -17.25 12.29
C ALA C 324 14.28 -16.47 13.50
N GLY C 325 15.07 -15.43 13.30
CA GLY C 325 15.46 -14.55 14.38
C GLY C 325 16.87 -14.83 14.84
N LYS C 326 17.34 -16.04 14.57
CA LYS C 326 18.67 -16.47 15.01
C LYS C 326 19.75 -15.84 14.15
N PRO C 327 20.86 -15.40 14.78
CA PRO C 327 21.82 -14.53 14.08
C PRO C 327 22.68 -15.25 13.04
N VAL C 328 23.07 -14.54 11.97
CA VAL C 328 23.92 -15.14 10.95
C VAL C 328 25.24 -14.37 10.73
N ILE C 329 26.34 -15.12 10.70
CA ILE C 329 27.65 -14.59 10.33
C ILE C 329 28.06 -15.12 8.99
N CYS C 330 28.61 -14.29 8.11
CA CYS C 330 29.17 -14.87 6.90
C CYS C 330 30.63 -14.51 6.79
N ALA C 331 31.42 -15.52 6.41
CA ALA C 331 32.88 -15.48 6.50
C ALA C 331 33.56 -16.00 5.22
N THR C 332 34.89 -15.91 5.20
CA THR C 332 35.73 -16.25 4.05
C THR C 332 35.69 -15.16 2.98
N GLN C 333 36.71 -15.17 2.11
CA GLN C 333 36.87 -14.22 1.01
C GLN C 333 36.61 -12.75 1.35
N MET C 334 36.84 -12.37 2.60
CA MET C 334 36.49 -11.00 3.00
C MET C 334 37.50 -9.98 2.54
N LEU C 335 38.58 -9.79 3.29
CA LEU C 335 39.62 -8.87 2.84
C LEU C 335 41.01 -9.52 2.65
N GLU C 336 41.05 -10.75 2.09
CA GLU C 336 42.30 -11.48 1.86
C GLU C 336 43.45 -10.64 1.32
N SER C 337 43.17 -9.82 0.31
CA SER C 337 44.16 -8.92 -0.30
C SER C 337 44.92 -8.10 0.74
N MET C 338 44.31 -7.95 1.91
CA MET C 338 44.84 -7.09 2.95
C MET C 338 45.96 -7.77 3.72
N ILE C 339 46.15 -9.06 3.50
CA ILE C 339 47.25 -9.78 4.14
C ILE C 339 48.59 -9.15 3.75
N LYS C 340 48.67 -8.65 2.52
CA LYS C 340 49.88 -8.03 2.02
C LYS C 340 49.75 -6.52 1.84
N LYS C 341 48.54 -6.04 1.56
CA LYS C 341 48.36 -4.61 1.30
C LYS C 341 47.58 -3.89 2.42
N PRO C 342 47.87 -2.59 2.62
CA PRO C 342 47.25 -1.76 3.66
C PRO C 342 45.83 -1.34 3.32
N ARG C 343 45.39 -1.69 2.11
CA ARG C 343 44.08 -1.28 1.59
C ARG C 343 43.55 -2.35 0.61
N PRO C 344 42.25 -2.63 0.63
CA PRO C 344 41.68 -3.73 -0.16
C PRO C 344 41.16 -3.36 -1.56
N THR C 345 40.92 -4.40 -2.35
CA THR C 345 40.40 -4.23 -3.71
C THR C 345 38.96 -3.75 -3.60
N ARG C 346 38.50 -2.94 -4.56
CA ARG C 346 37.11 -2.45 -4.50
C ARG C 346 36.10 -3.57 -4.70
N ALA C 347 36.56 -4.73 -5.14
CA ALA C 347 35.65 -5.85 -5.29
C ALA C 347 35.47 -6.50 -3.92
N GLU C 348 36.43 -6.27 -3.03
CA GLU C 348 36.30 -6.71 -1.65
C GLU C 348 35.41 -5.72 -0.88
N GLY C 349 35.63 -4.43 -1.12
CA GLY C 349 34.74 -3.40 -0.61
C GLY C 349 33.31 -3.80 -0.93
N SER C 350 33.08 -4.25 -2.15
CA SER C 350 31.74 -4.57 -2.62
C SER C 350 31.21 -5.88 -2.05
N ASP C 351 32.04 -6.91 -2.05
CA ASP C 351 31.61 -8.23 -1.59
C ASP C 351 31.17 -8.18 -0.12
N VAL C 352 31.89 -7.43 0.70
CA VAL C 352 31.53 -7.34 2.11
C VAL C 352 30.24 -6.55 2.27
N ALA C 353 30.19 -5.38 1.68
CA ALA C 353 29.01 -4.52 1.79
C ALA C 353 27.72 -5.23 1.34
N ASN C 354 27.82 -6.15 0.40
CA ASN C 354 26.60 -6.83 -0.01
C ASN C 354 26.21 -7.80 1.06
N ALA C 355 27.18 -8.44 1.68
CA ALA C 355 26.88 -9.37 2.77
C ALA C 355 26.16 -8.64 3.89
N VAL C 356 26.69 -7.47 4.27
CA VAL C 356 25.94 -6.53 5.12
C VAL C 356 24.51 -6.40 4.60
N LEU C 357 24.33 -5.80 3.41
CA LEU C 357 23.01 -5.50 2.85
C LEU C 357 22.10 -6.72 2.65
N ASP C 358 22.68 -7.91 2.58
CA ASP C 358 21.90 -9.14 2.44
C ASP C 358 21.16 -9.43 3.75
N GLY C 359 21.64 -8.84 4.84
CA GLY C 359 21.04 -9.04 6.15
C GLY C 359 21.92 -9.85 7.08
N ALA C 360 23.21 -9.62 7.01
CA ALA C 360 24.12 -10.33 7.88
C ALA C 360 24.21 -9.55 9.17
N ASP C 361 24.58 -10.24 10.24
CA ASP C 361 24.72 -9.61 11.54
C ASP C 361 26.18 -9.33 11.75
N CYS C 362 26.99 -10.33 11.46
CA CYS C 362 28.43 -10.11 11.48
C CYS C 362 29.16 -10.65 10.27
N ILE C 363 30.19 -9.90 9.88
CA ILE C 363 31.15 -10.38 8.91
C ILE C 363 32.46 -10.66 9.66
N MET C 364 33.10 -11.79 9.36
CA MET C 364 34.30 -12.22 10.09
C MET C 364 35.57 -12.28 9.25
N LEU C 365 36.65 -11.72 9.80
CA LEU C 365 37.92 -11.68 9.10
C LEU C 365 38.77 -12.90 9.48
N SER C 366 39.36 -13.57 8.48
CA SER C 366 40.27 -14.70 8.77
C SER C 366 41.75 -14.31 8.71
N GLY C 367 42.44 -14.78 7.67
CA GLY C 367 43.86 -14.50 7.52
C GLY C 367 44.23 -13.02 7.66
N GLU C 368 43.29 -12.13 7.31
CA GLU C 368 43.55 -10.70 7.27
C GLU C 368 44.21 -10.17 8.53
N THR C 369 43.85 -10.80 9.66
CA THR C 369 44.28 -10.36 10.99
C THR C 369 45.03 -11.43 11.78
N ALA C 370 44.97 -12.69 11.34
CA ALA C 370 45.76 -13.74 11.99
C ALA C 370 47.22 -13.77 11.52
N LYS C 371 47.46 -13.51 10.23
CA LYS C 371 48.82 -13.54 9.67
C LYS C 371 49.22 -12.20 9.10
N GLY C 372 48.30 -11.52 8.44
CA GLY C 372 48.55 -10.30 7.69
C GLY C 372 49.59 -9.31 8.20
N ASP C 373 50.35 -8.71 7.30
CA ASP C 373 51.33 -7.71 7.72
C ASP C 373 50.62 -6.47 8.23
N TYR C 374 49.36 -6.33 7.85
CA TYR C 374 48.54 -5.24 8.35
C TYR C 374 47.25 -5.83 8.92
N PRO C 375 47.29 -6.30 10.19
CA PRO C 375 46.09 -6.91 10.77
C PRO C 375 45.20 -5.84 11.39
N LEU C 376 45.83 -4.86 12.01
CA LEU C 376 45.10 -3.81 12.68
C LEU C 376 44.51 -2.92 11.61
N GLU C 377 45.29 -2.72 10.56
CA GLU C 377 44.89 -1.86 9.48
C GLU C 377 43.69 -2.52 8.80
N ALA C 378 43.66 -3.84 8.87
CA ALA C 378 42.57 -4.60 8.28
C ALA C 378 41.23 -4.42 8.98
N VAL C 379 41.26 -4.08 10.27
CA VAL C 379 40.00 -3.98 11.01
C VAL C 379 39.33 -2.65 10.74
N ARG C 380 40.10 -1.58 10.80
CA ARG C 380 39.56 -0.24 10.59
C ARG C 380 38.82 -0.15 9.27
N MET C 381 39.31 -0.88 8.27
CA MET C 381 38.69 -0.88 6.95
C MET C 381 37.36 -1.61 7.01
N GLN C 382 37.38 -2.82 7.54
CA GLN C 382 36.17 -3.61 7.75
C GLN C 382 35.09 -2.78 8.43
N HIS C 383 35.46 -2.05 9.46
CA HIS C 383 34.56 -1.10 10.08
C HIS C 383 34.08 -0.08 9.04
N LEU C 384 35.05 0.69 8.53
CA LEU C 384 34.82 1.71 7.50
C LEU C 384 33.88 1.27 6.36
N ILE C 385 34.09 0.06 5.85
CA ILE C 385 33.22 -0.47 4.82
C ILE C 385 31.85 -0.72 5.41
N ALA C 386 31.80 -1.53 6.47
CA ALA C 386 30.54 -1.99 7.03
C ALA C 386 29.69 -0.83 7.56
N ARG C 387 30.30 0.34 7.68
CA ARG C 387 29.59 1.52 8.14
C ARG C 387 28.98 2.26 6.95
N GLU C 388 29.75 2.37 5.87
CA GLU C 388 29.27 2.98 4.62
C GLU C 388 28.11 2.17 4.07
N ALA C 389 28.20 0.86 4.22
CA ALA C 389 27.19 -0.04 3.74
C ALA C 389 25.82 0.33 4.27
N GLU C 390 25.80 0.75 5.53
CA GLU C 390 24.57 1.04 6.25
C GLU C 390 23.67 1.99 5.44
N ALA C 391 24.24 3.02 4.84
CA ALA C 391 23.47 4.01 4.10
C ALA C 391 22.56 3.44 2.99
N ALA C 392 22.77 2.18 2.63
CA ALA C 392 22.03 1.53 1.54
C ALA C 392 21.07 0.46 2.05
N ILE C 393 20.86 0.42 3.37
CA ILE C 393 19.86 -0.45 3.97
C ILE C 393 18.56 0.29 3.92
N TYR C 394 17.49 -0.39 3.56
CA TYR C 394 16.18 0.23 3.50
C TYR C 394 15.33 -0.32 4.65
N HIS C 395 15.50 0.25 5.85
CA HIS C 395 14.85 -0.28 7.06
C HIS C 395 13.35 -0.19 6.89
N LEU C 396 12.97 0.93 6.31
CA LEU C 396 11.59 1.37 6.21
C LEU C 396 10.68 0.39 5.48
N GLN C 397 11.13 -0.86 5.40
CA GLN C 397 10.48 -1.93 4.66
C GLN C 397 10.91 -3.25 5.25
N LEU C 398 12.19 -3.34 5.57
CA LEU C 398 12.75 -4.54 6.17
C LEU C 398 11.94 -4.85 7.42
N PHE C 399 11.69 -3.79 8.20
CA PHE C 399 10.82 -3.85 9.38
C PHE C 399 9.43 -4.27 8.99
N GLU C 400 8.82 -3.54 8.07
CA GLU C 400 7.46 -3.86 7.68
C GLU C 400 7.28 -5.30 7.21
N GLU C 401 8.31 -5.85 6.56
CA GLU C 401 8.21 -7.22 6.07
C GLU C 401 8.36 -8.24 7.18
N LEU C 402 9.36 -8.02 8.05
CA LEU C 402 9.61 -8.91 9.19
C LEU C 402 8.37 -9.05 10.05
N ARG C 403 7.80 -7.88 10.38
CA ARG C 403 6.58 -7.75 11.17
C ARG C 403 5.38 -8.44 10.55
N ARG C 404 5.25 -8.30 9.23
CA ARG C 404 4.12 -8.89 8.53
C ARG C 404 4.20 -10.41 8.57
N LEU C 405 5.42 -10.94 8.55
CA LEU C 405 5.61 -12.38 8.53
C LEU C 405 5.39 -13.02 9.90
N ALA C 406 5.94 -12.41 10.95
CA ALA C 406 5.88 -12.98 12.31
C ALA C 406 4.45 -13.20 12.80
N PRO C 407 4.21 -14.33 13.48
CA PRO C 407 2.88 -14.72 13.99
C PRO C 407 2.52 -14.03 15.31
N ILE C 408 1.29 -14.20 15.77
CA ILE C 408 0.89 -13.64 17.07
C ILE C 408 1.53 -14.38 18.28
N THR C 409 1.85 -13.68 19.36
CA THR C 409 2.44 -14.33 20.54
C THR C 409 1.47 -14.52 21.70
N SER C 410 1.89 -15.32 22.66
CA SER C 410 1.20 -15.40 23.93
C SER C 410 2.19 -14.86 24.91
N ASP C 411 3.33 -14.45 24.39
CA ASP C 411 4.38 -14.02 25.28
C ASP C 411 4.48 -12.52 25.33
N PRO C 412 4.30 -11.97 26.53
CA PRO C 412 4.42 -10.53 26.76
C PRO C 412 5.76 -9.95 26.30
N THR C 413 6.84 -10.69 26.49
CA THR C 413 8.14 -10.08 26.29
C THR C 413 8.43 -9.81 24.81
N GLU C 414 7.84 -10.63 23.93
CA GLU C 414 7.92 -10.38 22.50
C GLU C 414 7.11 -9.14 22.15
N ALA C 415 5.80 -9.22 22.38
CA ALA C 415 4.85 -8.13 22.11
C ALA C 415 5.38 -6.75 22.50
N THR C 416 6.06 -6.66 23.62
CA THR C 416 6.65 -5.38 23.99
C THR C 416 7.67 -4.94 22.94
N ALA C 417 8.59 -5.84 22.60
CA ALA C 417 9.60 -5.53 21.59
C ALA C 417 8.97 -4.91 20.34
N VAL C 418 8.05 -5.67 19.76
CA VAL C 418 7.23 -5.21 18.66
C VAL C 418 6.77 -3.78 18.87
N GLY C 419 5.91 -3.59 19.87
CA GLY C 419 5.45 -2.25 20.22
C GLY C 419 6.58 -1.24 20.31
N ALA C 420 7.72 -1.66 20.87
CA ALA C 420 8.79 -0.72 21.10
C ALA C 420 9.40 -0.31 19.78
N VAL C 421 9.69 -1.29 18.94
CA VAL C 421 10.30 -0.99 17.66
C VAL C 421 9.32 -0.15 16.84
N GLU C 422 8.05 -0.54 16.85
CA GLU C 422 7.00 0.20 16.16
C GLU C 422 6.89 1.63 16.67
N ALA C 423 7.13 1.82 17.96
CA ALA C 423 7.05 3.15 18.55
C ALA C 423 8.32 3.92 18.22
N SER C 424 9.40 3.19 18.02
CA SER C 424 10.68 3.82 17.76
C SER C 424 10.64 4.46 16.38
N PHE C 425 9.83 3.89 15.48
CA PHE C 425 9.64 4.48 14.14
C PHE C 425 8.64 5.65 14.18
N LYS C 426 7.60 5.51 14.98
CA LYS C 426 6.56 6.54 15.07
C LYS C 426 7.13 7.89 15.53
N CYS C 427 8.21 7.87 16.30
CA CYS C 427 8.72 9.13 16.82
C CYS C 427 10.20 9.32 16.57
N CYS C 428 10.77 8.50 15.70
CA CYS C 428 12.17 8.64 15.32
C CYS C 428 13.10 8.64 16.51
N SER C 429 12.90 7.70 17.42
CA SER C 429 13.63 7.63 18.69
C SER C 429 15.13 7.50 18.47
N GLY C 430 15.90 8.23 19.27
CA GLY C 430 17.35 8.22 19.16
C GLY C 430 17.96 6.86 19.45
N ALA C 431 17.27 6.06 20.28
CA ALA C 431 17.65 4.66 20.57
C ALA C 431 16.53 3.85 21.22
N ILE C 432 16.69 2.54 21.25
CA ILE C 432 15.85 1.68 22.09
C ILE C 432 16.69 1.08 23.22
N ILE C 433 16.41 1.45 24.47
CA ILE C 433 17.16 0.91 25.62
C ILE C 433 16.47 -0.27 26.25
N VAL C 434 17.03 -1.45 26.05
CA VAL C 434 16.52 -2.58 26.78
C VAL C 434 17.42 -2.78 27.99
N LEU C 435 16.78 -3.04 29.14
CA LEU C 435 17.43 -3.52 30.34
C LEU C 435 17.15 -5.00 30.33
N THR C 436 18.20 -5.81 30.17
CA THR C 436 18.01 -7.25 30.20
C THR C 436 19.07 -8.04 30.95
N LYS C 437 18.62 -9.21 31.41
CA LYS C 437 19.36 -10.12 32.25
C LYS C 437 19.87 -11.15 31.27
N SER C 438 18.91 -11.93 30.77
CA SER C 438 19.16 -13.06 29.90
C SER C 438 19.83 -12.66 28.57
N GLY C 439 19.39 -11.56 27.98
CA GLY C 439 19.74 -11.25 26.60
C GLY C 439 18.49 -11.24 25.73
N ARG C 440 17.71 -12.32 25.80
CA ARG C 440 16.45 -12.50 25.06
C ARG C 440 15.61 -11.22 24.82
N SER C 441 15.56 -10.32 25.79
CA SER C 441 14.83 -9.08 25.63
C SER C 441 15.43 -8.28 24.47
N ALA C 442 16.71 -7.94 24.57
CA ALA C 442 17.41 -7.20 23.52
C ALA C 442 17.38 -7.94 22.16
N HIS C 443 17.35 -9.27 22.20
CA HIS C 443 17.37 -10.05 20.99
C HIS C 443 16.09 -9.85 20.24
N GLN C 444 15.00 -9.76 20.97
CA GLN C 444 13.69 -9.61 20.37
C GLN C 444 13.59 -8.33 19.55
N VAL C 445 13.90 -7.21 20.19
CA VAL C 445 13.91 -5.92 19.54
C VAL C 445 14.75 -6.01 18.28
N ALA C 446 15.88 -6.70 18.36
CA ALA C 446 16.77 -6.81 17.21
C ALA C 446 16.08 -7.54 16.07
N ARG C 447 15.35 -8.60 16.39
CA ARG C 447 14.70 -9.39 15.35
C ARG C 447 13.86 -8.55 14.37
N TYR C 448 13.16 -7.56 14.90
CA TYR C 448 12.30 -6.72 14.09
C TYR C 448 13.01 -5.51 13.51
N ARG C 449 14.29 -5.35 13.83
CA ARG C 449 15.17 -4.50 13.05
C ARG C 449 14.84 -3.01 13.05
N PRO C 450 15.10 -2.31 14.13
CA PRO C 450 14.85 -0.86 14.22
C PRO C 450 15.85 -0.10 13.41
N ARG C 451 15.60 1.17 13.17
CA ARG C 451 16.64 2.00 12.59
C ARG C 451 17.52 2.36 13.74
N ALA C 452 16.86 2.50 14.89
CA ALA C 452 17.51 2.96 16.12
C ALA C 452 18.39 1.90 16.71
N PRO C 453 19.50 2.32 17.32
CA PRO C 453 20.45 1.40 17.97
C PRO C 453 19.81 0.78 19.20
N ILE C 454 19.99 -0.52 19.40
CA ILE C 454 19.51 -1.14 20.63
C ILE C 454 20.63 -1.17 21.67
N ILE C 455 20.57 -0.29 22.68
CA ILE C 455 21.49 -0.39 23.81
C ILE C 455 20.97 -1.40 24.84
N ALA C 456 21.60 -2.57 24.91
CA ALA C 456 21.27 -3.56 25.92
C ALA C 456 22.09 -3.28 27.17
N VAL C 457 21.41 -3.01 28.30
CA VAL C 457 22.07 -2.78 29.57
C VAL C 457 21.99 -4.05 30.39
N THR C 458 23.14 -4.56 30.80
CA THR C 458 23.10 -5.79 31.58
C THR C 458 24.17 -5.83 32.68
N ARG C 459 23.97 -6.77 33.60
CA ARG C 459 25.02 -7.09 34.53
C ARG C 459 25.72 -8.34 34.01
N ASN C 460 24.92 -9.35 33.67
CA ASN C 460 25.46 -10.62 33.20
C ASN C 460 26.38 -10.43 32.04
N PRO C 461 27.70 -10.47 32.28
CA PRO C 461 28.61 -10.01 31.23
C PRO C 461 28.91 -11.12 30.22
N GLN C 462 28.22 -12.26 30.32
CA GLN C 462 28.34 -13.23 29.26
C GLN C 462 27.36 -12.82 28.18
N THR C 463 26.14 -12.48 28.59
CA THR C 463 25.15 -12.04 27.62
C THR C 463 25.61 -10.74 27.00
N ALA C 464 26.20 -9.87 27.82
CA ALA C 464 26.83 -8.64 27.31
C ALA C 464 27.77 -8.93 26.16
N ARG C 465 28.58 -9.97 26.32
CA ARG C 465 29.50 -10.38 25.26
C ARG C 465 28.77 -11.06 24.11
N GLN C 466 27.97 -12.07 24.43
CA GLN C 466 27.18 -12.78 23.45
C GLN C 466 26.30 -11.83 22.61
N ALA C 467 25.94 -10.69 23.21
CA ALA C 467 25.10 -9.70 22.53
C ALA C 467 25.63 -9.25 21.16
N HIS C 468 26.94 -9.37 20.94
CA HIS C 468 27.58 -8.94 19.70
C HIS C 468 27.11 -9.73 18.48
N LEU C 469 26.61 -10.94 18.69
CA LEU C 469 26.14 -11.73 17.56
C LEU C 469 24.91 -11.18 16.84
N TYR C 470 24.30 -10.12 17.34
CA TYR C 470 23.02 -9.63 16.80
C TYR C 470 23.15 -8.24 16.16
N ARG C 471 22.47 -8.05 15.03
CA ARG C 471 22.56 -6.79 14.32
C ARG C 471 22.01 -5.64 15.17
N GLY C 472 22.71 -4.52 15.19
CA GLY C 472 22.17 -3.33 15.83
C GLY C 472 21.93 -3.31 17.35
N ILE C 473 22.41 -4.34 18.05
CA ILE C 473 22.48 -4.32 19.51
C ILE C 473 23.87 -3.85 19.97
N PHE C 474 23.92 -2.80 20.77
CA PHE C 474 25.19 -2.31 21.33
C PHE C 474 25.19 -2.56 22.81
N PRO C 475 25.74 -3.70 23.27
CA PRO C 475 25.58 -4.13 24.65
C PRO C 475 26.56 -3.41 25.55
N VAL C 476 26.10 -3.09 26.77
CA VAL C 476 26.91 -2.39 27.75
C VAL C 476 26.85 -3.12 29.11
N LEU C 477 27.97 -3.09 29.83
CA LEU C 477 28.12 -3.84 31.06
C LEU C 477 27.96 -2.98 32.29
N CYS C 478 26.94 -3.27 33.10
CA CYS C 478 26.82 -2.53 34.35
C CYS C 478 27.63 -3.13 35.49
N LYS C 479 28.59 -2.34 35.98
CA LYS C 479 29.48 -2.79 37.02
C LYS C 479 29.00 -2.25 38.38
N ASP C 480 27.90 -1.49 38.34
CA ASP C 480 27.25 -1.00 39.55
C ASP C 480 26.51 -2.10 40.30
N PRO C 481 26.58 -2.06 41.64
CA PRO C 481 25.99 -3.08 42.52
C PRO C 481 24.51 -2.84 42.68
N VAL C 482 23.71 -3.90 42.60
CA VAL C 482 22.25 -3.79 42.66
C VAL C 482 21.81 -2.80 43.74
N GLN C 483 20.86 -1.92 43.42
CA GLN C 483 20.34 -0.98 44.42
C GLN C 483 19.25 -1.62 45.26
N GLU C 484 19.03 -1.03 46.44
CA GLU C 484 18.03 -1.46 47.41
C GLU C 484 16.62 -1.61 46.83
N ALA C 485 16.08 -0.52 46.30
CA ALA C 485 14.73 -0.50 45.75
C ALA C 485 14.73 -0.90 44.28
N TRP C 486 13.58 -1.27 43.71
CA TRP C 486 13.62 -1.51 42.28
C TRP C 486 13.76 -0.23 41.49
N ALA C 487 12.73 0.61 41.58
CA ALA C 487 12.82 2.01 41.23
C ALA C 487 14.27 2.50 41.23
N GLU C 488 14.90 2.47 42.39
CA GLU C 488 16.30 2.86 42.53
C GLU C 488 17.19 2.14 41.51
N ASP C 489 17.06 0.81 41.44
CA ASP C 489 17.94 -0.03 40.62
C ASP C 489 17.80 0.35 39.14
N VAL C 490 16.57 0.17 38.64
CA VAL C 490 16.18 0.53 37.28
C VAL C 490 16.63 1.93 36.88
N ASP C 491 16.25 2.94 37.64
CA ASP C 491 16.63 4.30 37.31
C ASP C 491 18.14 4.49 37.13
N LEU C 492 18.93 3.67 37.79
CA LEU C 492 20.39 3.78 37.68
C LEU C 492 20.89 3.18 36.36
N ARG C 493 20.43 1.96 36.07
CA ARG C 493 20.80 1.30 34.85
C ARG C 493 20.29 2.08 33.65
N VAL C 494 19.12 2.68 33.78
CA VAL C 494 18.57 3.46 32.69
C VAL C 494 19.37 4.73 32.48
N ASN C 495 19.75 5.40 33.56
CA ASN C 495 20.63 6.55 33.39
C ASN C 495 22.02 6.15 32.91
N PHE C 496 22.32 4.87 33.03
CA PHE C 496 23.61 4.36 32.56
C PHE C 496 23.63 4.47 31.05
N ALA C 497 22.78 3.66 30.40
CA ALA C 497 22.66 3.64 28.95
C ALA C 497 22.53 5.07 28.44
N MET C 498 21.65 5.82 29.08
CA MET C 498 21.43 7.20 28.68
C MET C 498 22.73 8.00 28.70
N ASN C 499 23.65 7.64 29.57
CA ASN C 499 24.93 8.33 29.61
C ASN C 499 25.90 7.76 28.58
N VAL C 500 25.94 6.44 28.49
CA VAL C 500 26.75 5.74 27.49
C VAL C 500 26.34 6.25 26.13
N GLY C 501 25.02 6.30 25.92
CA GLY C 501 24.43 6.83 24.72
C GLY C 501 25.01 8.18 24.34
N LYS C 502 24.79 9.19 25.18
CA LYS C 502 25.38 10.49 24.93
C LYS C 502 26.87 10.36 24.63
N ALA C 503 27.57 9.60 25.45
CA ALA C 503 29.01 9.47 25.34
C ALA C 503 29.46 9.01 23.96
N ARG C 504 28.79 8.02 23.42
CA ARG C 504 29.06 7.58 22.05
C ARG C 504 28.60 8.71 21.11
N GLY C 505 27.54 8.47 20.35
CA GLY C 505 26.98 9.50 19.49
C GLY C 505 25.48 9.37 19.31
N PHE C 506 24.93 8.28 19.84
CA PHE C 506 23.54 7.90 19.63
C PHE C 506 22.45 8.97 19.91
N PHE C 507 22.66 9.82 20.92
CA PHE C 507 21.72 10.92 21.20
C PHE C 507 22.30 12.13 21.95
N LYS C 508 21.58 13.26 21.89
CA LYS C 508 21.96 14.48 22.61
C LYS C 508 20.89 14.85 23.62
N LYS C 509 21.21 15.75 24.55
CA LYS C 509 20.20 16.18 25.52
C LYS C 509 19.05 16.80 24.76
N GLY C 510 17.86 16.26 25.00
CA GLY C 510 16.66 16.76 24.37
C GLY C 510 16.03 15.73 23.47
N ASP C 511 16.81 14.71 23.12
CA ASP C 511 16.30 13.70 22.21
C ASP C 511 15.32 12.79 22.94
N VAL C 512 14.63 11.94 22.20
CA VAL C 512 13.66 11.02 22.79
C VAL C 512 14.24 9.62 22.65
N VAL C 513 13.97 8.73 23.59
CA VAL C 513 14.45 7.35 23.48
C VAL C 513 13.41 6.35 23.96
N ILE C 514 13.55 5.09 23.58
CA ILE C 514 12.66 4.09 24.14
C ILE C 514 13.39 3.44 25.32
N VAL C 515 12.63 2.87 26.25
CA VAL C 515 13.20 2.26 27.45
C VAL C 515 12.32 1.04 27.80
N LEU C 516 12.92 -0.14 27.83
CA LEU C 516 12.17 -1.38 28.09
C LEU C 516 12.56 -2.09 29.38
N THR C 517 11.89 -1.81 30.49
CA THR C 517 12.16 -2.53 31.73
C THR C 517 11.07 -3.52 32.10
N GLY C 518 11.09 -3.99 33.35
CA GLY C 518 10.07 -4.91 33.83
C GLY C 518 9.20 -4.17 34.82
N TRP C 519 8.19 -4.85 35.38
CA TRP C 519 7.26 -4.19 36.30
C TRP C 519 7.55 -4.44 37.79
N ARG C 520 7.38 -5.70 38.20
CA ARG C 520 7.77 -6.23 39.51
C ARG C 520 9.09 -6.94 39.21
N PRO C 521 10.04 -7.03 40.18
CA PRO C 521 11.31 -7.66 39.80
C PRO C 521 11.25 -9.19 39.88
N GLY C 522 12.11 -9.87 39.13
CA GLY C 522 12.04 -11.30 39.03
C GLY C 522 10.77 -11.74 38.31
N SER C 523 10.16 -10.80 37.61
CA SER C 523 9.04 -11.12 36.73
C SER C 523 9.59 -11.92 35.58
N GLY C 524 8.78 -12.83 35.04
CA GLY C 524 9.24 -13.66 33.94
C GLY C 524 9.73 -12.89 32.71
N PHE C 525 9.54 -11.57 32.72
CA PHE C 525 9.44 -10.80 31.49
C PHE C 525 10.13 -9.43 31.50
N THR C 526 10.44 -8.95 30.29
CA THR C 526 10.59 -7.53 30.03
C THR C 526 9.34 -7.10 29.25
N ASN C 527 8.49 -6.28 29.88
CA ASN C 527 7.27 -5.83 29.27
C ASN C 527 6.81 -4.50 29.80
N THR C 528 7.69 -3.52 29.73
CA THR C 528 7.38 -2.13 30.06
C THR C 528 7.86 -1.27 28.91
N MET C 529 6.96 -0.50 28.34
CA MET C 529 7.34 0.32 27.19
C MET C 529 7.17 1.74 27.63
N ARG C 530 8.23 2.54 27.51
CA ARG C 530 8.22 3.87 28.09
C ARG C 530 8.94 4.82 27.16
N VAL C 531 8.36 5.98 26.87
CA VAL C 531 9.03 6.91 25.94
C VAL C 531 9.51 8.14 26.67
N VAL C 532 10.81 8.23 26.86
CA VAL C 532 11.35 9.23 27.76
C VAL C 532 12.34 10.16 27.08
N PRO C 533 12.45 11.40 27.57
CA PRO C 533 13.40 12.39 27.07
C PRO C 533 14.78 12.18 27.66
N VAL C 534 15.81 12.28 26.83
CA VAL C 534 17.17 12.26 27.33
C VAL C 534 17.38 13.51 28.18
N PRO C 535 17.87 13.31 29.40
CA PRO C 535 18.21 14.44 30.27
C PRO C 535 19.65 14.92 30.06
N ASP D 28 -7.54 -10.64 3.60
CA ASP D 28 -8.70 -9.76 3.68
C ASP D 28 -8.67 -8.65 2.62
N THR D 29 -9.77 -8.53 1.89
CA THR D 29 -10.12 -7.38 1.05
C THR D 29 -11.46 -6.93 1.60
N PHE D 30 -11.94 -5.73 1.28
CA PHE D 30 -13.23 -5.34 1.83
C PHE D 30 -14.35 -6.22 1.32
N LEU D 31 -14.27 -6.53 0.03
CA LEU D 31 -15.32 -7.26 -0.66
C LEU D 31 -15.32 -8.74 -0.25
N GLU D 32 -14.15 -9.28 0.02
CA GLU D 32 -14.06 -10.65 0.49
C GLU D 32 -14.77 -10.71 1.83
N HIS D 33 -14.56 -9.65 2.61
CA HIS D 33 -15.16 -9.53 3.92
C HIS D 33 -16.67 -9.48 3.83
N MET D 34 -17.22 -8.82 2.82
CA MET D 34 -18.66 -8.81 2.66
C MET D 34 -19.18 -10.18 2.24
N CYS D 35 -18.35 -10.95 1.55
CA CYS D 35 -18.83 -12.21 1.04
C CYS D 35 -18.78 -13.21 2.15
N ARG D 36 -17.94 -12.90 3.13
CA ARG D 36 -17.68 -13.75 4.28
C ARG D 36 -18.90 -13.84 5.22
N LEU D 37 -19.70 -12.77 5.26
CA LEU D 37 -20.81 -12.60 6.20
C LEU D 37 -21.74 -13.81 6.35
N ASP D 38 -22.27 -13.97 7.56
CA ASP D 38 -22.99 -15.19 7.88
C ASP D 38 -24.15 -14.98 8.81
N ILE D 39 -25.36 -14.89 8.27
CA ILE D 39 -26.54 -14.64 9.09
C ILE D 39 -26.93 -15.84 9.95
N ASP D 40 -26.28 -16.99 9.75
CA ASP D 40 -26.55 -18.10 10.63
C ASP D 40 -25.48 -18.19 11.69
N SER D 41 -24.51 -17.29 11.63
CA SER D 41 -23.51 -17.22 12.69
C SER D 41 -23.82 -16.08 13.64
N PRO D 42 -23.82 -16.38 14.95
CA PRO D 42 -24.12 -15.48 16.08
C PRO D 42 -23.00 -14.48 16.32
N PRO D 43 -23.36 -13.21 16.59
CA PRO D 43 -22.41 -12.14 16.89
C PRO D 43 -21.38 -12.53 17.93
N ILE D 44 -20.17 -12.00 17.78
CA ILE D 44 -19.04 -12.43 18.59
C ILE D 44 -18.34 -11.25 19.24
N THR D 45 -18.42 -10.09 18.59
CA THR D 45 -17.73 -8.88 19.04
C THR D 45 -18.60 -8.14 20.06
N ALA D 46 -18.00 -7.28 20.89
CA ALA D 46 -18.83 -6.46 21.76
C ALA D 46 -19.55 -5.45 20.89
N ARG D 47 -20.75 -5.06 21.29
CA ARG D 47 -21.35 -3.91 20.65
C ARG D 47 -20.47 -2.71 21.00
N ASN D 48 -19.87 -2.03 20.04
CA ASN D 48 -18.97 -0.93 20.43
C ASN D 48 -19.59 0.46 20.21
N THR D 49 -20.90 0.48 19.96
CA THR D 49 -21.62 1.72 19.73
C THR D 49 -22.47 2.01 20.95
N GLY D 50 -22.31 3.20 21.51
CA GLY D 50 -23.03 3.56 22.71
C GLY D 50 -24.48 3.90 22.42
N ILE D 51 -25.40 3.24 23.12
CA ILE D 51 -26.86 3.49 23.06
C ILE D 51 -27.34 4.71 23.88
N ILE D 52 -28.06 5.65 23.26
CA ILE D 52 -28.59 6.80 23.96
C ILE D 52 -30.15 6.77 23.97
N CYS D 53 -30.78 6.88 25.15
CA CYS D 53 -32.24 6.78 25.27
C CYS D 53 -32.92 8.04 25.76
N THR D 54 -34.05 8.38 25.15
CA THR D 54 -34.75 9.58 25.58
C THR D 54 -35.75 9.14 26.62
N ILE D 55 -35.63 9.71 27.83
CA ILE D 55 -36.53 9.37 28.91
C ILE D 55 -37.70 10.35 29.06
N GLY D 56 -38.90 9.80 29.06
CA GLY D 56 -40.09 10.57 29.33
C GLY D 56 -41.09 9.59 29.91
N PRO D 57 -42.38 9.98 29.95
CA PRO D 57 -43.51 9.21 30.48
C PRO D 57 -43.28 7.72 30.62
N ALA D 58 -43.00 7.02 29.53
CA ALA D 58 -42.99 5.57 29.60
C ALA D 58 -41.72 5.00 30.22
N SER D 59 -40.69 5.84 30.34
CA SER D 59 -39.38 5.33 30.74
C SER D 59 -38.90 5.59 32.18
N ARG D 60 -39.27 6.72 32.80
CA ARG D 60 -38.64 7.19 34.05
C ARG D 60 -38.90 6.46 35.40
N SER D 61 -39.88 5.56 35.45
CA SER D 61 -40.03 4.76 36.66
C SER D 61 -38.76 3.96 36.96
N VAL D 62 -38.06 4.32 38.04
CA VAL D 62 -36.86 3.62 38.52
C VAL D 62 -36.79 2.14 38.16
N GLU D 63 -37.91 1.42 38.30
CA GLU D 63 -37.94 0.01 37.90
C GLU D 63 -37.70 -0.24 36.41
N THR D 64 -38.38 0.53 35.57
CA THR D 64 -38.16 0.52 34.13
C THR D 64 -36.76 1.03 33.79
N LEU D 65 -36.45 2.22 34.29
CA LEU D 65 -35.08 2.75 34.19
C LEU D 65 -34.03 1.69 34.55
N LYS D 66 -34.26 0.95 35.63
CA LYS D 66 -33.33 -0.12 35.99
C LYS D 66 -33.21 -1.15 34.89
N GLU D 67 -34.32 -1.47 34.22
CA GLU D 67 -34.32 -2.53 33.21
C GLU D 67 -33.59 -2.11 31.95
N MET D 68 -33.62 -0.81 31.66
CA MET D 68 -33.00 -0.26 30.48
C MET D 68 -31.49 -0.18 30.66
N ILE D 69 -31.05 0.20 31.85
CA ILE D 69 -29.63 0.25 32.18
C ILE D 69 -29.08 -1.12 31.89
N LYS D 70 -29.73 -2.10 32.51
CA LYS D 70 -29.34 -3.49 32.48
C LYS D 70 -29.35 -4.02 31.04
N SER D 71 -30.31 -3.54 30.26
CA SER D 71 -30.50 -4.09 28.93
C SER D 71 -29.94 -3.22 27.82
N GLY D 72 -28.90 -2.44 28.13
CA GLY D 72 -28.13 -1.80 27.09
C GLY D 72 -27.79 -0.34 27.28
N MET D 73 -28.71 0.42 27.87
CA MET D 73 -28.60 1.88 27.93
C MET D 73 -27.27 2.43 28.47
N ASN D 74 -26.86 3.57 27.95
CA ASN D 74 -25.52 4.07 28.21
C ASN D 74 -25.59 5.52 28.57
N VAL D 75 -26.67 6.15 28.14
CA VAL D 75 -26.89 7.57 28.39
C VAL D 75 -28.40 7.83 28.55
N ALA D 76 -28.74 8.83 29.38
CA ALA D 76 -30.11 9.29 29.59
C ALA D 76 -30.31 10.68 28.98
N ARG D 77 -31.24 10.77 28.05
CA ARG D 77 -31.53 12.02 27.37
C ARG D 77 -32.69 12.64 28.10
N LEU D 78 -32.59 13.94 28.33
CA LEU D 78 -33.73 14.68 28.85
C LEU D 78 -34.26 15.68 27.83
N ASN D 79 -35.51 15.49 27.41
CA ASN D 79 -36.10 16.37 26.40
C ASN D 79 -36.73 17.65 26.99
N PHE D 80 -35.98 18.76 26.95
CA PHE D 80 -36.33 19.97 27.70
C PHE D 80 -37.32 20.94 27.06
N SER D 81 -37.87 20.55 25.93
CA SER D 81 -38.96 21.31 25.32
C SER D 81 -40.21 21.04 26.12
N HIS D 82 -40.07 20.12 27.08
CA HIS D 82 -41.15 19.82 28.00
C HIS D 82 -40.71 20.00 29.45
N GLY D 83 -41.51 19.44 30.35
CA GLY D 83 -41.23 19.36 31.77
C GLY D 83 -41.01 20.63 32.57
N THR D 84 -41.22 20.52 33.86
CA THR D 84 -40.78 21.52 34.81
C THR D 84 -39.42 21.09 35.29
N HIS D 85 -38.64 22.00 35.88
CA HIS D 85 -37.36 21.59 36.45
C HIS D 85 -37.59 20.53 37.51
N GLU D 86 -38.68 20.66 38.28
CA GLU D 86 -38.98 19.65 39.29
C GLU D 86 -39.26 18.31 38.61
N TYR D 87 -39.85 18.35 37.42
CA TYR D 87 -40.13 17.13 36.66
C TYR D 87 -38.83 16.44 36.31
N HIS D 88 -37.93 17.22 35.74
CA HIS D 88 -36.69 16.67 35.23
C HIS D 88 -35.70 16.28 36.30
N ALA D 89 -35.51 17.15 37.28
CA ALA D 89 -34.66 16.80 38.39
C ALA D 89 -35.09 15.48 39.05
N GLU D 90 -36.39 15.19 39.07
CA GLU D 90 -36.84 13.90 39.61
C GLU D 90 -36.40 12.81 38.65
N THR D 91 -36.57 13.04 37.35
CA THR D 91 -36.12 12.07 36.33
C THR D 91 -34.63 11.75 36.49
N ILE D 92 -33.78 12.77 36.51
CA ILE D 92 -32.37 12.59 36.87
C ILE D 92 -32.19 11.76 38.17
N LYS D 93 -32.91 12.08 39.24
CA LYS D 93 -32.77 11.36 40.50
C LYS D 93 -33.05 9.89 40.35
N ASN D 94 -34.11 9.57 39.58
CA ASN D 94 -34.44 8.18 39.31
C ASN D 94 -33.33 7.45 38.57
N VAL D 95 -32.83 8.06 37.50
CA VAL D 95 -31.69 7.52 36.75
C VAL D 95 -30.62 7.06 37.74
N ARG D 96 -30.13 7.98 38.57
CA ARG D 96 -29.00 7.64 39.42
C ARG D 96 -29.41 6.59 40.48
N THR D 97 -30.67 6.65 40.92
CA THR D 97 -31.16 5.61 41.82
C THR D 97 -30.97 4.25 41.14
N ALA D 98 -31.39 4.16 39.89
CA ALA D 98 -31.27 2.88 39.18
C ALA D 98 -29.80 2.56 38.94
N THR D 99 -28.98 3.57 38.72
CA THR D 99 -27.57 3.33 38.46
C THR D 99 -26.96 2.60 39.65
N GLU D 100 -26.92 3.26 40.82
CA GLU D 100 -26.26 2.70 41.99
C GLU D 100 -27.04 1.56 42.59
N SER D 101 -28.18 1.23 41.99
CA SER D 101 -28.91 0.03 42.35
C SER D 101 -28.05 -1.20 42.07
N PHE D 102 -27.06 -1.03 41.20
CA PHE D 102 -26.18 -2.14 40.86
C PHE D 102 -24.82 -1.99 41.55
N ALA D 103 -24.74 -1.07 42.51
CA ALA D 103 -23.46 -0.67 43.11
C ALA D 103 -22.48 -1.80 43.41
N SER D 104 -22.97 -2.86 44.06
CA SER D 104 -22.07 -3.91 44.52
C SER D 104 -21.52 -4.82 43.39
N ASP D 105 -22.36 -5.10 42.40
CA ASP D 105 -22.12 -6.15 41.42
C ASP D 105 -21.29 -5.71 40.20
N PRO D 106 -20.08 -6.31 40.03
CA PRO D 106 -19.25 -5.94 38.88
C PRO D 106 -19.86 -6.44 37.55
N ILE D 107 -20.60 -7.54 37.59
CA ILE D 107 -21.26 -8.06 36.40
C ILE D 107 -22.26 -7.07 35.78
N LEU D 108 -22.91 -6.24 36.60
CA LEU D 108 -23.90 -5.30 36.06
C LEU D 108 -23.60 -3.79 36.25
N GLU D 109 -22.63 -3.46 37.09
CA GLU D 109 -22.30 -2.06 37.31
C GLU D 109 -21.78 -1.39 36.04
N ARG D 110 -22.51 -0.41 35.52
CA ARG D 110 -22.02 0.42 34.42
C ARG D 110 -22.24 1.87 34.73
N PRO D 111 -21.28 2.77 34.39
CA PRO D 111 -21.65 4.19 34.42
C PRO D 111 -22.87 4.37 33.56
N VAL D 112 -23.73 5.31 33.94
CA VAL D 112 -24.81 5.76 33.07
C VAL D 112 -24.65 7.27 33.07
N ALA D 113 -24.88 7.93 31.96
CA ALA D 113 -24.60 9.35 31.97
C ALA D 113 -25.90 10.07 31.84
N VAL D 114 -25.85 11.39 32.03
CA VAL D 114 -27.06 12.19 31.93
C VAL D 114 -26.83 13.30 30.93
N ALA D 115 -27.76 13.41 29.99
CA ALA D 115 -27.61 14.41 28.94
C ALA D 115 -28.81 15.34 28.78
N LEU D 116 -28.48 16.63 28.79
CA LEU D 116 -29.48 17.67 28.75
C LEU D 116 -29.57 18.23 27.35
N ASP D 117 -30.72 17.98 26.72
CA ASP D 117 -30.99 18.40 25.37
C ASP D 117 -31.87 19.63 25.39
N THR D 118 -31.26 20.80 25.20
CA THR D 118 -32.02 22.04 25.22
C THR D 118 -33.16 21.98 24.20
N LYS D 119 -34.16 22.85 24.40
CA LYS D 119 -35.28 23.01 23.47
C LYS D 119 -34.82 23.81 22.28
N GLY D 120 -33.94 24.79 22.54
CA GLY D 120 -33.32 25.56 21.48
C GLY D 120 -34.28 26.45 20.74
N PRO D 121 -33.74 27.53 20.15
CA PRO D 121 -34.47 28.51 19.33
C PRO D 121 -35.41 27.81 18.40
N GLU D 122 -36.62 28.33 18.27
CA GLU D 122 -37.58 27.74 17.37
C GLU D 122 -38.73 28.70 17.03
N ILE D 123 -39.27 28.56 15.82
CA ILE D 123 -40.42 29.34 15.36
C ILE D 123 -41.69 28.51 15.31
N ARG D 124 -42.81 29.11 15.71
CA ARG D 124 -44.08 28.42 15.56
C ARG D 124 -45.21 29.35 15.09
N THR D 125 -46.29 28.76 14.60
CA THR D 125 -47.44 29.53 14.15
C THR D 125 -48.38 29.76 15.35
N GLY D 126 -49.49 30.46 15.13
CA GLY D 126 -50.43 30.73 16.21
C GLY D 126 -51.48 29.64 16.41
N LEU D 127 -52.46 29.91 17.27
CA LEU D 127 -53.59 29.01 17.45
C LEU D 127 -54.63 29.38 16.38
N ILE D 128 -55.07 28.41 15.60
CA ILE D 128 -56.12 28.64 14.60
C ILE D 128 -57.48 28.65 15.30
N LYS D 129 -58.09 29.85 15.38
CA LYS D 129 -59.28 30.08 16.17
C LYS D 129 -59.05 29.69 17.64
N GLY D 130 -58.56 30.62 18.45
CA GLY D 130 -58.23 30.33 19.83
C GLY D 130 -58.46 31.49 20.80
N ALA D 134 -58.17 22.49 17.40
CA ALA D 134 -58.68 23.47 16.44
C ALA D 134 -57.75 23.61 15.23
N GLU D 135 -58.31 23.72 14.03
CA GLU D 135 -57.50 23.73 12.79
C GLU D 135 -58.22 24.30 11.55
N VAL D 136 -57.43 24.72 10.56
CA VAL D 136 -57.98 25.09 9.25
C VAL D 136 -57.74 24.01 8.22
N GLU D 137 -57.53 24.45 6.98
CA GLU D 137 -57.20 23.58 5.86
C GLU D 137 -56.58 24.45 4.76
N LEU D 138 -55.51 23.95 4.14
CA LEU D 138 -54.80 24.68 3.09
C LEU D 138 -54.99 24.02 1.73
N LYS D 139 -54.86 24.83 0.67
CA LYS D 139 -55.08 24.34 -0.68
C LYS D 139 -53.84 24.57 -1.54
N LYS D 140 -53.78 23.88 -2.67
CA LYS D 140 -52.66 24.00 -3.60
C LYS D 140 -52.72 25.32 -4.38
N GLY D 141 -51.56 25.94 -4.59
CA GLY D 141 -51.45 27.14 -5.41
C GLY D 141 -52.07 28.43 -4.85
N ALA D 142 -52.84 28.30 -3.78
CA ALA D 142 -53.56 29.42 -3.16
C ALA D 142 -52.63 30.54 -2.68
N THR D 143 -53.19 31.70 -2.32
CA THR D 143 -52.37 32.81 -1.84
C THR D 143 -52.49 33.05 -0.33
N LEU D 144 -51.33 33.16 0.33
CA LEU D 144 -51.28 33.34 1.78
C LEU D 144 -50.59 34.64 2.17
N LYS D 145 -51.06 35.24 3.25
CA LYS D 145 -50.42 36.43 3.78
C LYS D 145 -49.87 36.06 5.16
N ILE D 146 -48.74 36.65 5.53
CA ILE D 146 -48.17 36.36 6.84
C ILE D 146 -47.90 37.65 7.62
N THR D 147 -48.24 37.63 8.90
CA THR D 147 -48.10 38.82 9.75
C THR D 147 -47.18 38.62 10.95
N LEU D 148 -46.51 39.69 11.33
CA LEU D 148 -45.74 39.73 12.57
C LEU D 148 -46.65 40.28 13.66
N ASP D 149 -47.65 41.05 13.22
CA ASP D 149 -48.62 41.72 14.07
C ASP D 149 -49.24 40.79 15.11
N ASN D 150 -48.82 40.95 16.37
CA ASN D 150 -49.27 40.11 17.49
C ASN D 150 -50.77 40.24 17.77
N ALA D 151 -51.37 41.33 17.28
CA ALA D 151 -52.81 41.53 17.39
C ALA D 151 -53.50 40.36 16.72
N TYR D 152 -52.81 39.76 15.77
CA TYR D 152 -53.29 38.59 15.05
C TYR D 152 -52.68 37.30 15.57
N MET D 153 -52.54 37.18 16.88
CA MET D 153 -51.91 36.00 17.46
C MET D 153 -52.86 34.79 17.54
N GLU D 154 -53.96 34.97 18.27
CA GLU D 154 -54.92 33.90 18.49
C GLU D 154 -55.92 33.79 17.34
N LYS D 155 -55.93 34.80 16.47
CA LYS D 155 -56.74 34.77 15.27
C LYS D 155 -55.84 34.29 14.15
N CYS D 156 -56.21 33.16 13.52
CA CYS D 156 -55.32 32.45 12.60
C CYS D 156 -56.09 31.61 11.59
N ASP D 157 -55.86 31.84 10.29
CA ASP D 157 -56.42 31.00 9.22
C ASP D 157 -55.89 31.30 7.81
N GLU D 158 -56.60 30.79 6.80
CA GLU D 158 -56.14 30.79 5.39
C GLU D 158 -55.83 32.16 4.79
N ASN D 159 -56.44 33.20 5.32
CA ASN D 159 -56.08 34.57 4.93
C ASN D 159 -54.67 34.86 5.43
N ILE D 160 -54.52 34.90 6.75
CA ILE D 160 -53.23 35.25 7.37
C ILE D 160 -52.71 34.25 8.41
N LEU D 161 -51.38 34.14 8.46
CA LEU D 161 -50.70 33.35 9.48
C LEU D 161 -49.66 34.21 10.18
N TRP D 162 -49.51 33.98 11.49
CA TRP D 162 -48.54 34.73 12.29
C TRP D 162 -47.50 33.81 12.90
N LEU D 163 -46.27 34.30 12.94
CA LEU D 163 -45.15 33.54 13.50
C LEU D 163 -44.25 34.43 14.37
N ASP D 164 -43.83 33.90 15.50
CA ASP D 164 -43.08 34.65 16.52
C ASP D 164 -41.75 35.25 16.07
N TYR D 165 -41.22 34.84 14.92
CA TYR D 165 -40.00 35.44 14.42
C TYR D 165 -40.28 36.88 13.95
N LYS D 166 -39.55 37.84 14.50
CA LYS D 166 -39.79 39.25 14.23
C LYS D 166 -38.92 39.85 13.12
N ASN D 167 -37.83 39.17 12.77
CA ASN D 167 -36.93 39.69 11.72
C ASN D 167 -36.98 38.90 10.41
N ILE D 168 -38.09 38.21 10.19
CA ILE D 168 -38.23 37.30 9.07
C ILE D 168 -38.06 38.01 7.72
N CYS D 169 -38.36 39.29 7.69
CA CYS D 169 -38.27 40.07 6.46
C CYS D 169 -36.84 40.52 6.11
N LYS D 170 -35.95 40.56 7.09
CA LYS D 170 -34.56 40.92 6.82
C LYS D 170 -33.72 39.70 6.42
N VAL D 171 -34.37 38.53 6.38
CA VAL D 171 -33.71 37.28 6.04
C VAL D 171 -34.24 36.70 4.74
N VAL D 172 -35.56 36.48 4.71
CA VAL D 172 -36.24 35.95 3.53
C VAL D 172 -36.35 37.01 2.43
N GLU D 173 -36.18 36.58 1.19
CA GLU D 173 -36.44 37.43 0.02
C GLU D 173 -37.53 36.82 -0.86
N VAL D 174 -37.88 37.50 -1.95
CA VAL D 174 -38.90 36.99 -2.87
C VAL D 174 -38.42 35.71 -3.54
N GLY D 175 -39.30 34.71 -3.59
CA GLY D 175 -38.98 33.44 -4.20
C GLY D 175 -38.54 32.40 -3.18
N SER D 176 -38.20 32.87 -1.98
CA SER D 176 -37.76 32.02 -0.86
C SER D 176 -38.85 31.05 -0.42
N LYS D 177 -38.49 29.77 -0.32
CA LYS D 177 -39.43 28.76 0.14
C LYS D 177 -39.46 28.77 1.67
N ILE D 178 -40.64 28.58 2.23
CA ILE D 178 -40.79 28.49 3.68
C ILE D 178 -41.56 27.22 4.02
N TYR D 179 -40.97 26.40 4.89
CA TYR D 179 -41.60 25.15 5.29
C TYR D 179 -42.35 25.36 6.60
N VAL D 180 -43.30 24.47 6.88
CA VAL D 180 -44.30 24.71 7.90
C VAL D 180 -44.92 23.39 8.40
N ASP D 181 -44.84 23.18 9.71
CA ASP D 181 -45.33 21.95 10.36
C ASP D 181 -44.67 20.69 9.82
N ASP D 182 -43.42 20.47 10.22
CA ASP D 182 -42.67 19.28 9.83
C ASP D 182 -42.60 19.10 8.31
N GLY D 183 -42.21 20.16 7.61
CA GLY D 183 -42.14 20.14 6.17
C GLY D 183 -43.46 20.00 5.45
N LEU D 184 -44.39 19.24 6.06
CA LEU D 184 -45.69 18.86 5.48
C LEU D 184 -46.43 19.94 4.67
N ILE D 185 -46.07 21.20 4.86
CA ILE D 185 -46.62 22.29 4.05
C ILE D 185 -45.53 23.29 3.68
N SER D 186 -45.31 23.47 2.39
CA SER D 186 -44.34 24.47 1.94
C SER D 186 -45.03 25.68 1.35
N LEU D 187 -44.34 26.80 1.31
CA LEU D 187 -44.84 28.06 0.78
C LEU D 187 -43.70 28.70 0.00
N GLN D 188 -44.00 29.74 -0.77
CA GLN D 188 -42.94 30.57 -1.35
C GLN D 188 -43.16 32.01 -0.95
N VAL D 189 -42.58 32.95 -1.69
CA VAL D 189 -42.73 34.36 -1.34
C VAL D 189 -42.95 35.19 -2.58
N LYS D 190 -44.15 35.72 -2.73
CA LYS D 190 -44.44 36.56 -3.86
C LYS D 190 -44.03 38.00 -3.57
N GLN D 191 -44.43 38.52 -2.41
CA GLN D 191 -44.13 39.90 -2.01
C GLN D 191 -43.73 39.98 -0.54
N LYS D 192 -42.74 40.81 -0.23
CA LYS D 192 -42.28 41.02 1.14
C LYS D 192 -41.92 42.49 1.42
N GLY D 193 -42.51 43.04 2.47
CA GLY D 193 -42.30 44.45 2.78
C GLY D 193 -41.67 44.71 4.14
N ALA D 194 -42.50 45.05 5.12
CA ALA D 194 -42.01 45.40 6.44
C ALA D 194 -42.33 44.33 7.49
N ASP D 195 -43.59 44.24 7.90
CA ASP D 195 -43.99 43.23 8.87
C ASP D 195 -45.02 42.27 8.30
N PHE D 196 -45.05 42.18 6.98
CA PHE D 196 -45.94 41.25 6.33
C PHE D 196 -45.22 40.52 5.20
N LEU D 197 -45.84 39.46 4.73
CA LEU D 197 -45.41 38.85 3.48
C LEU D 197 -46.56 38.08 2.80
N VAL D 198 -46.83 38.46 1.56
CA VAL D 198 -47.76 37.74 0.70
C VAL D 198 -47.02 36.56 0.09
N THR D 199 -47.62 35.38 0.20
CA THR D 199 -46.96 34.18 -0.25
C THR D 199 -47.88 33.28 -1.07
N GLU D 200 -47.31 32.23 -1.64
CA GLU D 200 -48.06 31.31 -2.48
C GLU D 200 -47.69 29.86 -2.16
N VAL D 201 -48.67 29.09 -1.71
CA VAL D 201 -48.43 27.70 -1.33
C VAL D 201 -47.94 26.83 -2.49
N GLU D 202 -46.81 26.18 -2.27
CA GLU D 202 -46.24 25.24 -3.23
C GLU D 202 -46.75 23.81 -2.96
N ASN D 203 -46.87 23.43 -1.70
CA ASN D 203 -47.42 22.12 -1.32
C ASN D 203 -48.44 22.24 -0.18
N GLY D 204 -49.58 21.57 -0.33
CA GLY D 204 -50.67 21.73 0.61
C GLY D 204 -50.94 20.58 1.58
N GLY D 205 -51.94 20.79 2.44
CA GLY D 205 -52.31 19.83 3.47
C GLY D 205 -52.91 20.56 4.66
N SER D 206 -53.64 19.82 5.50
CA SER D 206 -54.31 20.42 6.66
C SER D 206 -53.37 21.15 7.63
N LEU D 207 -53.67 22.42 7.89
CA LEU D 207 -52.89 23.22 8.82
C LEU D 207 -53.46 23.11 10.25
N GLY D 208 -52.65 23.46 11.24
CA GLY D 208 -53.08 23.42 12.63
C GLY D 208 -52.46 24.51 13.48
N SER D 209 -52.51 24.32 14.79
CA SER D 209 -52.09 25.35 15.72
C SER D 209 -50.65 25.17 16.19
N LYS D 210 -49.96 26.30 16.39
CA LYS D 210 -48.62 26.33 16.98
C LYS D 210 -47.67 25.29 16.42
N LYS D 211 -47.51 25.27 15.10
CA LYS D 211 -46.70 24.26 14.42
C LYS D 211 -45.37 24.84 13.92
N GLY D 212 -44.37 23.98 13.78
CA GLY D 212 -43.02 24.43 13.47
C GLY D 212 -42.83 25.00 12.08
N VAL D 213 -41.99 26.03 11.98
CA VAL D 213 -41.65 26.57 10.66
C VAL D 213 -40.13 26.68 10.41
N ASN D 214 -39.73 26.22 9.23
CA ASN D 214 -38.34 26.30 8.77
C ASN D 214 -38.22 27.20 7.56
N LEU D 215 -37.10 27.92 7.45
CA LEU D 215 -36.80 28.67 6.25
C LEU D 215 -35.45 28.26 5.65
N PRO D 216 -35.47 27.26 4.74
CA PRO D 216 -34.27 26.65 4.16
C PRO D 216 -33.28 27.64 3.58
N GLY D 217 -32.00 27.34 3.67
CA GLY D 217 -30.94 28.18 3.12
C GLY D 217 -30.86 29.59 3.67
N ALA D 218 -31.67 29.89 4.70
CA ALA D 218 -31.75 31.23 5.25
C ALA D 218 -30.86 31.38 6.48
N ALA D 219 -30.03 32.42 6.47
CA ALA D 219 -29.16 32.72 7.62
C ALA D 219 -29.96 33.27 8.78
N VAL D 220 -30.70 32.38 9.47
CA VAL D 220 -31.67 32.77 10.50
C VAL D 220 -31.08 33.67 11.59
N ASP D 221 -31.51 34.93 11.62
CA ASP D 221 -30.95 35.90 12.55
C ASP D 221 -31.29 35.52 13.98
N LEU D 222 -30.46 35.99 14.89
CA LEU D 222 -30.15 35.18 16.06
C LEU D 222 -30.73 35.47 17.45
N PRO D 223 -31.51 34.51 17.93
CA PRO D 223 -31.46 34.17 19.36
C PRO D 223 -30.46 33.01 19.46
N ALA D 224 -29.19 33.30 19.75
CA ALA D 224 -28.17 32.26 19.80
C ALA D 224 -28.60 31.13 20.73
N VAL D 225 -28.76 31.45 22.01
CA VAL D 225 -29.41 30.57 22.99
C VAL D 225 -30.67 31.26 23.53
N SER D 226 -31.76 30.53 23.66
CA SER D 226 -33.00 31.16 24.08
C SER D 226 -32.94 31.64 25.53
N GLU D 227 -33.88 32.49 25.92
CA GLU D 227 -33.95 32.92 27.30
C GLU D 227 -34.30 31.73 28.18
N LYS D 228 -35.06 30.78 27.62
CA LYS D 228 -35.32 29.54 28.35
C LYS D 228 -34.05 28.71 28.47
N ASP D 229 -33.26 28.70 27.41
CA ASP D 229 -32.11 27.83 27.35
C ASP D 229 -31.11 28.11 28.46
N ILE D 230 -30.93 29.39 28.80
CA ILE D 230 -30.01 29.75 29.87
C ILE D 230 -30.48 29.19 31.24
N GLN D 231 -31.79 29.10 31.41
CA GLN D 231 -32.35 28.59 32.66
C GLN D 231 -32.18 27.08 32.75
N ASP D 232 -32.19 26.43 31.59
CA ASP D 232 -32.04 24.97 31.56
C ASP D 232 -30.55 24.60 31.56
N LEU D 233 -29.72 25.43 30.95
CA LEU D 233 -28.29 25.26 31.04
C LEU D 233 -27.85 25.41 32.50
N LYS D 234 -28.28 26.47 33.16
CA LYS D 234 -27.95 26.66 34.56
C LYS D 234 -28.44 25.48 35.39
N PHE D 235 -29.68 25.06 35.18
CA PHE D 235 -30.22 23.91 35.90
C PHE D 235 -29.35 22.71 35.63
N GLY D 236 -28.81 22.64 34.42
CA GLY D 236 -27.96 21.54 34.03
C GLY D 236 -26.72 21.52 34.88
N VAL D 237 -26.06 22.67 34.98
CA VAL D 237 -24.87 22.75 35.79
C VAL D 237 -25.19 22.33 37.21
N GLU D 238 -26.37 22.73 37.69
CA GLU D 238 -26.80 22.44 39.05
C GLU D 238 -26.96 20.96 39.38
N GLN D 239 -27.37 20.15 38.41
CA GLN D 239 -27.57 18.73 38.68
C GLN D 239 -26.43 17.82 38.17
N ASP D 240 -25.30 18.44 37.82
CA ASP D 240 -24.10 17.68 37.51
C ASP D 240 -24.37 16.77 36.33
N VAL D 241 -24.91 17.34 35.26
CA VAL D 241 -25.11 16.61 34.03
C VAL D 241 -23.72 16.42 33.40
N ASP D 242 -23.65 15.60 32.36
CA ASP D 242 -22.37 15.27 31.77
C ASP D 242 -22.15 16.05 30.50
N MET D 243 -23.18 16.08 29.65
CA MET D 243 -23.12 16.83 28.41
C MET D 243 -24.43 17.52 28.07
N VAL D 244 -24.30 18.62 27.34
CA VAL D 244 -25.44 19.29 26.74
C VAL D 244 -25.47 19.01 25.22
N PHE D 245 -26.61 18.54 24.73
CA PHE D 245 -26.90 18.48 23.30
C PHE D 245 -27.48 19.84 22.85
N ALA D 246 -26.62 20.81 22.54
CA ALA D 246 -27.10 22.16 22.18
C ALA D 246 -27.88 22.20 20.87
N SER D 247 -29.16 22.55 20.94
CA SER D 247 -30.02 22.53 19.76
C SER D 247 -29.73 23.63 18.72
N PHE D 248 -30.05 23.32 17.46
CA PHE D 248 -30.04 24.28 16.36
C PHE D 248 -28.83 25.19 16.35
N ILE D 249 -27.70 24.64 15.88
CA ILE D 249 -26.45 25.37 15.85
C ILE D 249 -26.07 25.69 14.41
N ARG D 250 -25.67 26.94 14.17
CA ARG D 250 -25.44 27.38 12.82
C ARG D 250 -24.03 27.89 12.62
N LYS D 251 -23.46 28.53 13.62
CA LYS D 251 -22.15 29.15 13.45
C LYS D 251 -21.21 28.68 14.54
N ALA D 252 -19.94 29.08 14.45
CA ALA D 252 -18.99 28.77 15.50
C ALA D 252 -19.41 29.51 16.78
N SER D 253 -19.75 30.78 16.61
CA SER D 253 -20.14 31.65 17.71
C SER D 253 -21.25 31.00 18.52
N ASP D 254 -22.19 30.35 17.86
CA ASP D 254 -23.28 29.69 18.58
C ASP D 254 -22.80 28.64 19.59
N VAL D 255 -21.80 27.85 19.21
CA VAL D 255 -21.27 26.86 20.13
C VAL D 255 -20.57 27.64 21.21
N HIS D 256 -19.95 28.74 20.82
CA HIS D 256 -19.23 29.61 21.73
C HIS D 256 -20.12 30.26 22.79
N GLU D 257 -21.40 30.44 22.45
CA GLU D 257 -22.36 31.01 23.40
C GLU D 257 -22.60 30.02 24.53
N VAL D 258 -23.13 28.86 24.19
CA VAL D 258 -23.36 27.77 25.15
C VAL D 258 -22.09 27.49 25.96
N ARG D 259 -20.93 27.64 25.32
CA ARG D 259 -19.67 27.41 25.99
C ARG D 259 -19.53 28.41 27.13
N LYS D 260 -19.78 29.68 26.81
CA LYS D 260 -19.65 30.76 27.79
C LYS D 260 -20.74 30.73 28.87
N VAL D 261 -22.01 30.57 28.48
CA VAL D 261 -23.09 30.47 29.45
C VAL D 261 -22.82 29.34 30.44
N LEU D 262 -22.37 28.20 29.95
CA LEU D 262 -21.99 27.11 30.83
C LEU D 262 -20.94 27.59 31.83
N GLY D 263 -20.02 28.43 31.37
CA GLY D 263 -19.02 29.07 32.20
C GLY D 263 -18.06 28.21 33.02
N GLU D 264 -17.11 28.86 33.69
CA GLU D 264 -16.13 28.21 34.54
C GLU D 264 -16.75 27.14 35.44
N LYS D 265 -17.96 27.43 35.87
CA LYS D 265 -18.72 26.49 36.67
C LYS D 265 -18.95 25.15 35.95
N GLY D 266 -19.09 25.18 34.63
CA GLY D 266 -19.46 23.99 33.89
C GLY D 266 -18.49 23.65 32.79
N LYS D 267 -17.21 23.94 33.01
CA LYS D 267 -16.23 23.85 31.94
C LYS D 267 -15.82 22.42 31.55
N ASN D 268 -16.35 21.40 32.23
CA ASN D 268 -16.17 20.01 31.78
C ASN D 268 -17.45 19.43 31.24
N ILE D 269 -18.47 20.26 31.07
CA ILE D 269 -19.69 19.78 30.46
C ILE D 269 -19.38 19.69 28.96
N LYS D 270 -19.57 18.50 28.38
CA LYS D 270 -19.35 18.29 26.95
C LYS D 270 -20.46 18.97 26.15
N ILE D 271 -20.09 19.79 25.19
CA ILE D 271 -21.06 20.32 24.25
C ILE D 271 -21.17 19.47 22.95
N ILE D 272 -22.34 18.90 22.73
CA ILE D 272 -22.61 18.22 21.48
C ILE D 272 -23.56 19.10 20.67
N SER D 273 -23.09 19.67 19.56
CA SER D 273 -23.96 20.48 18.73
C SER D 273 -24.82 19.62 17.80
N LYS D 274 -26.13 19.85 17.85
CA LYS D 274 -27.05 19.25 16.89
C LYS D 274 -26.85 20.04 15.64
N ILE D 275 -26.92 19.37 14.50
CA ILE D 275 -26.96 20.02 13.21
C ILE D 275 -28.32 19.61 12.67
N GLU D 276 -29.18 20.59 12.40
CA GLU D 276 -30.58 20.29 12.09
C GLU D 276 -31.08 21.06 10.88
N ASN D 277 -30.17 21.65 10.13
CA ASN D 277 -30.55 22.55 9.05
C ASN D 277 -29.38 22.78 8.09
N HIS D 278 -29.67 23.34 6.92
CA HIS D 278 -28.69 23.47 5.86
C HIS D 278 -27.47 24.30 6.26
N GLU D 279 -27.71 25.43 6.91
CA GLU D 279 -26.63 26.35 7.26
C GLU D 279 -25.61 25.66 8.16
N GLY D 280 -26.08 24.69 8.94
CA GLY D 280 -25.20 23.91 9.79
C GLY D 280 -24.25 23.06 8.97
N VAL D 281 -24.80 22.23 8.08
CA VAL D 281 -24.01 21.51 7.09
C VAL D 281 -23.04 22.44 6.37
N ARG D 282 -23.47 23.68 6.11
CA ARG D 282 -22.60 24.58 5.37
C ARG D 282 -21.41 25.00 6.20
N ARG D 283 -21.66 25.44 7.42
CA ARG D 283 -20.57 25.94 8.23
C ARG D 283 -20.03 24.87 9.16
N PHE D 284 -20.33 23.62 8.85
CA PHE D 284 -19.99 22.48 9.71
C PHE D 284 -18.52 22.42 10.15
N ASP D 285 -17.62 22.97 9.34
CA ASP D 285 -16.19 22.91 9.68
C ASP D 285 -15.84 23.63 10.98
N GLU D 286 -16.30 24.86 11.13
CA GLU D 286 -16.03 25.64 12.34
C GLU D 286 -16.88 25.16 13.52
N ILE D 287 -18.04 24.59 13.22
CA ILE D 287 -18.92 24.07 14.26
C ILE D 287 -18.29 22.86 14.95
N LEU D 288 -17.53 22.07 14.21
CA LEU D 288 -16.82 20.93 14.79
C LEU D 288 -15.55 21.38 15.56
N GLU D 289 -14.92 22.46 15.09
CA GLU D 289 -13.76 23.00 15.79
C GLU D 289 -14.17 23.49 17.19
N ALA D 290 -15.35 24.08 17.29
CA ALA D 290 -15.84 24.65 18.54
C ALA D 290 -16.48 23.60 19.46
N SER D 291 -17.23 22.67 18.89
CA SER D 291 -17.94 21.70 19.70
C SER D 291 -17.05 20.58 20.24
N ASP D 292 -17.53 19.94 21.30
CA ASP D 292 -16.88 18.77 21.85
C ASP D 292 -17.32 17.55 21.05
N GLY D 293 -18.43 17.70 20.33
CA GLY D 293 -19.07 16.63 19.58
C GLY D 293 -20.23 17.08 18.67
N ILE D 294 -20.86 16.13 17.98
CA ILE D 294 -21.80 16.47 16.92
C ILE D 294 -23.01 15.55 16.88
N MET D 295 -24.19 16.12 16.68
CA MET D 295 -25.39 15.32 16.50
C MET D 295 -25.91 15.48 15.09
N VAL D 296 -26.27 14.37 14.47
CA VAL D 296 -26.89 14.43 13.18
C VAL D 296 -28.38 14.22 13.41
N ALA D 297 -29.13 15.30 13.24
CA ALA D 297 -30.58 15.25 13.32
C ALA D 297 -31.11 14.90 11.96
N ARG D 298 -31.29 13.61 11.70
CA ARG D 298 -31.67 13.22 10.34
C ARG D 298 -33.00 13.85 9.88
N GLY D 299 -34.05 13.67 10.68
CA GLY D 299 -35.36 14.20 10.34
C GLY D 299 -35.37 15.71 10.17
N ASP D 300 -34.73 16.41 11.09
CA ASP D 300 -34.71 17.85 11.06
C ASP D 300 -33.88 18.32 9.87
N LEU D 301 -32.91 17.50 9.49
CA LEU D 301 -32.18 17.73 8.26
C LEU D 301 -33.13 17.54 7.09
N GLY D 302 -33.94 16.48 7.17
CA GLY D 302 -34.88 16.15 6.10
C GLY D 302 -35.95 17.19 5.79
N ILE D 303 -36.04 18.22 6.60
CA ILE D 303 -37.06 19.23 6.40
C ILE D 303 -36.52 20.30 5.45
N GLU D 304 -35.25 20.68 5.62
CA GLU D 304 -34.67 21.75 4.84
C GLU D 304 -33.82 21.30 3.64
N ILE D 305 -33.48 20.01 3.56
CA ILE D 305 -32.72 19.50 2.42
C ILE D 305 -33.30 18.16 1.96
N PRO D 306 -33.24 17.91 0.64
CA PRO D 306 -33.99 16.84 -0.03
C PRO D 306 -33.57 15.43 0.35
N ALA D 307 -34.52 14.50 0.30
CA ALA D 307 -34.28 13.10 0.65
C ALA D 307 -33.07 12.52 -0.07
N GLU D 308 -32.83 12.96 -1.30
CA GLU D 308 -31.74 12.39 -2.06
C GLU D 308 -30.38 12.91 -1.61
N LYS D 309 -30.36 13.97 -0.80
CA LYS D 309 -29.10 14.61 -0.44
C LYS D 309 -28.65 14.38 1.00
N VAL D 310 -29.60 14.06 1.88
CA VAL D 310 -29.33 14.00 3.31
C VAL D 310 -28.27 12.95 3.66
N PHE D 311 -28.40 11.76 3.10
CA PHE D 311 -27.49 10.66 3.45
C PHE D 311 -26.06 11.00 3.08
N LEU D 312 -25.88 11.88 2.10
CA LEU D 312 -24.56 12.36 1.76
C LEU D 312 -24.12 13.18 2.94
N ALA D 313 -24.96 14.12 3.35
CA ALA D 313 -24.63 15.01 4.46
C ALA D 313 -24.37 14.26 5.76
N GLN D 314 -25.09 13.16 5.99
CA GLN D 314 -24.83 12.35 7.17
C GLN D 314 -23.44 11.76 7.08
N LYS D 315 -23.21 10.98 6.02
CA LYS D 315 -21.93 10.32 5.77
C LYS D 315 -20.75 11.29 5.84
N MET D 316 -20.99 12.52 5.39
CA MET D 316 -19.95 13.55 5.35
C MET D 316 -19.60 13.97 6.75
N MET D 317 -20.60 14.42 7.51
CA MET D 317 -20.40 14.81 8.90
C MET D 317 -19.80 13.68 9.74
N ILE D 318 -20.41 12.51 9.74
CA ILE D 318 -19.84 11.40 10.49
C ILE D 318 -18.36 11.24 10.19
N GLY D 319 -18.03 11.10 8.92
CA GLY D 319 -16.65 10.90 8.54
C GLY D 319 -15.76 12.03 9.00
N ARG D 320 -16.23 13.26 8.87
CA ARG D 320 -15.39 14.38 9.23
C ARG D 320 -15.12 14.38 10.72
N CYS D 321 -16.04 13.79 11.48
CA CYS D 321 -15.86 13.66 12.91
C CYS D 321 -14.85 12.57 13.24
N ASN D 322 -15.02 11.39 12.63
CA ASN D 322 -14.06 10.29 12.80
C ASN D 322 -12.63 10.79 12.59
N ARG D 323 -12.49 11.66 11.59
CA ARG D 323 -11.22 12.32 11.34
C ARG D 323 -10.80 13.20 12.50
N ALA D 324 -11.71 14.08 12.93
CA ALA D 324 -11.43 15.04 14.01
C ALA D 324 -11.20 14.37 15.36
N GLY D 325 -11.63 13.12 15.50
CA GLY D 325 -11.44 12.42 16.74
C GLY D 325 -12.53 12.75 17.75
N LYS D 326 -13.37 13.73 17.43
CA LYS D 326 -14.57 14.08 18.21
C LYS D 326 -15.76 13.14 17.99
N PRO D 327 -16.68 13.02 18.97
CA PRO D 327 -17.75 12.03 18.83
C PRO D 327 -18.99 12.51 18.06
N VAL D 328 -19.71 11.54 17.50
CA VAL D 328 -20.77 11.85 16.58
C VAL D 328 -21.95 10.95 16.92
N ILE D 329 -23.09 11.57 17.12
CA ILE D 329 -24.26 10.84 17.56
C ILE D 329 -25.25 10.87 16.42
N CYS D 330 -25.92 9.75 16.20
CA CYS D 330 -26.85 9.63 15.11
C CYS D 330 -28.27 9.47 15.64
N ALA D 331 -29.11 10.48 15.44
CA ALA D 331 -30.44 10.45 16.04
C ALA D 331 -31.58 10.70 15.05
N THR D 332 -32.81 10.62 15.56
CA THR D 332 -34.04 10.80 14.77
C THR D 332 -34.35 9.62 13.86
N GLN D 333 -35.64 9.35 13.70
CA GLN D 333 -36.14 8.26 12.86
C GLN D 333 -35.40 6.94 13.01
N MET D 334 -35.04 6.51 14.21
CA MET D 334 -34.46 5.18 14.36
C MET D 334 -35.55 4.14 14.50
N LEU D 335 -35.71 3.58 15.69
CA LEU D 335 -36.72 2.54 15.88
C LEU D 335 -38.16 3.01 16.11
N GLU D 336 -38.58 4.09 15.45
CA GLU D 336 -39.91 4.65 15.68
C GLU D 336 -41.10 3.72 15.39
N SER D 337 -40.89 2.70 14.59
CA SER D 337 -41.90 1.64 14.44
C SER D 337 -42.25 1.05 15.82
N MET D 338 -41.23 0.95 16.68
CA MET D 338 -41.37 0.26 17.96
C MET D 338 -42.22 1.02 18.97
N ILE D 339 -42.63 2.23 18.60
CA ILE D 339 -43.54 2.97 19.45
C ILE D 339 -44.87 2.22 19.70
N LYS D 340 -45.37 1.49 18.70
CA LYS D 340 -46.60 0.74 18.85
C LYS D 340 -46.46 -0.77 18.61
N LYS D 341 -45.33 -1.21 18.05
CA LYS D 341 -45.09 -2.64 17.85
C LYS D 341 -43.84 -3.11 18.64
N PRO D 342 -43.82 -4.38 19.07
CA PRO D 342 -42.71 -4.95 19.85
C PRO D 342 -41.44 -5.31 19.07
N ARG D 343 -41.39 -5.03 17.77
CA ARG D 343 -40.22 -5.30 16.90
C ARG D 343 -40.11 -4.27 15.76
N PRO D 344 -38.88 -3.96 15.31
CA PRO D 344 -38.81 -2.97 14.23
C PRO D 344 -38.94 -3.54 12.83
N THR D 345 -39.33 -2.66 11.90
CA THR D 345 -39.34 -2.94 10.47
C THR D 345 -37.93 -3.27 9.99
N ARG D 346 -37.79 -4.12 8.96
CA ARG D 346 -36.45 -4.46 8.47
C ARG D 346 -35.80 -3.23 7.85
N ALA D 347 -36.63 -2.31 7.37
CA ALA D 347 -36.11 -1.07 6.82
C ALA D 347 -35.36 -0.32 7.90
N GLU D 348 -35.83 -0.47 9.14
CA GLU D 348 -35.25 0.23 10.26
C GLU D 348 -34.03 -0.48 10.79
N GLY D 349 -34.05 -1.82 10.70
CA GLY D 349 -32.87 -2.59 11.02
C GLY D 349 -31.71 -2.07 10.19
N SER D 350 -31.98 -1.85 8.91
CA SER D 350 -30.98 -1.28 8.00
C SER D 350 -30.49 0.11 8.44
N ASP D 351 -31.40 1.06 8.61
CA ASP D 351 -30.99 2.45 8.86
C ASP D 351 -29.93 2.61 9.95
N VAL D 352 -30.15 1.95 11.08
CA VAL D 352 -29.20 2.01 12.21
C VAL D 352 -27.85 1.39 11.85
N ALA D 353 -27.91 0.23 11.19
CA ALA D 353 -26.73 -0.55 10.90
C ALA D 353 -25.84 0.27 9.99
N ASN D 354 -26.43 0.78 8.92
CA ASN D 354 -25.67 1.59 7.98
C ASN D 354 -25.48 2.98 8.55
N ALA D 355 -25.28 3.03 9.86
CA ALA D 355 -25.04 4.29 10.56
C ALA D 355 -24.00 3.98 11.59
N VAL D 356 -24.12 2.79 12.17
CA VAL D 356 -23.00 2.18 12.88
C VAL D 356 -21.80 2.23 11.95
N LEU D 357 -22.03 1.78 10.71
CA LEU D 357 -20.99 1.47 9.71
C LEU D 357 -20.29 2.68 9.13
N ASP D 358 -21.03 3.76 8.88
CA ASP D 358 -20.42 5.00 8.42
C ASP D 358 -19.55 5.57 9.52
N GLY D 359 -19.76 5.12 10.74
CA GLY D 359 -18.84 5.41 11.84
C GLY D 359 -19.37 6.24 12.97
N ALA D 360 -20.65 6.06 13.27
CA ALA D 360 -21.23 6.80 14.35
C ALA D 360 -20.76 6.16 15.64
N ASP D 361 -20.47 6.97 16.66
CA ASP D 361 -20.07 6.40 17.93
C ASP D 361 -21.30 5.95 18.67
N CYS D 362 -22.30 6.82 18.66
CA CYS D 362 -23.54 6.55 19.36
C CYS D 362 -24.74 6.78 18.47
N ILE D 363 -25.77 5.97 18.70
CA ILE D 363 -27.06 6.29 18.09
C ILE D 363 -28.13 6.44 19.16
N MET D 364 -28.87 7.56 19.10
CA MET D 364 -29.90 7.93 20.07
C MET D 364 -31.34 7.52 19.74
N LEU D 365 -31.92 6.67 20.59
CA LEU D 365 -33.34 6.41 20.55
C LEU D 365 -34.13 7.66 20.98
N SER D 366 -35.25 7.94 20.30
CA SER D 366 -36.14 9.03 20.71
C SER D 366 -37.43 8.45 21.24
N GLY D 367 -38.55 8.90 20.68
CA GLY D 367 -39.85 8.52 21.18
C GLY D 367 -40.14 7.07 21.51
N GLU D 368 -39.25 6.15 21.12
CA GLU D 368 -39.51 4.73 21.32
C GLU D 368 -39.20 4.29 22.75
N THR D 369 -38.31 5.03 23.40
CA THR D 369 -38.06 4.84 24.82
C THR D 369 -38.88 5.83 25.65
N ALA D 370 -39.05 7.06 25.15
CA ALA D 370 -39.68 8.14 25.93
C ALA D 370 -41.19 8.09 26.14
N LYS D 371 -41.93 7.40 25.27
CA LYS D 371 -43.39 7.45 25.34
C LYS D 371 -44.06 6.26 24.68
N GLY D 372 -43.28 5.25 24.32
CA GLY D 372 -43.82 4.15 23.56
C GLY D 372 -44.54 3.18 24.46
N ASP D 373 -44.97 2.06 23.90
CA ASP D 373 -45.51 1.00 24.73
C ASP D 373 -44.51 -0.13 24.80
N TYR D 374 -43.33 0.07 24.21
CA TYR D 374 -42.26 -0.93 24.30
C TYR D 374 -40.89 -0.32 24.52
N PRO D 375 -40.75 0.54 25.53
CA PRO D 375 -39.48 1.26 25.64
C PRO D 375 -38.36 0.29 25.98
N LEU D 376 -38.77 -0.91 26.39
CA LEU D 376 -37.82 -1.88 26.86
C LEU D 376 -37.28 -2.65 25.68
N GLU D 377 -38.15 -3.19 24.85
CA GLU D 377 -37.73 -3.92 23.66
C GLU D 377 -36.89 -3.02 22.74
N ALA D 378 -37.24 -1.74 22.70
CA ALA D 378 -36.50 -0.76 21.92
C ALA D 378 -35.02 -0.70 22.29
N VAL D 379 -34.70 -0.58 23.57
CA VAL D 379 -33.29 -0.66 23.93
C VAL D 379 -32.77 -2.04 23.54
N ARG D 380 -33.55 -3.09 23.82
CA ARG D 380 -33.12 -4.44 23.49
C ARG D 380 -32.78 -4.63 22.02
N MET D 381 -33.71 -4.28 21.14
CA MET D 381 -33.50 -4.40 19.70
C MET D 381 -32.29 -3.59 19.25
N GLN D 382 -32.34 -2.30 19.54
CA GLN D 382 -31.25 -1.38 19.24
C GLN D 382 -29.89 -1.96 19.64
N HIS D 383 -29.87 -2.78 20.68
CA HIS D 383 -28.65 -3.50 21.03
C HIS D 383 -28.37 -4.61 20.03
N LEU D 384 -29.27 -5.59 20.03
CA LEU D 384 -29.20 -6.70 19.08
C LEU D 384 -28.71 -6.23 17.72
N ILE D 385 -29.33 -5.16 17.21
CA ILE D 385 -28.97 -4.62 15.91
C ILE D 385 -27.53 -4.13 15.87
N ALA D 386 -27.18 -3.23 16.77
CA ALA D 386 -25.86 -2.60 16.76
C ALA D 386 -24.73 -3.61 16.95
N ARG D 387 -25.10 -4.84 17.32
CA ARG D 387 -24.14 -5.88 17.57
C ARG D 387 -23.91 -6.59 16.26
N GLU D 388 -24.99 -7.09 15.67
CA GLU D 388 -24.96 -7.68 14.33
C GLU D 388 -24.10 -6.87 13.36
N ALA D 389 -24.28 -5.55 13.39
CA ALA D 389 -23.57 -4.64 12.51
C ALA D 389 -22.06 -4.63 12.73
N GLU D 390 -21.59 -5.14 13.85
CA GLU D 390 -20.15 -5.14 14.05
C GLU D 390 -19.47 -6.14 13.08
N ALA D 391 -20.20 -7.22 12.76
CA ALA D 391 -19.71 -8.24 11.84
C ALA D 391 -19.39 -7.69 10.46
N ALA D 392 -20.00 -6.56 10.13
CA ALA D 392 -19.82 -5.93 8.83
C ALA D 392 -18.91 -4.71 8.90
N ILE D 393 -18.26 -4.48 10.03
CA ILE D 393 -17.37 -3.34 10.12
C ILE D 393 -16.11 -3.86 9.56
N TYR D 394 -15.54 -3.14 8.60
CA TYR D 394 -14.26 -3.55 8.07
C TYR D 394 -13.16 -3.33 9.14
N HIS D 395 -12.85 -4.42 9.86
CA HIS D 395 -12.25 -4.35 11.20
C HIS D 395 -10.73 -4.13 11.25
N LEU D 396 -9.98 -5.15 10.85
CA LEU D 396 -8.53 -5.14 10.95
C LEU D 396 -7.91 -4.03 10.08
N GLN D 397 -8.49 -3.82 8.90
CA GLN D 397 -7.99 -2.83 7.94
C GLN D 397 -8.11 -1.38 8.43
N LEU D 398 -9.17 -1.10 9.21
CA LEU D 398 -9.42 0.24 9.71
C LEU D 398 -8.13 0.84 10.31
N PHE D 399 -7.45 0.06 11.15
CA PHE D 399 -6.20 0.46 11.81
C PHE D 399 -5.05 0.57 10.85
N GLU D 400 -4.81 -0.54 10.14
CA GLU D 400 -3.64 -0.73 9.30
C GLU D 400 -3.35 0.48 8.40
N GLU D 401 -4.43 1.12 7.93
CA GLU D 401 -4.34 2.36 7.16
C GLU D 401 -3.76 3.52 7.97
N LEU D 402 -4.40 3.92 9.08
CA LEU D 402 -3.90 5.11 9.78
C LEU D 402 -2.58 4.86 10.47
N ARG D 403 -2.19 3.61 10.61
CA ARG D 403 -0.90 3.31 11.19
C ARG D 403 0.21 3.89 10.31
N ARG D 404 0.08 3.64 9.01
CA ARG D 404 1.08 4.00 8.02
C ARG D 404 1.09 5.52 7.79
N LEU D 405 0.09 5.99 7.05
CA LEU D 405 -0.09 7.40 6.70
C LEU D 405 0.15 8.41 7.84
N ALA D 406 -0.01 7.97 9.08
CA ALA D 406 0.18 8.86 10.23
C ALA D 406 1.60 9.41 10.29
N PRO D 407 1.75 10.73 10.43
CA PRO D 407 3.05 11.39 10.34
C PRO D 407 3.92 11.03 11.53
N ILE D 408 5.17 11.46 11.47
CA ILE D 408 6.07 11.25 12.57
C ILE D 408 5.88 12.35 13.61
N THR D 409 5.70 11.95 14.88
CA THR D 409 5.46 12.89 15.97
C THR D 409 6.72 13.18 16.77
N SER D 410 6.56 13.88 17.88
CA SER D 410 7.62 14.09 18.84
C SER D 410 6.91 14.04 20.17
N ASP D 411 5.61 13.82 20.08
CA ASP D 411 4.77 13.70 21.24
C ASP D 411 4.82 12.26 21.68
N PRO D 412 5.46 12.03 22.84
CA PRO D 412 5.68 10.67 23.33
C PRO D 412 4.39 9.97 23.58
N THR D 413 3.36 10.73 23.97
CA THR D 413 2.07 10.12 24.28
C THR D 413 1.50 9.41 23.07
N GLU D 414 1.74 10.01 21.89
CA GLU D 414 1.33 9.42 20.61
C GLU D 414 2.04 8.10 20.38
N ALA D 415 3.36 8.14 20.37
CA ALA D 415 4.17 6.94 20.17
C ALA D 415 3.73 5.78 21.08
N THR D 416 3.45 6.11 22.34
CA THR D 416 3.04 5.14 23.35
C THR D 416 1.71 4.49 23.04
N ALA D 417 0.79 5.26 22.50
CA ALA D 417 -0.49 4.69 22.12
C ALA D 417 -0.34 3.74 20.93
N VAL D 418 0.44 4.14 19.92
CA VAL D 418 0.67 3.26 18.79
C VAL D 418 1.32 1.98 19.28
N GLY D 419 2.40 2.13 20.06
CA GLY D 419 3.03 0.99 20.69
C GLY D 419 2.00 0.06 21.34
N ALA D 420 1.04 0.67 22.03
CA ALA D 420 -0.02 -0.08 22.68
C ALA D 420 -0.92 -0.80 21.64
N VAL D 421 -1.49 -0.05 20.70
CA VAL D 421 -2.42 -0.67 19.75
C VAL D 421 -1.70 -1.70 18.89
N GLU D 422 -0.44 -1.42 18.58
CA GLU D 422 0.40 -2.38 17.89
C GLU D 422 0.48 -3.67 18.69
N ALA D 423 0.96 -3.53 19.92
CA ALA D 423 1.07 -4.66 20.85
C ALA D 423 -0.27 -5.38 20.94
N SER D 424 -1.35 -4.58 20.99
CA SER D 424 -2.72 -5.08 21.06
C SER D 424 -2.94 -6.14 19.98
N PHE D 425 -2.43 -5.83 18.79
CA PHE D 425 -2.61 -6.66 17.62
C PHE D 425 -1.60 -7.80 17.52
N LYS D 426 -0.45 -7.62 18.19
CA LYS D 426 0.61 -8.63 18.09
C LYS D 426 0.21 -9.89 18.84
N CYS D 427 -0.75 -9.75 19.75
CA CYS D 427 -1.11 -10.91 20.54
C CYS D 427 -2.61 -11.02 20.79
N CYS D 428 -3.40 -10.62 19.80
CA CYS D 428 -4.86 -10.77 19.85
C CYS D 428 -5.47 -10.50 21.24
N SER D 429 -4.94 -9.49 21.94
CA SER D 429 -5.34 -9.26 23.31
C SER D 429 -6.83 -9.05 23.42
N GLY D 430 -7.38 -9.39 24.58
CA GLY D 430 -8.82 -9.38 24.77
C GLY D 430 -9.32 -7.99 25.08
N ALA D 431 -8.39 -7.10 25.43
CA ALA D 431 -8.72 -5.70 25.67
C ALA D 431 -7.47 -4.87 25.95
N ILE D 432 -7.66 -3.55 25.98
CA ILE D 432 -6.56 -2.66 26.27
C ILE D 432 -7.00 -1.75 27.40
N ILE D 433 -6.68 -2.15 28.63
CA ILE D 433 -6.93 -1.40 29.88
C ILE D 433 -6.12 -0.09 30.03
N VAL D 434 -6.82 1.04 29.98
CA VAL D 434 -6.18 2.36 30.08
C VAL D 434 -6.61 3.09 31.32
N LEU D 435 -5.62 3.41 32.15
CA LEU D 435 -5.83 4.07 33.43
C LEU D 435 -5.88 5.56 33.21
N THR D 436 -7.08 6.13 33.16
CA THR D 436 -7.14 7.58 32.90
C THR D 436 -7.99 8.39 33.87
N LYS D 437 -7.57 9.63 34.08
CA LYS D 437 -8.31 10.58 34.91
C LYS D 437 -9.25 11.37 34.02
N SER D 438 -8.63 12.23 33.19
CA SER D 438 -9.30 12.94 32.09
C SER D 438 -10.14 12.05 31.21
N GLY D 439 -9.56 10.93 30.77
CA GLY D 439 -10.15 10.16 29.69
C GLY D 439 -9.41 10.35 28.36
N ARG D 440 -8.69 11.46 28.25
CA ARG D 440 -7.80 11.72 27.14
C ARG D 440 -6.99 10.50 26.72
N SER D 441 -6.21 9.93 27.63
CA SER D 441 -5.26 8.91 27.24
C SER D 441 -6.00 7.72 26.65
N ALA D 442 -7.22 7.49 27.11
CA ALA D 442 -8.02 6.42 26.53
C ALA D 442 -8.75 6.90 25.27
N HIS D 443 -8.66 8.20 24.99
CA HIS D 443 -9.20 8.72 23.75
C HIS D 443 -8.23 8.46 22.62
N GLN D 444 -7.07 9.13 22.68
CA GLN D 444 -5.85 8.77 21.93
C GLN D 444 -5.85 7.32 21.47
N VAL D 445 -5.80 6.39 22.41
CA VAL D 445 -5.85 4.98 22.06
C VAL D 445 -7.00 4.62 21.11
N ALA D 446 -8.19 5.15 21.33
CA ALA D 446 -9.31 4.81 20.46
C ALA D 446 -9.19 5.38 19.03
N ARG D 447 -8.40 6.44 18.87
CA ARG D 447 -8.20 7.07 17.59
C ARG D 447 -7.50 6.10 16.63
N TYR D 448 -6.71 5.21 17.19
CA TYR D 448 -5.96 4.26 16.39
C TYR D 448 -6.80 3.02 16.24
N ARG D 449 -8.06 3.11 16.63
CA ARG D 449 -9.07 2.09 16.32
C ARG D 449 -8.61 0.65 16.37
N PRO D 450 -8.28 0.16 17.56
CA PRO D 450 -7.85 -1.22 17.77
C PRO D 450 -9.06 -2.12 17.67
N ARG D 451 -8.90 -3.44 17.68
CA ARG D 451 -10.06 -4.29 17.47
C ARG D 451 -10.64 -4.68 18.80
N ALA D 452 -9.73 -5.04 19.69
CA ALA D 452 -10.06 -5.40 21.06
C ALA D 452 -10.58 -4.15 21.74
N PRO D 453 -11.51 -4.31 22.70
CA PRO D 453 -12.15 -3.16 23.34
C PRO D 453 -11.17 -2.47 24.28
N ILE D 454 -11.30 -1.16 24.40
CA ILE D 454 -10.58 -0.40 25.42
C ILE D 454 -11.36 -0.36 26.75
N ILE D 455 -10.76 -0.84 27.83
CA ILE D 455 -11.37 -0.69 29.15
C ILE D 455 -10.76 0.50 29.86
N ALA D 456 -11.47 1.62 29.87
CA ALA D 456 -10.97 2.86 30.46
C ALA D 456 -11.29 2.86 31.93
N VAL D 457 -10.25 2.80 32.76
CA VAL D 457 -10.43 2.71 34.20
C VAL D 457 -10.19 4.07 34.79
N THR D 458 -11.15 4.50 35.61
CA THR D 458 -11.12 5.85 36.12
C THR D 458 -11.69 5.99 37.55
N ARG D 459 -11.16 6.99 38.26
CA ARG D 459 -11.59 7.31 39.60
C ARG D 459 -12.50 8.52 39.56
N ASN D 460 -12.44 9.24 38.44
CA ASN D 460 -13.28 10.41 38.24
C ASN D 460 -14.63 10.00 37.66
N PRO D 461 -15.66 10.00 38.49
CA PRO D 461 -16.91 9.34 38.12
C PRO D 461 -17.59 10.09 36.97
N GLN D 462 -17.11 11.30 36.71
CA GLN D 462 -17.60 12.08 35.59
C GLN D 462 -17.14 11.45 34.29
N THR D 463 -15.82 11.44 34.12
CA THR D 463 -15.22 10.97 32.90
C THR D 463 -15.68 9.55 32.60
N ALA D 464 -15.81 8.70 33.60
CA ALA D 464 -16.46 7.42 33.38
C ALA D 464 -17.74 7.54 32.56
N ARG D 465 -18.53 8.58 32.81
CA ARG D 465 -19.78 8.76 32.09
C ARG D 465 -19.54 9.38 30.71
N GLN D 466 -18.81 10.50 30.69
CA GLN D 466 -18.35 11.14 29.48
C GLN D 466 -17.31 10.27 28.76
N ALA D 467 -17.78 9.19 28.15
CA ALA D 467 -16.89 8.15 27.70
C ALA D 467 -17.73 7.19 26.89
N HIS D 468 -19.02 7.10 27.20
CA HIS D 468 -19.89 6.35 26.32
C HIS D 468 -20.02 7.09 24.99
N LEU D 469 -19.73 8.39 25.01
CA LEU D 469 -19.69 9.15 23.78
C LEU D 469 -18.66 8.60 22.78
N TYR D 470 -17.77 7.70 23.24
CA TYR D 470 -16.67 7.24 22.39
C TYR D 470 -16.74 5.75 22.02
N ARG D 471 -16.76 5.50 20.70
CA ARG D 471 -16.80 4.14 20.12
C ARG D 471 -15.76 3.18 20.72
N GLY D 472 -16.19 1.96 21.04
CA GLY D 472 -15.30 0.95 21.59
C GLY D 472 -14.49 1.30 22.84
N ILE D 473 -15.03 2.18 23.68
CA ILE D 473 -14.49 2.43 25.03
C ILE D 473 -15.54 1.99 26.06
N PHE D 474 -15.17 1.13 26.99
CA PHE D 474 -16.13 0.63 27.95
C PHE D 474 -15.63 1.11 29.30
N PRO D 475 -16.37 2.04 29.93
CA PRO D 475 -15.80 2.64 31.12
C PRO D 475 -16.13 1.82 32.34
N VAL D 476 -15.31 2.06 33.35
CA VAL D 476 -15.33 1.29 34.57
C VAL D 476 -14.89 2.25 35.69
N LEU D 477 -15.70 2.31 36.76
CA LEU D 477 -15.51 3.29 37.84
C LEU D 477 -14.75 2.70 39.02
N CYS D 478 -13.59 3.27 39.30
CA CYS D 478 -12.82 2.79 40.43
C CYS D 478 -13.12 3.59 41.67
N LYS D 479 -13.51 2.85 42.72
CA LYS D 479 -13.85 3.47 43.99
C LYS D 479 -12.70 3.41 45.02
N ASP D 480 -12.00 2.27 45.09
CA ASP D 480 -10.77 2.11 45.88
C ASP D 480 -9.91 3.37 45.80
N PRO D 481 -9.35 3.81 46.94
CA PRO D 481 -8.85 5.19 46.88
C PRO D 481 -7.36 5.27 46.72
N VAL D 482 -6.90 6.46 46.32
CA VAL D 482 -5.50 6.79 46.00
C VAL D 482 -4.46 6.21 46.96
N GLN D 483 -3.25 5.97 46.48
CA GLN D 483 -2.19 5.47 47.35
C GLN D 483 -0.88 6.23 47.17
N GLU D 484 -0.01 6.13 48.16
CA GLU D 484 1.23 6.90 48.19
C GLU D 484 2.18 6.45 47.09
N ALA D 485 2.52 5.17 47.11
CA ALA D 485 3.47 4.61 46.17
C ALA D 485 2.76 4.33 44.84
N TRP D 486 3.19 5.02 43.79
CA TRP D 486 2.54 4.94 42.50
C TRP D 486 2.37 3.51 42.01
N ALA D 487 3.48 2.77 41.99
CA ALA D 487 3.50 1.41 41.50
C ALA D 487 2.37 0.53 42.04
N GLU D 488 2.14 0.63 43.35
CA GLU D 488 1.20 -0.27 44.00
C GLU D 488 -0.22 0.20 43.78
N ASP D 489 -0.35 1.51 43.52
CA ASP D 489 -1.63 2.11 43.13
C ASP D 489 -2.04 1.64 41.74
N VAL D 490 -1.12 1.78 40.79
CA VAL D 490 -1.33 1.28 39.43
C VAL D 490 -1.68 -0.19 39.53
N ASP D 491 -0.86 -0.92 40.27
CA ASP D 491 -1.02 -2.36 40.38
C ASP D 491 -2.44 -2.71 40.87
N LEU D 492 -3.07 -1.78 41.58
CA LEU D 492 -4.38 -2.01 42.17
C LEU D 492 -5.50 -1.91 41.14
N ARG D 493 -5.63 -0.77 40.47
CA ARG D 493 -6.64 -0.60 39.44
C ARG D 493 -6.51 -1.58 38.24
N VAL D 494 -5.27 -1.94 37.88
CA VAL D 494 -5.07 -2.98 36.88
C VAL D 494 -5.76 -4.27 37.34
N ASN D 495 -5.71 -4.49 38.64
CA ASN D 495 -6.33 -5.66 39.24
C ASN D 495 -7.84 -5.55 39.13
N PHE D 496 -8.32 -4.34 39.38
CA PHE D 496 -9.74 -4.02 39.35
C PHE D 496 -10.26 -4.36 37.97
N ALA D 497 -9.64 -3.74 36.97
CA ALA D 497 -10.00 -3.91 35.57
C ALA D 497 -9.99 -5.37 35.21
N MET D 498 -8.94 -6.06 35.63
CA MET D 498 -8.78 -7.46 35.33
C MET D 498 -9.99 -8.28 35.77
N ASN D 499 -10.52 -7.94 36.94
CA ASN D 499 -11.63 -8.70 37.48
C ASN D 499 -12.98 -8.36 36.89
N VAL D 500 -13.23 -7.06 36.73
CA VAL D 500 -14.37 -6.60 35.94
C VAL D 500 -14.35 -7.29 34.58
N GLY D 501 -13.19 -7.21 33.92
CA GLY D 501 -13.00 -7.79 32.60
C GLY D 501 -13.32 -9.27 32.55
N LYS D 502 -12.89 -10.00 33.58
CA LYS D 502 -13.12 -11.44 33.59
C LYS D 502 -14.61 -11.66 33.67
N ALA D 503 -15.26 -10.82 34.47
CA ALA D 503 -16.66 -10.99 34.81
C ALA D 503 -17.59 -10.70 33.65
N ARG D 504 -17.22 -9.71 32.82
CA ARG D 504 -18.03 -9.35 31.66
C ARG D 504 -17.84 -10.39 30.56
N GLY D 505 -16.66 -10.99 30.53
CA GLY D 505 -16.34 -11.97 29.51
C GLY D 505 -15.47 -11.38 28.43
N PHE D 506 -14.72 -10.33 28.76
CA PHE D 506 -13.79 -9.74 27.81
C PHE D 506 -12.58 -10.63 27.61
N PHE D 507 -12.22 -11.38 28.65
CA PHE D 507 -11.09 -12.29 28.57
C PHE D 507 -11.06 -13.29 29.72
N LYS D 508 -10.46 -14.46 29.48
CA LYS D 508 -10.30 -15.49 30.51
C LYS D 508 -8.98 -15.31 31.28
N LYS D 509 -8.61 -16.33 32.04
CA LYS D 509 -7.32 -16.36 32.69
C LYS D 509 -6.36 -16.87 31.63
N GLY D 510 -5.09 -16.54 31.79
CA GLY D 510 -4.07 -16.99 30.86
C GLY D 510 -4.28 -16.39 29.48
N ASP D 511 -4.73 -15.15 29.47
CA ASP D 511 -4.82 -14.39 28.25
C ASP D 511 -3.91 -13.21 28.47
N VAL D 512 -3.58 -12.50 27.40
CA VAL D 512 -2.73 -11.34 27.52
C VAL D 512 -3.55 -10.12 27.21
N VAL D 513 -3.17 -9.01 27.81
CA VAL D 513 -3.90 -7.76 27.64
C VAL D 513 -2.89 -6.62 27.65
N ILE D 514 -3.25 -5.52 27.01
CA ILE D 514 -2.32 -4.42 26.94
C ILE D 514 -2.78 -3.48 28.01
N VAL D 515 -1.85 -2.83 28.70
CA VAL D 515 -2.21 -1.87 29.73
C VAL D 515 -1.42 -0.59 29.46
N LEU D 516 -2.12 0.52 29.50
CA LEU D 516 -1.43 1.79 29.66
C LEU D 516 -1.66 2.05 31.11
N THR D 517 -0.58 2.36 31.83
CA THR D 517 -0.70 2.88 33.18
C THR D 517 -1.12 4.31 32.96
N GLY D 518 -1.11 5.12 34.00
CA GLY D 518 -1.26 6.54 33.73
C GLY D 518 0.10 7.20 33.63
N TRP D 519 0.14 8.50 33.90
CA TRP D 519 1.39 9.16 34.22
C TRP D 519 1.68 8.93 35.72
N ARG D 520 2.95 8.90 36.09
CA ARG D 520 3.36 8.85 37.49
C ARG D 520 3.33 10.30 37.91
N PRO D 521 3.11 10.56 39.21
CA PRO D 521 2.77 11.96 39.52
C PRO D 521 3.94 12.84 39.93
N GLY D 522 5.18 12.39 39.73
CA GLY D 522 6.34 13.27 39.90
C GLY D 522 6.22 14.53 39.06
N SER D 523 6.48 14.47 37.75
CA SER D 523 7.13 13.38 37.02
C SER D 523 7.30 13.93 35.63
N GLY D 524 8.06 13.22 34.80
CA GLY D 524 7.94 13.38 33.37
C GLY D 524 6.51 12.96 33.04
N PHE D 525 5.87 13.67 32.13
CA PHE D 525 4.45 13.42 31.88
C PHE D 525 4.23 12.18 31.01
N THR D 526 5.14 11.22 31.12
CA THR D 526 5.19 10.06 30.23
C THR D 526 4.35 8.88 30.74
N ASN D 527 3.59 8.27 29.84
CA ASN D 527 2.77 7.11 30.17
C ASN D 527 3.61 5.81 30.11
N THR D 528 2.98 4.66 30.30
CA THR D 528 3.70 3.41 30.37
C THR D 528 2.84 2.31 29.75
N MET D 529 3.37 1.63 28.75
CA MET D 529 2.68 0.55 28.08
C MET D 529 3.14 -0.78 28.67
N ARG D 530 2.20 -1.64 29.00
CA ARG D 530 2.58 -2.91 29.60
C ARG D 530 1.83 -4.02 28.90
N VAL D 531 2.50 -5.14 28.69
CA VAL D 531 1.79 -6.32 28.25
C VAL D 531 1.75 -7.31 29.41
N VAL D 532 0.60 -7.42 30.05
CA VAL D 532 0.48 -8.27 31.23
C VAL D 532 -0.50 -9.41 30.99
N PRO D 533 -0.10 -10.63 31.39
CA PRO D 533 -1.02 -11.78 31.34
C PRO D 533 -2.09 -11.70 32.43
N VAL D 534 -3.28 -12.24 32.13
CA VAL D 534 -4.42 -12.14 33.03
C VAL D 534 -4.41 -13.25 34.06
N PRO D 535 -4.29 -12.86 35.34
CA PRO D 535 -4.18 -13.76 36.49
C PRO D 535 -5.46 -14.57 36.69
#